data_8TZZ
#
_entry.id   8TZZ
#
_cell.length_a   1.00
_cell.length_b   1.00
_cell.length_c   1.00
_cell.angle_alpha   90.00
_cell.angle_beta   90.00
_cell.angle_gamma   90.00
#
_symmetry.space_group_name_H-M   'P 1'
#
loop_
_entity.id
_entity.type
_entity.pdbx_description
1 polymer 'CRISPR-associated endonuclease Cas9/Csn1'
2 polymer 'RNA (98-MER)'
3 polymer "DNA (5'-D(P*CP*GP*TP*TP*TP*GP*TP*AP*CP*TP*GP*CP*AP*GP*CP*G)-3')"
4 polymer "DNA (5'-D(P*TP*CP*TP*CP*AP*TP*CP*TP*TP*TP*AP*TP*GP*CP*GP*TP*C)-3')"
5 polymer "DNA (5'-D(P*TP*GP*CP*AP*GP*TP*AP*CP*AP*AP*AP*CP*G)-3')"
6 non-polymer 'MAGNESIUM ION'
7 water water
#
loop_
_entity_poly.entity_id
_entity_poly.type
_entity_poly.pdbx_seq_one_letter_code
_entity_poly.pdbx_strand_id
1 'polypeptide(L)'
;MKRTADGSEFESPKKKRKVDKKYSIGLDIGTNSVGWAVITDEYKVPSKKFKVLGNTDRHSIKKNLIGALLFDSGETAEAT
RLKRTARRRYTRRKNRICYLQEIFSNEMAKVDDSFFHRLEESFLVEEDKKHERHPIFGNIVDEVAYHEKYPTIYHLRKKL
VDSTDKADLRLIYLALAHMIKFRGHFLIEGDLNPDNSDVDKLFIQLVQTYNQLFEENPINASGVDAKAILSARLSKSRRL
ENLIAQLPGEKKNGLFGNLIALSLGLTPNFKSNFDLAEDAKLQLSKDTYDDDLDNLLAQIGDQYADLFLAAKNLSDAILL
SDILRVNTEITKAPLSASMIKRYDEHHQDLTLLKALVRQQLPEKYKEIFFDQSKNGYAGYIDGGASQEEFYKFIKPILEK
MDGTEELLVKLNREDLLRKQRTFDNGSIPHQIHLGELHAILRRQEDFYPFLKDNREKIEKILTFRIPYYVGPLARGNSRF
AWMTRKSEETITPWNFEEVVDKGASAQSFIERMTNFDKNLPNEKVLPKHSLLYEYFTVYNELTKVKYVTEGMRKPAFLSG
EQKKAIVDLLFKTNRKVTVKQLKEDYFKKIECFDSVEISGVEDRFNASLGTYHDLLKIIKDKDFLDNEENEDILEDIVLT
LTLFEDREMIEERLKTYAHLFDDKVMKQLKRRRYTGWGRLSRKLINGIRDKQSGKTILDFLKSDGFANRNFMQLIHDDSL
TFKEDIQKAQVSGQGDSLHEHIANLAGSPAIKKGILQTVKVVDELVKVMGRHKPENIVIEMARENQTTQKGQKNSRERMK
RIEEGIKELGSQILKEHPVENTQLQNEKLYLYYLQNGRDMYVDQELDINRLSDYDVDHIVPQSFLKDDSIDNKVLTRSDK
NRGKSDNVPSEEVVKKMKNYWRQLLNAKLITQRKFDNLTKAERGGLSELDKAGFIKRQLVETRQITKHVAQILDSRMNTK
YDENDKLIREVKVITLKSKLVSDFRKDFQFYKVREINNYHHAHDAYLNAVVGTALIKKYPKLESEFVYGDYKVYDVRKMI
AKSEQEIGKATAKYFFYSNIMNFFKTEITLANGEIRKRPLIETNGETGEIVWDKGRDFATVRKVLSMPQVNIVKKTEVQT
GGFSKESILPKRNSDKLIARKKDWDPKKYGGFLWPTVAYSVLVVAKVEKGKSKKLKSVKELLGITIMERSSFEKNPIDFL
EAKGYKEVKKDLIIKLPKYSLFELENGRKRMLASAKQLQKGNELALPSKYVNFLYLASHYEKLKGSPEDNEQKQLFVEQH
KHYLDEIIEQISEFSKRVILADANLDKVLSAYNKHRDKPIREQAENIIHLFTLTNLGAPAAFKYFDTTIDRKQYRSTKEV
LDATLIHQSITGLYETRIDLSQLGG
;
A
2 'polyribonucleotide'
;GACGCAUAAAGAUGAGACGCGUUUUAGAGCUAGAAAUAGCAAGUUAAAAUAAGGCUAGUCCGUUAUCAACUUGAAAAAGU
GGCACCGAGUCGGUGCUU
;
B
3 'polydeoxyribonucleotide' (DC)(DG)(DT)(DT)(DT)(DG)(DT)(DA)(DC)(DT)(DG)(DC)(DA)(DG)(DC)(DG) C
4 'polydeoxyribonucleotide' (DT)(DC)(DT)(DC)(DA)(DT)(DC)(DT)(DT)(DT)(DA)(DT)(DG)(DC)(DG)(DT)(DC) c
5 'polydeoxyribonucleotide' (DT)(DG)(DC)(DA)(DG)(DT)(DA)(DC)(DA)(DA)(DA)(DC)(DG) D
#
loop_
_chem_comp.id
_chem_comp.type
_chem_comp.name
_chem_comp.formula
A RNA linking ADENOSINE-5'-MONOPHOSPHATE 'C10 H14 N5 O7 P'
C RNA linking CYTIDINE-5'-MONOPHOSPHATE 'C9 H14 N3 O8 P'
DA DNA linking 2'-DEOXYADENOSINE-5'-MONOPHOSPHATE 'C10 H14 N5 O6 P'
DC DNA linking 2'-DEOXYCYTIDINE-5'-MONOPHOSPHATE 'C9 H14 N3 O7 P'
DG DNA linking 2'-DEOXYGUANOSINE-5'-MONOPHOSPHATE 'C10 H14 N5 O7 P'
DT DNA linking THYMIDINE-5'-MONOPHOSPHATE 'C10 H15 N2 O8 P'
G RNA linking GUANOSINE-5'-MONOPHOSPHATE 'C10 H14 N5 O8 P'
MG non-polymer 'MAGNESIUM ION' 'Mg 2'
U RNA linking URIDINE-5'-MONOPHOSPHATE 'C9 H13 N2 O9 P'
#
# COMPACT_ATOMS: atom_id res chain seq x y z
N LYS A 21 30.02 36.55 13.01
CA LYS A 21 30.20 35.50 14.04
C LYS A 21 28.90 34.72 14.11
N LYS A 22 27.79 35.41 13.88
CA LYS A 22 26.51 34.74 13.88
C LYS A 22 26.26 34.12 12.51
N TYR A 23 25.54 32.99 12.50
CA TYR A 23 25.32 32.29 11.24
C TYR A 23 24.00 31.54 11.31
N SER A 24 23.59 31.00 10.17
CA SER A 24 22.33 30.28 10.04
C SER A 24 22.57 28.98 9.27
N ILE A 25 21.58 28.09 9.33
CA ILE A 25 21.63 26.82 8.62
C ILE A 25 20.33 26.67 7.84
N GLY A 26 20.45 26.33 6.57
CA GLY A 26 19.30 25.99 5.75
C GLY A 26 19.32 24.51 5.45
N LEU A 27 18.14 23.91 5.34
CA LEU A 27 18.03 22.49 5.03
C LEU A 27 16.94 22.26 3.99
N ASP A 28 17.31 21.56 2.92
CA ASP A 28 16.37 21.05 1.93
C ASP A 28 16.26 19.56 2.10
N ILE A 29 15.19 19.11 2.75
CA ILE A 29 15.06 17.73 3.20
C ILE A 29 14.19 16.96 2.21
N GLY A 30 14.71 15.83 1.74
CA GLY A 30 13.95 14.99 0.83
C GLY A 30 13.95 13.54 1.29
N THR A 31 13.37 12.66 0.48
CA THR A 31 13.33 11.24 0.82
C THR A 31 14.67 10.55 0.64
N ASN A 32 15.38 10.82 -0.45
CA ASN A 32 16.66 10.19 -0.69
C ASN A 32 17.85 11.15 -0.63
N SER A 33 17.65 12.37 -0.14
CA SER A 33 18.76 13.31 0.02
C SER A 33 18.35 14.40 1.00
N VAL A 34 19.34 14.94 1.70
CA VAL A 34 19.15 16.10 2.55
C VAL A 34 20.21 17.12 2.19
N GLY A 35 19.79 18.37 1.99
CA GLY A 35 20.72 19.41 1.63
C GLY A 35 20.96 20.32 2.82
N TRP A 36 22.15 20.90 2.87
CA TRP A 36 22.54 21.73 3.99
C TRP A 36 23.44 22.86 3.50
N ALA A 37 23.27 24.03 4.09
CA ALA A 37 24.12 25.15 3.75
C ALA A 37 24.20 26.09 4.93
N VAL A 38 25.40 26.60 5.18
CA VAL A 38 25.65 27.51 6.28
C VAL A 38 25.93 28.89 5.69
N ILE A 39 25.20 29.90 6.17
CA ILE A 39 25.36 31.25 5.68
C ILE A 39 25.63 32.18 6.86
N THR A 40 26.45 33.19 6.64
CA THR A 40 26.63 34.24 7.62
C THR A 40 25.52 35.27 7.47
N ASP A 41 25.69 36.41 8.13
CA ASP A 41 24.60 37.37 8.17
C ASP A 41 24.54 38.26 6.92
N GLU A 42 25.58 38.28 6.10
CA GLU A 42 25.52 38.96 4.81
C GLU A 42 25.26 37.99 3.67
N TYR A 43 24.68 36.83 3.95
CA TYR A 43 24.30 35.82 2.97
C TYR A 43 25.48 35.18 2.26
N LYS A 44 26.71 35.55 2.62
CA LYS A 44 27.88 34.88 2.07
C LYS A 44 28.05 33.52 2.74
N VAL A 45 28.47 32.53 1.96
CA VAL A 45 28.73 31.21 2.51
C VAL A 45 30.17 31.13 3.00
N PRO A 46 30.40 30.92 4.28
CA PRO A 46 31.76 30.91 4.79
C PRO A 46 32.51 29.64 4.38
N SER A 47 33.83 29.72 4.44
CA SER A 47 34.69 28.60 4.10
C SER A 47 35.79 28.50 5.15
N LYS A 48 36.32 27.29 5.32
CA LYS A 48 37.33 27.03 6.34
C LYS A 48 38.32 26.00 5.83
N LYS A 49 39.52 26.00 6.43
CA LYS A 49 40.50 24.95 6.19
C LYS A 49 40.36 23.87 7.26
N PHE A 50 40.41 22.62 6.85
CA PHE A 50 40.16 21.50 7.74
C PHE A 50 41.33 20.53 7.73
N LYS A 51 41.60 19.92 8.87
CA LYS A 51 42.63 18.89 8.96
C LYS A 51 42.12 17.61 8.31
N VAL A 52 43.00 16.88 7.64
CA VAL A 52 42.68 15.58 7.09
C VAL A 52 43.68 14.56 7.63
N LEU A 53 43.15 13.47 8.16
CA LEU A 53 43.96 12.48 8.84
C LEU A 53 44.54 11.49 7.84
N GLY A 54 45.04 10.38 8.37
CA GLY A 54 45.57 9.31 7.55
C GLY A 54 47.06 9.44 7.34
N ASN A 55 47.61 8.50 6.58
CA ASN A 55 49.04 8.50 6.35
C ASN A 55 49.48 9.34 5.17
N THR A 56 48.55 9.89 4.39
CA THR A 56 48.96 10.67 3.25
C THR A 56 49.55 12.00 3.69
N ASP A 57 50.38 12.57 2.82
CA ASP A 57 51.16 13.76 3.19
C ASP A 57 50.30 15.01 3.26
N ARG A 58 49.26 15.07 2.44
CA ARG A 58 48.38 16.23 2.40
C ARG A 58 47.74 16.46 3.77
N HIS A 59 47.76 17.72 4.23
CA HIS A 59 47.47 18.01 5.63
C HIS A 59 46.34 19.01 5.85
N SER A 60 45.85 19.69 4.82
CA SER A 60 44.75 20.61 5.03
C SER A 60 43.99 20.84 3.72
N ILE A 61 42.67 20.93 3.83
CA ILE A 61 41.77 21.09 2.69
C ILE A 61 40.89 22.30 2.92
N LYS A 62 40.71 23.11 1.87
CA LYS A 62 39.73 24.18 1.90
C LYS A 62 38.39 23.66 1.39
N LYS A 63 37.34 23.83 2.18
CA LYS A 63 36.01 23.39 1.81
C LYS A 63 35.00 24.47 2.14
N ASN A 64 33.97 24.60 1.32
CA ASN A 64 32.95 25.60 1.56
C ASN A 64 31.80 24.97 2.35
N LEU A 65 31.34 25.66 3.40
CA LEU A 65 30.34 25.09 4.29
C LEU A 65 28.97 25.06 3.61
N ILE A 66 28.87 24.24 2.58
CA ILE A 66 27.63 24.01 1.85
C ILE A 66 27.77 22.67 1.16
N GLY A 67 26.70 21.88 1.18
CA GLY A 67 26.79 20.58 0.57
C GLY A 67 25.50 19.80 0.70
N ALA A 68 25.53 18.56 0.25
CA ALA A 68 24.36 17.71 0.29
C ALA A 68 24.76 16.32 0.75
N LEU A 69 23.85 15.65 1.42
CA LEU A 69 24.03 14.26 1.81
C LEU A 69 23.02 13.41 1.06
N LEU A 70 23.51 12.38 0.38
CA LEU A 70 22.68 11.52 -0.43
C LEU A 70 22.68 10.11 0.14
N PHE A 71 21.52 9.46 0.11
CA PHE A 71 21.43 8.09 0.59
C PHE A 71 20.30 7.39 -0.14
N ASP A 72 20.34 6.05 -0.11
CA ASP A 72 19.24 5.28 -0.66
C ASP A 72 17.99 5.48 0.19
N SER A 73 16.84 5.41 -0.45
CA SER A 73 15.58 5.67 0.25
C SER A 73 15.32 4.59 1.28
N GLY A 74 14.77 4.99 2.43
CA GLY A 74 14.37 4.01 3.42
C GLY A 74 13.18 3.19 2.94
N GLU A 75 13.31 1.87 3.03
CA GLU A 75 12.29 0.96 2.54
C GLU A 75 11.27 0.71 3.64
N THR A 76 10.00 0.59 3.24
CA THR A 76 8.94 0.32 4.21
C THR A 76 8.92 -1.15 4.59
N ALA A 77 8.13 -1.47 5.62
CA ALA A 77 8.17 -2.80 6.19
C ALA A 77 7.20 -3.77 5.54
N GLU A 78 6.47 -3.35 4.50
CA GLU A 78 5.53 -4.24 3.84
C GLU A 78 6.27 -5.37 3.13
N ALA A 79 7.42 -5.05 2.53
CA ALA A 79 8.21 -6.06 1.86
C ALA A 79 8.73 -7.11 2.82
N THR A 80 8.83 -6.79 4.10
CA THR A 80 9.18 -7.79 5.09
C THR A 80 7.95 -8.53 5.60
N ARG A 81 6.84 -7.80 5.79
CA ARG A 81 5.63 -8.41 6.32
C ARG A 81 5.09 -9.50 5.40
N LEU A 82 5.12 -9.26 4.10
CA LEU A 82 4.61 -10.25 3.16
C LEU A 82 5.42 -11.55 3.26
N LYS A 83 6.74 -11.44 3.29
CA LYS A 83 7.57 -12.63 3.40
C LYS A 83 7.36 -13.33 4.73
N ARG A 84 7.18 -12.56 5.81
CA ARG A 84 7.02 -13.17 7.11
C ARG A 84 5.71 -13.96 7.20
N THR A 85 4.62 -13.39 6.70
CA THR A 85 3.38 -14.15 6.71
C THR A 85 3.47 -15.36 5.80
N ALA A 86 4.18 -15.24 4.66
CA ALA A 86 4.34 -16.40 3.80
C ALA A 86 5.08 -17.52 4.52
N ARG A 87 6.14 -17.18 5.25
CA ARG A 87 6.87 -18.19 6.01
C ARG A 87 5.97 -18.83 7.06
N ARG A 88 5.09 -18.04 7.68
CA ARG A 88 4.16 -18.60 8.65
C ARG A 88 3.19 -19.58 8.00
N ARG A 89 2.67 -19.24 6.82
CA ARG A 89 1.72 -20.14 6.16
C ARG A 89 2.39 -21.45 5.77
N TYR A 90 3.63 -21.39 5.28
CA TYR A 90 4.33 -22.63 4.96
C TYR A 90 4.60 -23.46 6.21
N THR A 91 4.99 -22.81 7.31
CA THR A 91 5.24 -23.54 8.55
C THR A 91 3.98 -24.21 9.07
N ARG A 92 2.84 -23.55 8.92
CA ARG A 92 1.59 -24.17 9.38
C ARG A 92 1.11 -25.25 8.42
N ARG A 93 1.34 -25.10 7.12
CA ARG A 93 0.91 -26.11 6.17
C ARG A 93 1.68 -27.41 6.36
N LYS A 94 3.00 -27.31 6.55
CA LYS A 94 3.77 -28.52 6.80
C LYS A 94 3.31 -29.19 8.09
N ASN A 95 2.88 -28.41 9.07
CA ASN A 95 2.41 -29.03 10.29
C ASN A 95 1.04 -29.67 10.11
N ARG A 96 0.20 -29.13 9.20
CA ARG A 96 -1.04 -29.81 8.86
C ARG A 96 -0.76 -31.19 8.27
N ILE A 97 0.16 -31.24 7.33
CA ILE A 97 0.50 -32.53 6.74
C ILE A 97 1.10 -33.46 7.79
N CYS A 98 1.90 -32.93 8.72
CA CYS A 98 2.44 -33.79 9.77
C CYS A 98 1.36 -34.30 10.71
N TYR A 99 0.33 -33.50 10.98
CA TYR A 99 -0.78 -34.00 11.80
C TYR A 99 -1.50 -35.14 11.10
N LEU A 100 -1.77 -34.99 9.80
CA LEU A 100 -2.42 -36.06 9.08
C LEU A 100 -1.56 -37.31 9.04
N GLN A 101 -0.25 -37.15 8.82
CA GLN A 101 0.64 -38.30 8.83
C GLN A 101 0.65 -38.96 10.21
N GLU A 102 0.58 -38.16 11.26
CA GLU A 102 0.61 -38.73 12.60
C GLU A 102 -0.65 -39.53 12.88
N ILE A 103 -1.79 -39.07 12.36
CA ILE A 103 -3.01 -39.87 12.47
C ILE A 103 -2.87 -41.18 11.70
N PHE A 104 -2.35 -41.10 10.47
CA PHE A 104 -2.30 -42.30 9.64
C PHE A 104 -1.20 -43.28 10.02
N SER A 105 -0.22 -42.86 10.81
CA SER A 105 1.03 -43.61 10.93
C SER A 105 0.83 -45.01 11.50
N ASN A 106 0.00 -45.14 12.53
CA ASN A 106 -0.15 -46.44 13.19
C ASN A 106 -0.79 -47.47 12.26
N GLU A 107 -1.61 -47.02 11.32
CA GLU A 107 -2.16 -47.93 10.32
C GLU A 107 -1.23 -48.11 9.14
N MET A 108 -0.47 -47.08 8.79
CA MET A 108 0.49 -47.19 7.70
C MET A 108 1.59 -48.18 8.03
N ALA A 109 1.89 -48.34 9.32
CA ALA A 109 2.87 -49.35 9.72
C ALA A 109 2.45 -50.75 9.31
N LYS A 110 1.13 -51.00 9.19
CA LYS A 110 0.66 -52.32 8.80
C LYS A 110 0.87 -52.58 7.32
N VAL A 111 0.60 -51.59 6.46
CA VAL A 111 0.55 -51.85 5.02
C VAL A 111 1.84 -51.45 4.31
N ASP A 112 2.47 -50.34 4.72
CA ASP A 112 3.72 -49.93 4.08
C ASP A 112 4.54 -49.08 5.03
N ASP A 113 5.57 -49.67 5.63
CA ASP A 113 6.34 -49.04 6.69
C ASP A 113 7.06 -47.78 6.25
N SER A 114 7.66 -47.76 5.06
CA SER A 114 8.52 -46.67 4.64
C SER A 114 7.81 -45.68 3.73
N PHE A 115 6.49 -45.74 3.64
CA PHE A 115 5.76 -44.92 2.68
C PHE A 115 5.90 -43.44 2.96
N PHE A 116 5.81 -43.06 4.24
CA PHE A 116 6.00 -41.65 4.57
C PHE A 116 7.43 -41.21 4.30
N HIS A 117 8.41 -42.08 4.51
CA HIS A 117 9.77 -41.72 4.18
C HIS A 117 9.95 -41.51 2.69
N ARG A 118 9.36 -42.37 1.87
CA ARG A 118 9.46 -42.21 0.43
C ARG A 118 8.79 -40.94 -0.03
N LEU A 119 7.67 -40.55 0.58
CA LEU A 119 7.09 -39.26 0.23
C LEU A 119 7.97 -38.10 0.69
N GLU A 120 8.50 -38.17 1.91
CA GLU A 120 9.26 -37.06 2.47
C GLU A 120 10.54 -36.80 1.70
N GLU A 121 11.21 -37.85 1.23
CA GLU A 121 12.49 -37.68 0.56
C GLU A 121 12.37 -37.67 -0.96
N SER A 122 11.17 -37.47 -1.50
CA SER A 122 10.96 -37.69 -2.93
C SER A 122 11.69 -36.67 -3.78
N PHE A 123 12.22 -35.60 -3.17
CA PHE A 123 12.94 -34.60 -3.95
C PHE A 123 14.36 -35.03 -4.28
N LEU A 124 14.90 -36.03 -3.58
CA LEU A 124 16.28 -36.41 -3.82
C LEU A 124 16.41 -37.24 -5.10
N VAL A 125 17.60 -37.18 -5.70
CA VAL A 125 17.87 -37.99 -6.87
C VAL A 125 17.99 -39.46 -6.43
N GLU A 126 18.03 -40.36 -7.41
CA GLU A 126 17.98 -41.80 -7.13
C GLU A 126 19.15 -42.24 -6.26
N GLU A 127 20.34 -41.71 -6.53
CA GLU A 127 21.53 -42.15 -5.80
C GLU A 127 21.54 -41.68 -4.35
N ASP A 128 20.72 -40.70 -4.00
CA ASP A 128 20.65 -40.23 -2.62
C ASP A 128 19.43 -40.72 -1.88
N LYS A 129 18.42 -41.22 -2.59
CA LYS A 129 17.28 -41.85 -1.93
C LYS A 129 17.72 -43.10 -1.20
N LYS A 130 17.26 -43.24 0.04
CA LYS A 130 17.60 -44.42 0.82
C LYS A 130 16.67 -45.59 0.49
N HIS A 131 15.45 -45.30 0.10
CA HIS A 131 14.47 -46.32 -0.23
C HIS A 131 14.30 -46.43 -1.74
N GLU A 132 13.30 -47.20 -2.17
CA GLU A 132 13.01 -47.36 -3.58
C GLU A 132 12.62 -46.03 -4.21
N ARG A 133 13.02 -45.82 -5.46
CA ARG A 133 12.84 -44.51 -6.07
C ARG A 133 11.39 -44.20 -6.40
N HIS A 134 10.53 -45.20 -6.53
CA HIS A 134 9.12 -44.94 -6.81
C HIS A 134 8.41 -44.63 -5.51
N PRO A 135 7.84 -43.44 -5.34
CA PRO A 135 7.36 -43.05 -4.00
C PRO A 135 6.20 -43.89 -3.50
N ILE A 136 5.11 -43.98 -4.25
CA ILE A 136 3.85 -44.44 -3.72
C ILE A 136 3.87 -45.94 -3.45
N PHE A 137 4.00 -46.73 -4.50
CA PHE A 137 3.88 -48.17 -4.37
C PHE A 137 5.22 -48.89 -4.32
N GLY A 138 6.30 -48.25 -4.77
CA GLY A 138 7.61 -48.81 -4.57
C GLY A 138 8.02 -49.90 -5.54
N ASN A 139 7.32 -50.04 -6.66
CA ASN A 139 7.76 -50.95 -7.71
C ASN A 139 7.20 -50.47 -9.04
N ILE A 140 7.96 -50.78 -10.10
CA ILE A 140 7.73 -50.16 -11.41
C ILE A 140 6.34 -50.48 -11.95
N VAL A 141 5.91 -51.75 -11.85
CA VAL A 141 4.65 -52.12 -12.48
C VAL A 141 3.47 -51.51 -11.73
N ASP A 142 3.52 -51.53 -10.39
CA ASP A 142 2.46 -50.91 -9.62
C ASP A 142 2.39 -49.41 -9.89
N GLU A 143 3.55 -48.74 -9.95
CA GLU A 143 3.54 -47.30 -10.16
C GLU A 143 2.99 -46.92 -11.52
N VAL A 144 3.47 -47.58 -12.58
CA VAL A 144 3.02 -47.21 -13.92
C VAL A 144 1.55 -47.60 -14.10
N ALA A 145 1.12 -48.71 -13.49
CA ALA A 145 -0.29 -49.07 -13.56
C ALA A 145 -1.15 -48.06 -12.82
N TYR A 146 -0.67 -47.56 -11.69
CA TYR A 146 -1.42 -46.56 -10.94
C TYR A 146 -1.55 -45.26 -11.72
N HIS A 147 -0.47 -44.84 -12.39
CA HIS A 147 -0.57 -43.62 -13.18
C HIS A 147 -1.43 -43.82 -14.42
N GLU A 148 -1.44 -45.01 -15.01
CA GLU A 148 -2.40 -45.30 -16.08
C GLU A 148 -3.83 -45.26 -15.58
N LYS A 149 -4.08 -45.82 -14.40
CA LYS A 149 -5.45 -46.01 -13.93
C LYS A 149 -6.03 -44.75 -13.33
N TYR A 150 -5.20 -43.89 -12.75
CA TYR A 150 -5.62 -42.56 -12.31
C TYR A 150 -4.62 -41.54 -12.85
N PRO A 151 -4.89 -40.99 -14.03
CA PRO A 151 -3.95 -40.02 -14.62
C PRO A 151 -3.72 -38.78 -13.79
N THR A 152 -4.74 -38.28 -13.10
CA THR A 152 -4.59 -37.12 -12.23
C THR A 152 -5.15 -37.46 -10.85
N ILE A 153 -4.81 -36.64 -9.87
CA ILE A 153 -5.28 -36.86 -8.51
C ILE A 153 -6.79 -36.69 -8.42
N TYR A 154 -7.38 -35.96 -9.36
CA TYR A 154 -8.83 -35.79 -9.34
C TYR A 154 -9.55 -37.05 -9.78
N HIS A 155 -8.95 -37.83 -10.67
CA HIS A 155 -9.50 -39.15 -10.98
C HIS A 155 -9.56 -40.01 -9.73
N LEU A 156 -8.49 -39.99 -8.94
CA LEU A 156 -8.46 -40.75 -7.70
C LEU A 156 -9.51 -40.25 -6.71
N ARG A 157 -9.66 -38.94 -6.60
CA ARG A 157 -10.63 -38.40 -5.64
C ARG A 157 -12.06 -38.74 -6.04
N LYS A 158 -12.37 -38.63 -7.34
CA LYS A 158 -13.70 -39.02 -7.80
C LYS A 158 -13.95 -40.51 -7.60
N LYS A 159 -12.93 -41.33 -7.85
CA LYS A 159 -13.09 -42.77 -7.64
C LYS A 159 -13.36 -43.08 -6.18
N LEU A 160 -12.63 -42.44 -5.26
CA LEU A 160 -12.86 -42.72 -3.86
C LEU A 160 -14.24 -42.24 -3.41
N VAL A 161 -14.67 -41.06 -3.89
CA VAL A 161 -15.98 -40.56 -3.52
C VAL A 161 -17.09 -41.46 -4.04
N ASP A 162 -16.95 -41.96 -5.26
CA ASP A 162 -18.02 -42.73 -5.89
C ASP A 162 -17.70 -44.21 -6.02
N SER A 163 -16.89 -44.76 -5.13
CA SER A 163 -16.64 -46.19 -5.11
C SER A 163 -16.85 -46.74 -3.70
N THR A 164 -17.34 -47.97 -3.63
CA THR A 164 -17.63 -48.63 -2.36
C THR A 164 -16.64 -49.74 -2.03
N ASP A 165 -15.61 -49.92 -2.84
CA ASP A 165 -14.62 -50.95 -2.57
C ASP A 165 -13.55 -50.42 -1.63
N LYS A 166 -13.00 -51.32 -0.83
CA LYS A 166 -11.89 -50.99 0.04
C LYS A 166 -10.70 -50.55 -0.80
N ALA A 167 -10.37 -49.27 -0.75
CA ALA A 167 -9.27 -48.76 -1.54
C ALA A 167 -7.96 -48.90 -0.79
N ASP A 168 -6.86 -48.69 -1.52
CA ASP A 168 -5.55 -48.75 -0.90
C ASP A 168 -5.39 -47.62 0.10
N LEU A 169 -4.85 -47.94 1.27
CA LEU A 169 -4.70 -46.94 2.31
C LEU A 169 -3.77 -45.83 1.89
N ARG A 170 -2.79 -46.15 1.05
CA ARG A 170 -1.92 -45.12 0.49
C ARG A 170 -2.70 -44.18 -0.42
N LEU A 171 -3.64 -44.71 -1.20
CA LEU A 171 -4.46 -43.84 -2.02
C LEU A 171 -5.37 -42.96 -1.17
N ILE A 172 -5.92 -43.51 -0.09
CA ILE A 172 -6.71 -42.69 0.83
C ILE A 172 -5.87 -41.56 1.38
N TYR A 173 -4.64 -41.87 1.80
CA TYR A 173 -3.79 -40.84 2.38
C TYR A 173 -3.44 -39.78 1.35
N LEU A 174 -3.20 -40.19 0.10
CA LEU A 174 -2.89 -39.21 -0.92
C LEU A 174 -4.05 -38.28 -1.19
N ALA A 175 -5.27 -38.82 -1.28
CA ALA A 175 -6.43 -37.94 -1.49
C ALA A 175 -6.61 -36.98 -0.32
N LEU A 176 -6.53 -37.48 0.91
CA LEU A 176 -6.70 -36.60 2.07
C LEU A 176 -5.59 -35.58 2.17
N ALA A 177 -4.36 -35.98 1.90
CA ALA A 177 -3.25 -35.04 2.00
C ALA A 177 -3.35 -33.97 0.94
N HIS A 178 -3.81 -34.33 -0.26
CA HIS A 178 -4.00 -33.31 -1.28
C HIS A 178 -5.08 -32.32 -0.86
N MET A 179 -6.18 -32.83 -0.29
CA MET A 179 -7.26 -31.94 0.12
C MET A 179 -6.80 -31.00 1.22
N ILE A 180 -6.03 -31.52 2.19
CA ILE A 180 -5.55 -30.70 3.30
C ILE A 180 -4.50 -29.71 2.85
N LYS A 181 -3.62 -30.11 1.94
CA LYS A 181 -2.54 -29.24 1.52
C LYS A 181 -3.06 -28.09 0.66
N PHE A 182 -4.07 -28.35 -0.17
CA PHE A 182 -4.67 -27.30 -0.99
C PHE A 182 -6.16 -27.26 -0.68
N ARG A 183 -6.55 -26.45 0.30
CA ARG A 183 -7.89 -26.53 0.86
C ARG A 183 -8.82 -25.41 0.45
N GLY A 184 -8.43 -24.54 -0.46
CA GLY A 184 -9.33 -23.50 -0.94
C GLY A 184 -9.54 -22.42 0.10
N HIS A 185 -10.22 -21.35 -0.32
CA HIS A 185 -10.35 -20.18 0.52
C HIS A 185 -11.46 -20.38 1.54
N PHE A 186 -11.48 -19.48 2.54
CA PHE A 186 -12.45 -19.54 3.63
C PHE A 186 -13.40 -18.33 3.62
N LEU A 187 -13.56 -17.67 2.48
CA LEU A 187 -14.33 -16.44 2.44
C LEU A 187 -15.83 -16.65 2.59
N ILE A 188 -16.32 -17.87 2.44
CA ILE A 188 -17.75 -18.15 2.54
C ILE A 188 -18.01 -18.78 3.90
N GLU A 189 -18.94 -18.20 4.65
CA GLU A 189 -19.24 -18.66 5.99
C GLU A 189 -20.32 -19.74 5.95
N GLY A 190 -20.40 -20.52 7.02
CA GLY A 190 -21.48 -21.47 7.18
C GLY A 190 -21.20 -22.80 6.51
N ASP A 191 -22.22 -23.65 6.53
CA ASP A 191 -22.14 -25.01 5.99
C ASP A 191 -22.76 -25.06 4.59
N LEU A 192 -22.07 -24.43 3.64
CA LEU A 192 -22.44 -24.53 2.23
C LEU A 192 -22.22 -25.98 1.80
N ASN A 193 -23.32 -26.73 1.65
CA ASN A 193 -23.22 -28.17 1.47
C ASN A 193 -23.52 -28.66 0.05
N PRO A 194 -22.50 -29.17 -0.64
CA PRO A 194 -22.77 -29.84 -1.91
C PRO A 194 -23.64 -31.08 -1.75
N ASP A 195 -23.57 -31.73 -0.59
CA ASP A 195 -24.26 -32.99 -0.35
C ASP A 195 -25.77 -32.88 -0.44
N ASN A 196 -26.32 -31.70 -0.15
CA ASN A 196 -27.75 -31.45 -0.23
C ASN A 196 -28.07 -30.54 -1.40
N SER A 197 -27.26 -30.61 -2.46
CA SER A 197 -27.38 -29.78 -3.64
C SER A 197 -26.86 -30.55 -4.84
N ASP A 198 -26.44 -29.82 -5.88
CA ASP A 198 -25.73 -30.29 -7.07
C ASP A 198 -26.71 -30.89 -8.09
N VAL A 199 -27.97 -30.99 -7.72
CA VAL A 199 -29.01 -31.44 -8.66
C VAL A 199 -29.97 -30.28 -8.84
N ASP A 200 -30.10 -29.79 -10.07
CA ASP A 200 -30.80 -28.54 -10.28
C ASP A 200 -32.31 -28.71 -10.31
N LYS A 201 -32.81 -29.95 -10.24
CA LYS A 201 -34.25 -30.17 -10.31
C LYS A 201 -34.97 -29.70 -9.05
N LEU A 202 -34.26 -29.35 -7.98
CA LEU A 202 -34.87 -28.97 -6.71
C LEU A 202 -35.83 -27.79 -6.82
N PHE A 203 -35.90 -27.13 -7.97
CA PHE A 203 -37.00 -26.21 -8.25
C PHE A 203 -38.34 -26.94 -8.19
N ILE A 204 -38.39 -28.21 -8.63
CA ILE A 204 -39.64 -28.95 -8.53
C ILE A 204 -39.97 -29.20 -7.06
N GLN A 205 -38.97 -29.55 -6.24
CA GLN A 205 -39.22 -29.75 -4.82
C GLN A 205 -39.72 -28.47 -4.18
N LEU A 206 -39.18 -27.34 -4.61
CA LEU A 206 -39.65 -26.05 -4.15
C LEU A 206 -41.11 -25.82 -4.54
N VAL A 207 -41.50 -26.26 -5.74
CA VAL A 207 -42.88 -25.95 -6.13
C VAL A 207 -43.88 -26.90 -5.47
N GLN A 208 -43.53 -28.16 -5.18
CA GLN A 208 -44.47 -28.91 -4.32
C GLN A 208 -44.45 -28.40 -2.89
N THR A 209 -43.33 -27.84 -2.43
CA THR A 209 -43.36 -27.20 -1.11
C THR A 209 -44.28 -25.98 -1.12
N TYR A 210 -44.29 -25.25 -2.24
CA TYR A 210 -45.25 -24.16 -2.43
C TYR A 210 -46.67 -24.69 -2.52
N ASN A 211 -46.84 -25.89 -3.07
CA ASN A 211 -48.14 -26.54 -3.05
C ASN A 211 -48.60 -26.87 -1.64
N GLN A 212 -47.71 -27.32 -0.77
CA GLN A 212 -48.06 -27.60 0.61
C GLN A 212 -48.39 -26.32 1.39
N LEU A 213 -47.53 -25.30 1.30
CA LEU A 213 -47.75 -24.10 2.11
C LEU A 213 -48.85 -23.20 1.54
N PHE A 214 -48.92 -23.04 0.22
CA PHE A 214 -49.89 -22.17 -0.43
C PHE A 214 -51.04 -23.05 -0.93
N GLU A 215 -52.27 -22.64 -0.65
CA GLU A 215 -53.40 -23.53 -0.82
C GLU A 215 -54.37 -23.11 -1.92
N GLU A 216 -54.28 -21.88 -2.42
CA GLU A 216 -55.21 -21.40 -3.45
C GLU A 216 -54.74 -21.85 -4.84
N ASN A 217 -54.72 -23.17 -5.02
CA ASN A 217 -54.33 -23.81 -6.27
C ASN A 217 -53.03 -23.27 -6.85
N PRO A 218 -51.90 -23.40 -6.16
CA PRO A 218 -50.65 -22.85 -6.66
C PRO A 218 -50.15 -23.63 -7.87
N ILE A 219 -49.26 -22.99 -8.63
CA ILE A 219 -48.73 -23.62 -9.82
C ILE A 219 -47.79 -24.77 -9.44
N ASN A 220 -48.03 -25.92 -10.06
CA ASN A 220 -47.17 -27.07 -9.87
C ASN A 220 -46.69 -27.58 -11.22
N ALA A 221 -47.49 -27.34 -12.27
CA ALA A 221 -47.11 -27.66 -13.64
C ALA A 221 -46.21 -26.56 -14.19
N SER A 222 -44.96 -26.57 -13.73
CA SER A 222 -44.02 -25.53 -14.07
C SER A 222 -43.38 -25.81 -15.43
N GLY A 223 -42.70 -24.78 -15.95
CA GLY A 223 -42.02 -24.88 -17.22
C GLY A 223 -40.52 -25.01 -17.09
N VAL A 224 -39.78 -24.06 -17.69
CA VAL A 224 -38.33 -24.12 -17.67
C VAL A 224 -37.79 -23.68 -16.32
N ASP A 225 -36.91 -24.50 -15.75
CA ASP A 225 -36.32 -24.20 -14.45
C ASP A 225 -35.15 -23.23 -14.61
N ALA A 226 -34.37 -23.10 -13.54
CA ALA A 226 -33.28 -22.13 -13.52
C ALA A 226 -32.08 -22.56 -14.36
N LYS A 227 -32.18 -23.64 -15.12
CA LYS A 227 -31.11 -24.05 -16.02
C LYS A 227 -30.87 -23.00 -17.10
N ALA A 228 -31.95 -22.47 -17.66
CA ALA A 228 -31.85 -21.43 -18.67
C ALA A 228 -31.21 -20.16 -18.13
N ILE A 229 -31.24 -19.97 -16.81
CA ILE A 229 -30.62 -18.80 -16.19
C ILE A 229 -29.16 -19.12 -15.90
N LEU A 230 -28.90 -20.32 -15.39
CA LEU A 230 -27.54 -20.74 -15.07
C LEU A 230 -26.69 -20.91 -16.30
N SER A 231 -27.32 -21.00 -17.48
CA SER A 231 -26.55 -20.99 -18.73
C SER A 231 -25.75 -19.69 -18.88
N ALA A 232 -26.37 -18.55 -18.60
CA ALA A 232 -25.73 -17.25 -18.77
C ALA A 232 -25.44 -16.62 -17.42
N ARG A 233 -24.94 -15.38 -17.48
CA ARG A 233 -24.67 -14.61 -16.26
C ARG A 233 -25.95 -14.34 -15.50
N LEU A 234 -25.90 -14.55 -14.18
CA LEU A 234 -27.05 -14.35 -13.32
C LEU A 234 -27.43 -12.87 -13.33
N SER A 235 -28.70 -12.59 -13.56
CA SER A 235 -29.16 -11.20 -13.58
C SER A 235 -30.63 -11.17 -13.18
N LYS A 236 -31.02 -10.06 -12.55
CA LYS A 236 -32.42 -9.91 -12.17
C LYS A 236 -33.32 -9.82 -13.39
N SER A 237 -32.87 -9.12 -14.44
CA SER A 237 -33.68 -8.98 -15.65
C SER A 237 -33.88 -10.34 -16.33
N ARG A 238 -32.79 -11.09 -16.50
CA ARG A 238 -32.86 -12.41 -17.09
C ARG A 238 -33.73 -13.34 -16.24
N ARG A 239 -33.55 -13.29 -14.93
CA ARG A 239 -34.29 -14.16 -14.02
C ARG A 239 -35.79 -13.86 -14.09
N LEU A 240 -36.14 -12.56 -14.06
CA LEU A 240 -37.54 -12.17 -14.05
C LEU A 240 -38.20 -12.47 -15.40
N GLU A 241 -37.50 -12.22 -16.51
CA GLU A 241 -38.09 -12.52 -17.81
C GLU A 241 -38.28 -14.02 -17.98
N ASN A 242 -37.33 -14.83 -17.49
CA ASN A 242 -37.48 -16.28 -17.55
C ASN A 242 -38.65 -16.74 -16.71
N LEU A 243 -38.77 -16.23 -15.48
CA LEU A 243 -39.86 -16.64 -14.60
C LEU A 243 -41.22 -16.22 -15.12
N ILE A 244 -41.32 -15.03 -15.71
CA ILE A 244 -42.61 -14.60 -16.25
C ILE A 244 -42.95 -15.41 -17.50
N ALA A 245 -41.96 -15.67 -18.36
CA ALA A 245 -42.23 -16.39 -19.60
C ALA A 245 -42.52 -17.87 -19.37
N GLN A 246 -42.08 -18.45 -18.25
CA GLN A 246 -42.32 -19.86 -18.01
C GLN A 246 -43.19 -20.16 -16.80
N LEU A 247 -43.67 -19.15 -16.08
CA LEU A 247 -44.39 -19.33 -14.82
C LEU A 247 -45.29 -18.13 -14.57
N PRO A 248 -46.47 -18.09 -15.19
CA PRO A 248 -47.41 -17.00 -14.88
C PRO A 248 -48.08 -17.20 -13.53
N GLY A 249 -47.32 -17.02 -12.46
CA GLY A 249 -47.80 -17.32 -11.13
C GLY A 249 -48.85 -16.35 -10.64
N GLU A 250 -49.69 -16.85 -9.72
CA GLU A 250 -50.78 -16.05 -9.19
C GLU A 250 -50.30 -14.95 -8.27
N LYS A 251 -49.10 -15.11 -7.70
CA LYS A 251 -48.55 -14.13 -6.79
C LYS A 251 -47.13 -13.78 -7.24
N LYS A 252 -46.83 -12.48 -7.24
CA LYS A 252 -45.46 -12.06 -7.51
C LYS A 252 -44.55 -12.41 -6.34
N ASN A 253 -45.14 -12.60 -5.16
CA ASN A 253 -44.39 -13.21 -4.06
C ASN A 253 -43.99 -14.63 -4.40
N GLY A 254 -44.92 -15.41 -4.96
CA GLY A 254 -44.62 -16.79 -5.29
C GLY A 254 -43.64 -16.93 -6.45
N LEU A 255 -43.91 -16.24 -7.56
CA LEU A 255 -43.06 -16.36 -8.73
C LEU A 255 -41.75 -15.61 -8.59
N PHE A 256 -41.76 -14.45 -7.95
CA PHE A 256 -40.57 -13.61 -7.84
C PHE A 256 -40.12 -13.47 -6.38
N GLY A 257 -41.04 -13.00 -5.53
CA GLY A 257 -40.70 -12.61 -4.17
C GLY A 257 -40.14 -13.73 -3.33
N ASN A 258 -40.57 -14.97 -3.57
CA ASN A 258 -40.00 -16.09 -2.84
C ASN A 258 -38.73 -16.58 -3.51
N LEU A 259 -38.76 -16.72 -4.84
CA LEU A 259 -37.66 -17.40 -5.53
C LEU A 259 -36.38 -16.58 -5.46
N ILE A 260 -36.48 -15.25 -5.49
CA ILE A 260 -35.27 -14.47 -5.27
C ILE A 260 -34.77 -14.67 -3.84
N ALA A 261 -35.69 -14.69 -2.87
CA ALA A 261 -35.30 -14.85 -1.48
C ALA A 261 -34.62 -16.19 -1.22
N LEU A 262 -34.90 -17.19 -2.05
CA LEU A 262 -34.13 -18.42 -2.05
C LEU A 262 -32.86 -18.34 -2.89
N SER A 263 -32.64 -17.26 -3.63
CA SER A 263 -31.54 -17.24 -4.58
C SER A 263 -30.82 -15.91 -4.70
N LEU A 264 -31.34 -14.86 -4.07
CA LEU A 264 -30.84 -13.51 -4.25
C LEU A 264 -31.32 -12.66 -3.07
N GLY A 265 -30.88 -11.41 -3.02
CA GLY A 265 -31.41 -10.49 -2.04
C GLY A 265 -32.50 -9.60 -2.60
N LEU A 266 -33.04 -8.77 -1.71
CA LEU A 266 -33.97 -7.70 -2.10
C LEU A 266 -33.30 -6.36 -1.84
N THR A 267 -33.30 -5.51 -2.86
CA THR A 267 -32.60 -4.24 -2.83
C THR A 267 -33.10 -3.23 -1.78
N PRO A 268 -34.40 -2.95 -1.62
CA PRO A 268 -34.80 -1.80 -0.82
C PRO A 268 -34.71 -2.09 0.68
N ASN A 269 -34.67 -1.01 1.46
CA ASN A 269 -34.85 -1.14 2.90
C ASN A 269 -36.33 -1.20 3.28
N PHE A 270 -37.23 -0.96 2.31
CA PHE A 270 -38.65 -1.09 2.53
C PHE A 270 -39.02 -2.57 2.69
N LYS A 271 -40.22 -2.80 3.22
CA LYS A 271 -40.67 -4.16 3.46
C LYS A 271 -40.90 -4.90 2.13
N SER A 272 -40.98 -6.22 2.23
CA SER A 272 -41.20 -7.03 1.04
C SER A 272 -42.65 -6.92 0.57
N ASN A 273 -43.01 -7.74 -0.41
CA ASN A 273 -44.33 -7.67 -1.01
C ASN A 273 -45.38 -8.24 -0.05
N PHE A 274 -46.60 -8.41 -0.57
CA PHE A 274 -47.74 -8.86 0.24
C PHE A 274 -47.45 -10.18 0.93
N ASP A 275 -47.47 -10.16 2.26
CA ASP A 275 -46.92 -11.25 3.04
C ASP A 275 -47.86 -12.45 3.05
N LEU A 276 -47.26 -13.64 3.13
CA LEU A 276 -48.01 -14.83 3.49
C LEU A 276 -47.91 -15.14 4.98
N ALA A 277 -46.78 -14.83 5.62
CA ALA A 277 -46.60 -15.15 7.03
C ALA A 277 -46.30 -13.90 7.86
N GLU A 278 -45.41 -13.04 7.38
CA GLU A 278 -45.08 -11.80 8.07
C GLU A 278 -44.40 -10.85 7.09
N ASP A 279 -44.80 -9.58 7.13
CA ASP A 279 -44.38 -8.59 6.15
C ASP A 279 -43.16 -7.77 6.58
N ALA A 280 -42.24 -8.35 7.34
CA ALA A 280 -41.00 -7.65 7.66
C ALA A 280 -40.05 -7.71 6.47
N LYS A 281 -38.83 -7.23 6.70
CA LYS A 281 -37.81 -7.22 5.65
C LYS A 281 -37.35 -8.63 5.31
N LEU A 282 -37.15 -8.88 4.02
CA LEU A 282 -36.55 -10.11 3.54
C LEU A 282 -35.32 -9.78 2.70
N GLN A 283 -34.41 -10.74 2.62
CA GLN A 283 -33.09 -10.47 2.09
C GLN A 283 -32.49 -11.81 1.66
N LEU A 284 -31.27 -11.76 1.11
CA LEU A 284 -30.56 -12.99 0.79
C LEU A 284 -30.08 -13.68 2.07
N SER A 285 -29.43 -14.82 1.88
CA SER A 285 -28.96 -15.62 3.00
C SER A 285 -27.75 -14.96 3.65
N LYS A 286 -28.01 -13.91 4.44
CA LYS A 286 -26.95 -13.19 5.12
C LYS A 286 -26.55 -13.90 6.40
N ASP A 287 -25.64 -13.28 7.15
CA ASP A 287 -25.25 -13.80 8.45
C ASP A 287 -26.37 -13.73 9.47
N THR A 288 -27.39 -12.91 9.21
CA THR A 288 -28.53 -12.76 10.12
C THR A 288 -29.82 -13.27 9.50
N TYR A 289 -29.72 -14.00 8.38
CA TYR A 289 -30.92 -14.48 7.68
C TYR A 289 -31.67 -15.50 8.53
N ASP A 290 -30.95 -16.23 9.39
CA ASP A 290 -31.57 -17.16 10.32
C ASP A 290 -32.48 -16.45 11.34
N ASP A 291 -32.03 -15.33 11.91
CA ASP A 291 -32.91 -14.55 12.78
C ASP A 291 -33.95 -13.80 11.97
N ASP A 292 -33.69 -13.59 10.68
CA ASP A 292 -34.68 -13.02 9.78
C ASP A 292 -35.83 -13.99 9.54
N LEU A 293 -35.56 -15.30 9.59
CA LEU A 293 -36.57 -16.31 9.30
C LEU A 293 -37.68 -16.39 10.34
N ASP A 294 -37.65 -15.55 11.39
CA ASP A 294 -38.77 -15.47 12.31
C ASP A 294 -40.03 -14.95 11.63
N ASN A 295 -39.88 -14.37 10.43
CA ASN A 295 -41.04 -13.98 9.64
C ASN A 295 -41.82 -15.17 9.12
N LEU A 296 -41.26 -16.38 9.21
CA LEU A 296 -42.05 -17.57 8.89
C LEU A 296 -42.12 -18.55 10.05
N LEU A 297 -41.00 -18.78 10.76
CA LEU A 297 -40.99 -19.81 11.80
C LEU A 297 -41.83 -19.41 13.01
N ALA A 298 -42.02 -18.11 13.23
CA ALA A 298 -42.92 -17.65 14.28
C ALA A 298 -44.33 -17.41 13.78
N GLN A 299 -44.62 -17.71 12.51
CA GLN A 299 -45.91 -17.43 11.89
C GLN A 299 -46.64 -18.67 11.37
N ILE A 300 -45.92 -19.62 10.76
CA ILE A 300 -46.53 -20.80 10.17
C ILE A 300 -47.16 -21.70 11.23
N ASP A 306 -41.27 -27.01 4.22
CA ASP A 306 -40.91 -25.65 4.59
C ASP A 306 -40.20 -24.99 3.42
N LEU A 307 -40.80 -23.90 2.91
CA LEU A 307 -40.25 -23.20 1.75
C LEU A 307 -38.85 -22.66 2.05
N PHE A 308 -38.68 -22.04 3.21
CA PHE A 308 -37.42 -21.37 3.50
C PHE A 308 -36.33 -22.34 3.92
N LEU A 309 -36.68 -23.60 4.18
CA LEU A 309 -35.65 -24.63 4.35
C LEU A 309 -35.00 -24.97 3.02
N ALA A 310 -35.73 -24.77 1.91
CA ALA A 310 -35.17 -24.96 0.58
C ALA A 310 -34.29 -23.79 0.16
N ALA A 311 -34.26 -22.71 0.95
CA ALA A 311 -33.46 -21.54 0.60
C ALA A 311 -31.97 -21.86 0.58
N LYS A 312 -31.48 -22.47 1.67
CA LYS A 312 -30.07 -22.86 1.75
C LYS A 312 -29.70 -23.78 0.59
N ASN A 313 -30.52 -24.81 0.38
CA ASN A 313 -30.22 -25.82 -0.64
C ASN A 313 -30.19 -25.20 -2.03
N LEU A 314 -31.23 -24.42 -2.36
CA LEU A 314 -31.32 -23.84 -3.68
C LEU A 314 -30.21 -22.84 -3.94
N SER A 315 -29.94 -21.95 -2.97
CA SER A 315 -28.87 -20.98 -3.15
C SER A 315 -27.52 -21.65 -3.29
N ASP A 316 -27.25 -22.67 -2.46
CA ASP A 316 -25.98 -23.37 -2.56
C ASP A 316 -25.85 -24.06 -3.91
N ALA A 317 -26.92 -24.69 -4.39
CA ALA A 317 -26.86 -25.35 -5.68
C ALA A 317 -26.60 -24.35 -6.80
N ILE A 318 -27.28 -23.21 -6.77
CA ILE A 318 -27.13 -22.21 -7.83
C ILE A 318 -25.71 -21.64 -7.83
N LEU A 319 -25.21 -21.25 -6.66
CA LEU A 319 -23.90 -20.63 -6.61
C LEU A 319 -22.79 -21.64 -6.89
N LEU A 320 -22.98 -22.90 -6.48
CA LEU A 320 -21.97 -23.90 -6.78
C LEU A 320 -22.00 -24.24 -8.27
N SER A 321 -23.18 -24.16 -8.90
CA SER A 321 -23.25 -24.28 -10.34
C SER A 321 -22.58 -23.11 -11.03
N ASP A 322 -22.62 -21.92 -10.44
CA ASP A 322 -21.83 -20.81 -10.95
C ASP A 322 -20.35 -21.13 -10.86
N ILE A 323 -19.91 -21.70 -9.74
CA ILE A 323 -18.49 -21.97 -9.55
C ILE A 323 -17.99 -23.05 -10.50
N LEU A 324 -18.75 -24.14 -10.64
CA LEU A 324 -18.29 -25.35 -11.31
C LEU A 324 -19.14 -25.66 -12.54
N ARG A 325 -18.51 -26.15 -13.59
CA ARG A 325 -19.22 -26.48 -14.81
C ARG A 325 -19.60 -27.96 -14.77
N VAL A 326 -20.37 -28.35 -13.75
CA VAL A 326 -20.85 -29.72 -13.58
C VAL A 326 -22.26 -29.65 -13.02
N ASN A 327 -23.23 -30.12 -13.80
CA ASN A 327 -24.61 -30.13 -13.34
C ASN A 327 -25.31 -31.46 -13.58
N THR A 328 -25.04 -32.10 -14.72
CA THR A 328 -25.82 -33.28 -15.11
C THR A 328 -25.42 -34.52 -14.32
N GLU A 329 -24.13 -34.68 -14.04
CA GLU A 329 -23.62 -35.89 -13.42
C GLU A 329 -24.12 -36.00 -11.99
N ILE A 330 -24.34 -37.25 -11.55
CA ILE A 330 -24.97 -37.52 -10.26
C ILE A 330 -23.90 -37.64 -9.18
N THR A 331 -22.64 -37.41 -9.55
CA THR A 331 -21.53 -37.64 -8.65
C THR A 331 -21.59 -36.69 -7.46
N LYS A 332 -21.06 -37.15 -6.34
CA LYS A 332 -21.00 -36.38 -5.10
C LYS A 332 -19.73 -35.55 -5.00
N ALA A 333 -18.90 -35.51 -6.04
CA ALA A 333 -17.64 -34.78 -6.03
C ALA A 333 -17.63 -33.83 -7.22
N PRO A 334 -18.27 -32.67 -7.08
CA PRO A 334 -18.43 -31.78 -8.24
C PRO A 334 -17.14 -31.15 -8.72
N LEU A 335 -16.26 -30.73 -7.81
CA LEU A 335 -15.01 -30.13 -8.23
C LEU A 335 -14.13 -31.14 -8.96
N SER A 336 -14.06 -32.37 -8.45
CA SER A 336 -13.31 -33.41 -9.13
C SER A 336 -13.95 -33.76 -10.46
N ALA A 337 -15.28 -33.68 -10.54
CA ALA A 337 -15.95 -33.90 -11.82
C ALA A 337 -15.57 -32.84 -12.83
N SER A 338 -15.49 -31.58 -12.39
CA SER A 338 -15.09 -30.53 -13.31
C SER A 338 -13.64 -30.69 -13.76
N MET A 339 -12.76 -31.08 -12.84
CA MET A 339 -11.37 -31.28 -13.23
C MET A 339 -11.22 -32.44 -14.21
N ILE A 340 -11.92 -33.55 -13.97
CA ILE A 340 -11.81 -34.68 -14.89
C ILE A 340 -12.43 -34.34 -16.22
N LYS A 341 -13.46 -33.49 -16.24
CA LYS A 341 -14.01 -33.02 -17.49
C LYS A 341 -13.02 -32.16 -18.25
N ARG A 342 -12.31 -31.28 -17.53
CA ARG A 342 -11.22 -30.52 -18.15
C ARG A 342 -10.19 -31.47 -18.75
N TYR A 343 -9.87 -32.54 -18.04
CA TYR A 343 -8.85 -33.46 -18.53
C TYR A 343 -9.29 -34.17 -19.80
N ASP A 344 -10.52 -34.68 -19.83
CA ASP A 344 -10.92 -35.45 -21.00
C ASP A 344 -11.12 -34.55 -22.21
N GLU A 345 -11.63 -33.32 -21.99
CA GLU A 345 -11.74 -32.39 -23.11
C GLU A 345 -10.36 -31.94 -23.56
N HIS A 346 -9.42 -31.80 -22.62
CA HIS A 346 -8.04 -31.54 -22.98
C HIS A 346 -7.51 -32.62 -23.91
N HIS A 347 -7.76 -33.88 -23.56
CA HIS A 347 -7.26 -34.99 -24.36
C HIS A 347 -7.89 -35.00 -25.76
N GLN A 348 -9.22 -34.83 -25.82
CA GLN A 348 -9.88 -34.83 -27.12
C GLN A 348 -9.40 -33.70 -28.01
N ASP A 349 -9.33 -32.49 -27.46
CA ASP A 349 -8.94 -31.35 -28.28
C ASP A 349 -7.47 -31.41 -28.64
N LEU A 350 -6.64 -32.01 -27.77
CA LEU A 350 -5.23 -32.17 -28.13
C LEU A 350 -5.06 -33.14 -29.28
N THR A 351 -5.76 -34.27 -29.24
CA THR A 351 -5.67 -35.21 -30.37
C THR A 351 -6.18 -34.58 -31.64
N LEU A 352 -7.32 -33.88 -31.57
CA LEU A 352 -7.86 -33.23 -32.76
C LEU A 352 -6.90 -32.18 -33.30
N LEU A 353 -6.32 -31.36 -32.42
CA LEU A 353 -5.40 -30.33 -32.86
C LEU A 353 -4.16 -30.91 -33.50
N LYS A 354 -3.61 -31.98 -32.92
CA LYS A 354 -2.44 -32.62 -33.50
C LYS A 354 -2.75 -33.14 -34.90
N ALA A 355 -3.87 -33.85 -35.04
CA ALA A 355 -4.21 -34.43 -36.34
C ALA A 355 -4.44 -33.33 -37.37
N LEU A 356 -5.10 -32.25 -36.95
CA LEU A 356 -5.38 -31.16 -37.88
C LEU A 356 -4.11 -30.46 -38.32
N VAL A 357 -3.25 -30.07 -37.37
CA VAL A 357 -2.02 -29.37 -37.75
C VAL A 357 -1.14 -30.27 -38.60
N ARG A 358 -1.20 -31.59 -38.36
CA ARG A 358 -0.50 -32.51 -39.24
C ARG A 358 -1.08 -32.46 -40.65
N GLN A 359 -2.40 -32.35 -40.77
CA GLN A 359 -2.99 -32.48 -42.10
C GLN A 359 -3.07 -31.15 -42.86
N GLN A 360 -2.80 -30.02 -42.22
CA GLN A 360 -2.71 -28.76 -42.97
C GLN A 360 -1.37 -28.04 -42.87
N LEU A 361 -0.79 -27.93 -41.68
CA LEU A 361 0.48 -27.20 -41.60
C LEU A 361 1.57 -28.05 -40.98
N PRO A 362 2.12 -29.02 -41.71
CA PRO A 362 3.19 -29.84 -41.12
C PRO A 362 4.44 -29.04 -40.80
N GLU A 363 4.66 -27.93 -41.50
CA GLU A 363 5.84 -27.11 -41.26
C GLU A 363 5.81 -26.44 -39.89
N LYS A 364 4.62 -26.20 -39.34
CA LYS A 364 4.51 -25.59 -38.03
C LYS A 364 4.50 -26.62 -36.90
N TYR A 365 4.65 -27.91 -37.24
CA TYR A 365 4.44 -28.95 -36.23
C TYR A 365 5.51 -28.91 -35.16
N LYS A 366 6.79 -28.84 -35.55
CA LYS A 366 7.84 -28.73 -34.55
C LYS A 366 7.72 -27.44 -33.76
N GLU A 367 7.39 -26.34 -34.43
CA GLU A 367 7.27 -25.05 -33.75
C GLU A 367 6.17 -25.09 -32.69
N ILE A 368 5.07 -25.77 -32.98
CA ILE A 368 3.95 -25.77 -32.06
C ILE A 368 4.16 -26.79 -30.95
N PHE A 369 4.50 -28.03 -31.30
CA PHE A 369 4.48 -29.11 -30.31
C PHE A 369 5.85 -29.54 -29.82
N PHE A 370 6.94 -28.88 -30.24
CA PHE A 370 8.24 -29.26 -29.71
C PHE A 370 9.03 -28.08 -29.17
N ASP A 371 8.93 -26.92 -29.84
CA ASP A 371 9.79 -25.78 -29.49
C ASP A 371 9.22 -25.11 -28.25
N GLN A 372 9.74 -25.53 -27.10
CA GLN A 372 9.29 -25.00 -25.82
C GLN A 372 9.79 -23.58 -25.55
N SER A 373 10.67 -23.04 -26.39
CA SER A 373 11.08 -21.66 -26.24
C SER A 373 9.96 -20.69 -26.61
N LYS A 374 9.16 -21.00 -27.62
CA LYS A 374 8.05 -20.14 -28.02
C LYS A 374 6.84 -20.39 -27.13
N ASN A 375 5.72 -19.82 -27.53
CA ASN A 375 4.47 -20.00 -26.82
C ASN A 375 3.60 -21.07 -27.43
N GLY A 376 4.19 -22.02 -28.15
CA GLY A 376 3.44 -23.15 -28.66
C GLY A 376 3.04 -24.08 -27.53
N TYR A 377 2.42 -25.18 -27.91
CA TYR A 377 1.90 -26.11 -26.90
C TYR A 377 3.02 -26.70 -26.06
N ALA A 378 4.20 -26.88 -26.66
CA ALA A 378 5.34 -27.37 -25.89
C ALA A 378 5.73 -26.38 -24.81
N GLY A 379 5.72 -25.08 -25.14
CA GLY A 379 6.02 -24.08 -24.15
C GLY A 379 4.90 -23.89 -23.14
N TYR A 380 3.68 -24.21 -23.53
CA TYR A 380 2.56 -24.08 -22.60
C TYR A 380 2.54 -25.22 -21.60
N ILE A 381 3.04 -26.40 -21.97
CA ILE A 381 3.09 -27.49 -21.01
C ILE A 381 4.44 -27.55 -20.31
N ASP A 382 5.51 -27.83 -21.06
CA ASP A 382 6.81 -28.03 -20.45
C ASP A 382 7.57 -26.74 -20.19
N GLY A 383 7.28 -25.68 -20.93
CA GLY A 383 7.92 -24.41 -20.73
C GLY A 383 7.14 -23.53 -19.78
N GLY A 384 7.50 -22.26 -19.75
CA GLY A 384 6.89 -21.32 -18.83
C GLY A 384 5.83 -20.40 -19.41
N ALA A 385 5.36 -20.65 -20.62
CA ALA A 385 4.38 -19.77 -21.23
C ALA A 385 3.03 -19.93 -20.54
N SER A 386 2.43 -18.80 -20.19
CA SER A 386 1.14 -18.83 -19.51
C SER A 386 0.02 -19.17 -20.50
N GLN A 387 -1.17 -19.40 -19.94
CA GLN A 387 -2.29 -19.80 -20.77
C GLN A 387 -2.71 -18.68 -21.72
N GLU A 388 -2.71 -17.43 -21.24
CA GLU A 388 -3.09 -16.32 -22.09
C GLU A 388 -2.09 -16.11 -23.23
N GLU A 389 -0.80 -16.24 -22.93
CA GLU A 389 0.22 -16.16 -23.97
C GLU A 389 0.05 -17.29 -24.98
N PHE A 390 -0.23 -18.50 -24.49
CA PHE A 390 -0.47 -19.61 -25.42
C PHE A 390 -1.67 -19.35 -26.30
N TYR A 391 -2.76 -18.82 -25.74
CA TYR A 391 -3.95 -18.55 -26.53
C TYR A 391 -3.68 -17.49 -27.58
N LYS A 392 -2.99 -16.42 -27.21
CA LYS A 392 -2.70 -15.39 -28.19
C LYS A 392 -1.72 -15.90 -29.24
N PHE A 393 -0.90 -16.89 -28.91
CA PHE A 393 -0.05 -17.49 -29.93
C PHE A 393 -0.85 -18.37 -30.89
N ILE A 394 -1.74 -19.20 -30.37
CA ILE A 394 -2.35 -20.22 -31.20
C ILE A 394 -3.57 -19.68 -31.95
N LYS A 395 -4.15 -18.56 -31.50
CA LYS A 395 -5.33 -18.03 -32.17
C LYS A 395 -5.12 -17.67 -33.64
N PRO A 396 -4.01 -17.04 -34.05
CA PRO A 396 -3.82 -16.84 -35.50
C PRO A 396 -3.78 -18.12 -36.30
N ILE A 397 -3.17 -19.17 -35.77
CA ILE A 397 -3.10 -20.43 -36.50
C ILE A 397 -4.50 -21.02 -36.67
N LEU A 398 -5.28 -21.05 -35.59
CA LEU A 398 -6.60 -21.61 -35.68
C LEU A 398 -7.52 -20.76 -36.56
N GLU A 399 -7.25 -19.46 -36.64
CA GLU A 399 -8.06 -18.63 -37.54
C GLU A 399 -7.68 -18.82 -38.99
N LYS A 400 -6.39 -18.99 -39.28
CA LYS A 400 -5.97 -19.30 -40.65
C LYS A 400 -6.47 -20.65 -41.11
N MET A 401 -6.49 -21.63 -40.23
CA MET A 401 -6.69 -23.01 -40.62
C MET A 401 -8.19 -23.28 -40.80
N ASP A 402 -8.53 -24.44 -41.36
CA ASP A 402 -9.91 -24.78 -41.70
C ASP A 402 -10.41 -25.94 -40.84
N GLY A 403 -11.64 -25.79 -40.36
CA GLY A 403 -12.29 -26.82 -39.57
C GLY A 403 -12.15 -26.69 -38.07
N THR A 404 -11.77 -25.53 -37.56
CA THR A 404 -11.52 -25.37 -36.14
C THR A 404 -12.50 -24.43 -35.45
N GLU A 405 -13.75 -24.37 -35.92
CA GLU A 405 -14.71 -23.43 -35.34
C GLU A 405 -15.03 -23.80 -33.89
N GLU A 406 -15.14 -25.09 -33.59
CA GLU A 406 -15.39 -25.52 -32.22
C GLU A 406 -14.24 -25.11 -31.31
N LEU A 407 -13.00 -25.31 -31.75
CA LEU A 407 -11.85 -24.92 -30.95
C LEU A 407 -11.82 -23.41 -30.75
N LEU A 408 -12.16 -22.65 -31.79
CA LEU A 408 -12.15 -21.19 -31.67
C LEU A 408 -13.20 -20.70 -30.68
N VAL A 409 -14.38 -21.33 -30.69
CA VAL A 409 -15.41 -20.97 -29.73
C VAL A 409 -14.96 -21.31 -28.31
N LYS A 410 -14.33 -22.47 -28.13
CA LYS A 410 -13.80 -22.81 -26.82
C LYS A 410 -12.74 -21.82 -26.36
N LEU A 411 -11.85 -21.40 -27.27
CA LEU A 411 -10.83 -20.43 -26.92
C LEU A 411 -11.45 -19.10 -26.49
N ASN A 412 -12.48 -18.65 -27.21
CA ASN A 412 -13.17 -17.44 -26.78
C ASN A 412 -13.89 -17.64 -25.46
N ARG A 413 -14.25 -18.89 -25.11
CA ARG A 413 -14.75 -19.14 -23.78
C ARG A 413 -13.65 -19.52 -22.79
N GLU A 414 -12.38 -19.45 -23.20
CA GLU A 414 -11.24 -19.73 -22.33
C GLU A 414 -11.26 -21.17 -21.81
N ASP A 415 -11.49 -22.14 -22.70
CA ASP A 415 -11.58 -23.54 -22.29
C ASP A 415 -10.64 -24.46 -23.05
N LEU A 416 -9.96 -23.96 -24.08
CA LEU A 416 -9.14 -24.82 -24.92
C LEU A 416 -7.89 -25.25 -24.19
N LEU A 417 -7.69 -26.56 -24.06
CA LEU A 417 -6.48 -27.14 -23.48
C LEU A 417 -6.20 -26.61 -22.08
N ARG A 418 -7.21 -26.61 -21.22
CA ARG A 418 -7.01 -26.13 -19.87
C ARG A 418 -6.16 -27.10 -19.07
N LYS A 419 -5.41 -26.56 -18.12
CA LYS A 419 -4.75 -27.39 -17.14
C LYS A 419 -5.72 -27.67 -16.00
N GLN A 420 -5.40 -28.69 -15.20
CA GLN A 420 -6.23 -28.95 -14.03
C GLN A 420 -6.01 -27.90 -12.94
N ARG A 421 -4.76 -27.57 -12.67
CA ARG A 421 -4.40 -26.60 -11.62
C ARG A 421 -3.91 -25.33 -12.29
N THR A 422 -4.73 -24.29 -12.25
CA THR A 422 -4.40 -23.04 -12.90
C THR A 422 -4.71 -21.89 -11.95
N PHE A 423 -4.56 -20.66 -12.45
CA PHE A 423 -4.81 -19.50 -11.62
C PHE A 423 -6.29 -19.34 -11.27
N ASP A 424 -7.16 -19.92 -12.09
CA ASP A 424 -8.60 -19.79 -11.92
C ASP A 424 -9.12 -20.44 -10.67
N ASN A 425 -8.39 -21.37 -10.08
CA ASN A 425 -8.89 -22.11 -8.93
C ASN A 425 -8.91 -21.29 -7.65
N GLY A 426 -8.69 -19.98 -7.73
CA GLY A 426 -8.77 -19.17 -6.53
C GLY A 426 -10.17 -19.02 -5.97
N SER A 427 -11.18 -19.26 -6.78
CA SER A 427 -12.56 -19.04 -6.36
C SER A 427 -13.20 -20.28 -5.73
N ILE A 428 -12.46 -21.36 -5.56
CA ILE A 428 -13.04 -22.59 -5.01
C ILE A 428 -13.03 -22.49 -3.48
N PRO A 429 -14.16 -22.67 -2.82
CA PRO A 429 -14.21 -22.53 -1.36
C PRO A 429 -13.83 -23.81 -0.66
N HIS A 430 -13.56 -23.70 0.63
CA HIS A 430 -13.12 -24.86 1.40
C HIS A 430 -14.25 -25.84 1.62
N GLN A 431 -15.50 -25.39 1.50
CA GLN A 431 -16.62 -26.27 1.77
C GLN A 431 -16.73 -27.39 0.74
N ILE A 432 -16.30 -27.14 -0.49
CA ILE A 432 -16.36 -28.19 -1.50
C ILE A 432 -15.34 -29.28 -1.23
N HIS A 433 -14.11 -28.89 -0.87
CA HIS A 433 -13.12 -29.87 -0.44
C HIS A 433 -13.59 -30.60 0.81
N LEU A 434 -14.23 -29.88 1.72
CA LEU A 434 -14.74 -30.51 2.93
C LEU A 434 -15.83 -31.52 2.63
N GLY A 435 -16.72 -31.21 1.69
CA GLY A 435 -17.74 -32.17 1.30
C GLY A 435 -17.15 -33.41 0.66
N GLU A 436 -16.15 -33.23 -0.20
CA GLU A 436 -15.49 -34.39 -0.80
C GLU A 436 -14.81 -35.25 0.26
N LEU A 437 -14.13 -34.61 1.22
CA LEU A 437 -13.45 -35.37 2.26
C LEU A 437 -14.45 -36.08 3.17
N HIS A 438 -15.56 -35.43 3.47
CA HIS A 438 -16.61 -36.07 4.27
C HIS A 438 -17.17 -37.28 3.55
N ALA A 439 -17.39 -37.18 2.24
CA ALA A 439 -17.87 -38.33 1.49
C ALA A 439 -16.85 -39.46 1.47
N ILE A 440 -15.57 -39.13 1.33
CA ILE A 440 -14.54 -40.16 1.34
C ILE A 440 -14.54 -40.91 2.66
N LEU A 441 -14.56 -40.18 3.77
CA LEU A 441 -14.49 -40.85 5.06
C LEU A 441 -15.79 -41.60 5.38
N ARG A 442 -16.92 -41.11 4.90
CA ARG A 442 -18.16 -41.88 5.05
C ARG A 442 -18.08 -43.19 4.27
N ARG A 443 -17.48 -43.15 3.08
CA ARG A 443 -17.33 -44.38 2.29
C ARG A 443 -16.39 -45.37 2.97
N GLN A 444 -15.25 -44.88 3.47
CA GLN A 444 -14.22 -45.78 3.98
C GLN A 444 -14.26 -45.98 5.48
N GLU A 445 -15.30 -45.49 6.17
CA GLU A 445 -15.36 -45.73 7.60
C GLU A 445 -15.65 -47.18 7.94
N ASP A 446 -16.23 -47.93 7.00
CA ASP A 446 -16.61 -49.31 7.31
C ASP A 446 -15.40 -50.23 7.36
N PHE A 447 -14.48 -50.08 6.42
CA PHE A 447 -13.33 -50.98 6.36
C PHE A 447 -12.26 -50.68 7.39
N TYR A 448 -12.00 -49.40 7.67
CA TYR A 448 -10.98 -49.02 8.65
C TYR A 448 -11.66 -48.38 9.84
N PRO A 449 -11.57 -48.97 11.03
CA PRO A 449 -12.21 -48.35 12.20
C PRO A 449 -11.65 -46.99 12.56
N PHE A 450 -10.36 -46.78 12.31
CA PHE A 450 -9.71 -45.57 12.79
C PHE A 450 -10.16 -44.34 12.02
N LEU A 451 -10.63 -44.52 10.78
CA LEU A 451 -11.20 -43.39 10.06
C LEU A 451 -12.56 -43.01 10.61
N LYS A 452 -13.24 -43.92 11.29
CA LYS A 452 -14.49 -43.57 11.94
C LYS A 452 -14.24 -43.02 13.33
N ASP A 453 -13.12 -43.41 13.95
CA ASP A 453 -12.85 -42.97 15.32
C ASP A 453 -12.46 -41.50 15.37
N ASN A 454 -11.62 -41.05 14.45
CA ASN A 454 -11.13 -39.68 14.45
C ASN A 454 -11.48 -38.95 13.16
N ARG A 455 -12.66 -39.24 12.61
CA ARG A 455 -13.18 -38.51 11.47
C ARG A 455 -13.28 -37.03 11.77
N GLU A 456 -13.77 -36.69 12.98
CA GLU A 456 -13.83 -35.30 13.37
C GLU A 456 -12.44 -34.69 13.46
N LYS A 457 -11.45 -35.49 13.87
CA LYS A 457 -10.09 -34.95 13.96
C LYS A 457 -9.53 -34.60 12.59
N ILE A 458 -9.70 -35.49 11.60
CA ILE A 458 -9.23 -35.17 10.25
C ILE A 458 -10.00 -33.99 9.68
N GLU A 459 -11.32 -33.98 9.87
CA GLU A 459 -12.13 -32.87 9.37
C GLU A 459 -11.70 -31.55 9.99
N LYS A 460 -11.34 -31.56 11.28
CA LYS A 460 -10.88 -30.33 11.91
C LYS A 460 -9.50 -29.93 11.40
N ILE A 461 -8.65 -30.92 11.10
CA ILE A 461 -7.35 -30.61 10.50
C ILE A 461 -7.54 -29.82 9.22
N LEU A 462 -8.51 -30.22 8.41
CA LEU A 462 -8.80 -29.43 7.22
C LEU A 462 -9.36 -28.07 7.60
N THR A 463 -10.50 -28.04 8.26
CA THR A 463 -11.31 -26.83 8.33
C THR A 463 -10.82 -25.82 9.34
N PHE A 464 -9.79 -26.13 10.12
CA PHE A 464 -9.37 -25.22 11.17
C PHE A 464 -8.61 -24.04 10.60
N ARG A 465 -8.76 -22.88 11.24
CA ARG A 465 -8.03 -21.68 10.86
C ARG A 465 -7.87 -20.79 12.09
N ILE A 466 -6.64 -20.40 12.39
CA ILE A 466 -6.38 -19.51 13.52
C ILE A 466 -7.09 -18.18 13.27
N PRO A 467 -7.92 -17.70 14.18
CA PRO A 467 -8.67 -16.47 13.91
C PRO A 467 -7.72 -15.29 13.77
N TYR A 468 -8.14 -14.31 12.97
CA TYR A 468 -7.24 -13.21 12.66
C TYR A 468 -6.88 -12.40 13.89
N TYR A 469 -7.71 -12.44 14.92
CA TYR A 469 -7.47 -11.66 16.13
C TYR A 469 -6.66 -12.42 17.18
N VAL A 470 -6.18 -13.62 16.88
CA VAL A 470 -5.40 -14.38 17.85
C VAL A 470 -3.91 -14.32 17.55
N GLY A 471 -3.52 -14.20 16.30
CA GLY A 471 -2.13 -13.93 15.97
C GLY A 471 -1.26 -15.14 16.15
N PRO A 472 0.05 -14.97 15.94
CA PRO A 472 0.97 -16.11 16.03
C PRO A 472 1.00 -16.66 17.44
N LEU A 473 0.97 -17.99 17.52
CA LEU A 473 0.81 -18.66 18.81
C LEU A 473 2.15 -18.80 19.53
N ALA A 474 2.82 -17.69 19.78
CA ALA A 474 4.12 -17.73 20.42
C ALA A 474 3.96 -17.86 21.93
N ARG A 475 5.11 -18.04 22.60
CA ARG A 475 5.18 -18.17 24.05
C ARG A 475 6.19 -17.21 24.62
N GLY A 476 6.07 -15.93 24.25
CA GLY A 476 6.89 -14.89 24.82
C GLY A 476 8.22 -14.66 24.14
N ASN A 477 8.39 -15.12 22.90
CA ASN A 477 9.65 -14.95 22.21
C ASN A 477 9.50 -14.31 20.85
N SER A 478 8.31 -13.81 20.54
CA SER A 478 8.04 -13.13 19.28
C SER A 478 7.47 -11.75 19.59
N ARG A 479 8.03 -10.73 18.95
CA ARG A 479 7.57 -9.38 19.21
C ARG A 479 6.23 -9.07 18.56
N PHE A 480 5.71 -9.95 17.72
CA PHE A 480 4.43 -9.75 17.09
C PHE A 480 3.28 -10.39 17.85
N ALA A 481 3.57 -11.20 18.85
CA ALA A 481 2.55 -12.03 19.48
C ALA A 481 1.88 -11.30 20.63
N TRP A 482 0.56 -11.29 20.59
CA TRP A 482 -0.24 -10.81 21.71
C TRP A 482 -1.14 -11.91 22.26
N MET A 483 -1.00 -13.14 21.79
CA MET A 483 -1.83 -14.24 22.25
C MET A 483 -1.54 -14.54 23.72
N THR A 484 -2.60 -14.85 24.46
CA THR A 484 -2.47 -15.30 25.84
C THR A 484 -3.25 -16.59 26.01
N ARG A 485 -2.73 -17.49 26.83
CA ARG A 485 -3.19 -18.86 26.86
C ARG A 485 -3.60 -19.28 28.27
N LYS A 486 -4.61 -20.14 28.34
CA LYS A 486 -5.14 -20.62 29.62
C LYS A 486 -4.30 -21.73 30.23
N SER A 487 -3.40 -22.33 29.47
CA SER A 487 -2.60 -23.44 29.97
C SER A 487 -1.34 -23.57 29.13
N GLU A 488 -0.40 -24.35 29.63
CA GLU A 488 0.88 -24.50 28.94
C GLU A 488 0.90 -25.67 27.96
N GLU A 489 -0.25 -26.18 27.55
CA GLU A 489 -0.30 -27.29 26.61
C GLU A 489 0.22 -26.86 25.25
N THR A 490 0.76 -27.82 24.50
CA THR A 490 1.05 -27.56 23.10
C THR A 490 -0.25 -27.45 22.32
N ILE A 491 -0.35 -26.42 21.51
CA ILE A 491 -1.60 -26.14 20.83
C ILE A 491 -1.70 -26.97 19.57
N THR A 492 -2.84 -27.64 19.43
CA THR A 492 -3.20 -28.37 18.22
C THR A 492 -4.58 -27.91 17.82
N PRO A 493 -4.97 -28.12 16.56
CA PRO A 493 -6.30 -27.63 16.13
C PRO A 493 -7.46 -28.23 16.89
N TRP A 494 -7.27 -29.37 17.56
CA TRP A 494 -8.39 -29.98 18.26
C TRP A 494 -8.63 -29.38 19.63
N ASN A 495 -7.60 -28.83 20.28
CA ASN A 495 -7.75 -28.22 21.59
C ASN A 495 -7.50 -26.71 21.60
N PHE A 496 -7.56 -26.06 20.43
CA PHE A 496 -7.34 -24.63 20.35
C PHE A 496 -8.36 -23.86 21.17
N GLU A 497 -9.64 -24.21 21.02
CA GLU A 497 -10.70 -23.53 21.74
C GLU A 497 -10.54 -23.65 23.25
N GLU A 498 -10.04 -24.78 23.73
CA GLU A 498 -9.85 -25.00 25.15
C GLU A 498 -8.56 -24.40 25.70
N VAL A 499 -7.56 -24.21 24.85
CA VAL A 499 -6.28 -23.68 25.31
C VAL A 499 -6.19 -22.17 25.20
N VAL A 500 -6.46 -21.58 24.04
CA VAL A 500 -6.22 -20.16 23.82
C VAL A 500 -7.38 -19.36 24.38
N ASP A 501 -7.05 -18.33 25.16
CA ASP A 501 -8.05 -17.44 25.76
C ASP A 501 -8.46 -16.42 24.71
N LYS A 502 -9.53 -16.73 23.97
CA LYS A 502 -9.92 -15.90 22.85
C LYS A 502 -10.43 -14.54 23.31
N GLY A 503 -11.08 -14.47 24.46
CA GLY A 503 -11.57 -13.20 24.96
C GLY A 503 -10.48 -12.17 25.17
N ALA A 504 -9.51 -12.53 26.00
CA ALA A 504 -8.39 -11.63 26.26
C ALA A 504 -7.56 -11.41 25.01
N SER A 505 -7.41 -12.44 24.17
CA SER A 505 -6.62 -12.27 22.96
C SER A 505 -7.26 -11.28 22.00
N ALA A 506 -8.57 -11.36 21.82
CA ALA A 506 -9.23 -10.41 20.94
C ALA A 506 -9.25 -9.02 21.53
N GLN A 507 -9.36 -8.90 22.86
CA GLN A 507 -9.30 -7.58 23.46
C GLN A 507 -7.92 -6.95 23.23
N SER A 508 -6.87 -7.73 23.42
CA SER A 508 -5.53 -7.21 23.18
C SER A 508 -5.28 -6.92 21.71
N PHE A 509 -5.98 -7.61 20.81
CA PHE A 509 -5.77 -7.38 19.38
C PHE A 509 -6.12 -5.94 18.99
N ILE A 510 -7.10 -5.34 19.65
CA ILE A 510 -7.40 -3.94 19.41
C ILE A 510 -6.65 -3.03 20.37
N GLU A 511 -6.56 -3.40 21.65
CA GLU A 511 -5.93 -2.51 22.62
C GLU A 511 -4.44 -2.33 22.37
N ARG A 512 -3.78 -3.24 21.67
CA ARG A 512 -2.37 -3.06 21.43
C ARG A 512 -2.08 -2.05 20.33
N MET A 513 -3.09 -1.60 19.60
CA MET A 513 -2.86 -0.64 18.54
C MET A 513 -3.53 0.71 18.74
N THR A 514 -4.54 0.81 19.60
CA THR A 514 -5.21 2.09 19.78
C THR A 514 -4.28 3.09 20.45
N ASN A 515 -4.40 4.35 20.03
CA ASN A 515 -3.55 5.40 20.55
C ASN A 515 -3.98 5.81 21.95
N PHE A 516 -2.99 6.12 22.78
CA PHE A 516 -3.25 6.72 24.07
C PHE A 516 -3.80 8.14 23.86
N ASP A 517 -4.44 8.66 24.89
CA ASP A 517 -4.84 10.06 24.84
C ASP A 517 -3.59 10.91 24.92
N LYS A 518 -3.42 11.80 23.94
CA LYS A 518 -2.20 12.58 23.82
C LYS A 518 -2.01 13.55 24.98
N ASN A 519 -3.10 13.93 25.65
CA ASN A 519 -3.03 14.76 26.85
C ASN A 519 -2.75 13.94 28.10
N LEU A 520 -3.37 12.78 28.24
CA LEU A 520 -3.27 11.93 29.42
C LEU A 520 -2.68 10.59 29.00
N PRO A 521 -1.35 10.47 28.95
CA PRO A 521 -0.74 9.30 28.28
C PRO A 521 -0.94 7.97 29.00
N ASN A 522 -1.65 7.93 30.13
CA ASN A 522 -1.99 6.66 30.75
C ASN A 522 -3.44 6.27 30.55
N GLU A 523 -4.11 6.82 29.54
CA GLU A 523 -5.51 6.55 29.27
C GLU A 523 -5.67 6.07 27.84
N LYS A 524 -6.55 5.10 27.64
CA LYS A 524 -6.93 4.69 26.29
C LYS A 524 -8.09 5.56 25.80
N VAL A 525 -8.10 5.86 24.51
CA VAL A 525 -9.13 6.74 23.98
C VAL A 525 -10.47 6.01 23.93
N LEU A 526 -11.52 6.80 23.74
CA LEU A 526 -12.87 6.25 23.64
C LEU A 526 -13.17 5.81 22.20
N PRO A 527 -14.14 4.92 22.02
CA PRO A 527 -14.63 4.66 20.66
C PRO A 527 -15.22 5.91 20.07
N LYS A 528 -15.01 6.09 18.76
CA LYS A 528 -15.48 7.31 18.11
C LYS A 528 -16.99 7.40 18.14
N HIS A 529 -17.67 6.27 18.13
CA HIS A 529 -19.12 6.27 18.21
C HIS A 529 -19.63 6.13 19.64
N SER A 530 -18.87 6.55 20.64
CA SER A 530 -19.34 6.41 22.01
C SER A 530 -20.19 7.59 22.42
N LEU A 531 -21.05 7.38 23.41
CA LEU A 531 -22.03 8.38 23.79
C LEU A 531 -21.39 9.59 24.45
N LEU A 532 -20.43 9.36 25.36
CA LEU A 532 -19.73 10.47 25.98
C LEU A 532 -18.98 11.30 24.94
N TYR A 533 -18.33 10.63 24.00
CA TYR A 533 -17.66 11.36 22.93
C TYR A 533 -18.64 12.17 22.09
N GLU A 534 -19.80 11.60 21.78
CA GLU A 534 -20.73 12.33 20.91
C GLU A 534 -21.35 13.51 21.65
N TYR A 535 -21.66 13.35 22.93
CA TYR A 535 -22.13 14.48 23.72
C TYR A 535 -21.08 15.56 23.82
N PHE A 536 -19.83 15.15 24.04
CA PHE A 536 -18.73 16.11 24.04
C PHE A 536 -18.68 16.87 22.72
N THR A 537 -18.78 16.15 21.60
CA THR A 537 -18.63 16.79 20.31
C THR A 537 -19.76 17.76 20.01
N VAL A 538 -21.01 17.36 20.28
CA VAL A 538 -22.12 18.25 19.99
C VAL A 538 -22.07 19.48 20.89
N TYR A 539 -21.76 19.31 22.18
CA TYR A 539 -21.72 20.48 23.03
C TYR A 539 -20.51 21.36 22.73
N ASN A 540 -19.36 20.77 22.40
CA ASN A 540 -18.19 21.56 22.08
C ASN A 540 -18.41 22.39 20.83
N GLU A 541 -19.02 21.79 19.80
CA GLU A 541 -19.25 22.52 18.57
C GLU A 541 -20.42 23.49 18.72
N LEU A 542 -21.30 23.24 19.70
CA LEU A 542 -22.53 24.01 19.77
C LEU A 542 -22.48 25.13 20.80
N THR A 543 -21.58 25.07 21.79
CA THR A 543 -21.60 26.11 22.81
C THR A 543 -20.99 27.40 22.29
N LYS A 544 -20.34 27.37 21.12
CA LYS A 544 -19.73 28.55 20.54
C LYS A 544 -20.57 29.17 19.44
N VAL A 545 -21.76 28.66 19.16
CA VAL A 545 -22.60 29.29 18.15
C VAL A 545 -23.12 30.60 18.72
N LYS A 546 -23.26 31.59 17.86
CA LYS A 546 -23.76 32.90 18.26
C LYS A 546 -25.04 33.20 17.48
N TYR A 547 -26.02 33.76 18.18
CA TYR A 547 -27.28 34.15 17.55
C TYR A 547 -27.49 35.63 17.79
N VAL A 548 -28.29 36.25 16.92
CA VAL A 548 -28.61 37.67 17.07
C VAL A 548 -30.03 37.89 16.58
N THR A 549 -30.72 38.82 17.24
CA THR A 549 -32.06 39.23 16.85
C THR A 549 -32.03 40.72 16.55
N GLU A 550 -33.17 41.24 16.08
CA GLU A 550 -33.27 42.67 15.82
C GLU A 550 -33.26 43.48 17.11
N GLY A 551 -33.86 42.95 18.17
CA GLY A 551 -34.02 43.69 19.41
C GLY A 551 -32.73 44.02 20.14
N MET A 552 -31.91 43.00 20.43
CA MET A 552 -30.73 43.23 21.23
C MET A 552 -29.59 43.81 20.39
N ARG A 553 -28.46 44.06 21.03
CA ARG A 553 -27.42 44.89 20.41
C ARG A 553 -26.40 44.07 19.63
N LYS A 554 -25.95 42.94 20.16
CA LYS A 554 -24.80 42.26 19.59
C LYS A 554 -25.01 40.76 19.73
N PRO A 555 -24.33 39.96 18.91
CA PRO A 555 -24.44 38.50 19.06
C PRO A 555 -23.87 38.03 20.40
N ALA A 556 -24.46 36.95 20.91
CA ALA A 556 -24.04 36.33 22.15
C ALA A 556 -24.29 34.83 22.05
N PHE A 557 -23.64 34.08 22.94
CA PHE A 557 -23.79 32.64 22.91
C PHE A 557 -25.16 32.22 23.43
N LEU A 558 -25.43 30.92 23.30
CA LEU A 558 -26.64 30.36 23.90
C LEU A 558 -26.46 30.26 25.41
N SER A 559 -27.58 30.26 26.12
CA SER A 559 -27.54 29.94 27.53
C SER A 559 -27.48 28.43 27.71
N GLY A 560 -27.17 28.00 28.94
CA GLY A 560 -27.14 26.59 29.24
C GLY A 560 -28.49 25.93 29.05
N GLU A 561 -29.55 26.61 29.49
CA GLU A 561 -30.90 26.07 29.31
C GLU A 561 -31.27 26.00 27.84
N GLN A 562 -30.84 27.00 27.05
CA GLN A 562 -31.10 26.95 25.63
C GLN A 562 -30.38 25.78 24.98
N LYS A 563 -29.13 25.52 25.38
CA LYS A 563 -28.40 24.37 24.84
C LYS A 563 -29.11 23.07 25.21
N LYS A 564 -29.56 22.96 26.45
CA LYS A 564 -30.32 21.79 26.90
C LYS A 564 -31.56 21.59 26.04
N ALA A 565 -32.30 22.67 25.81
CA ALA A 565 -33.53 22.58 25.03
C ALA A 565 -33.24 22.17 23.59
N ILE A 566 -32.18 22.74 22.99
CA ILE A 566 -31.84 22.40 21.61
C ILE A 566 -31.47 20.93 21.48
N VAL A 567 -30.58 20.43 22.34
CA VAL A 567 -30.19 19.03 22.21
C VAL A 567 -31.40 18.13 22.43
N ASP A 568 -32.16 18.37 23.51
CA ASP A 568 -33.27 17.48 23.85
C ASP A 568 -34.41 17.57 22.86
N LEU A 569 -34.50 18.67 22.11
CA LEU A 569 -35.60 18.81 21.17
C LEU A 569 -35.21 18.24 19.80
N LEU A 570 -34.13 18.74 19.21
CA LEU A 570 -33.86 18.31 17.85
C LEU A 570 -32.53 17.59 17.66
N PHE A 571 -31.59 17.65 18.62
CA PHE A 571 -30.38 16.88 18.41
C PHE A 571 -30.55 15.44 18.89
N LYS A 572 -31.50 15.21 19.78
CA LYS A 572 -31.86 13.84 20.13
C LYS A 572 -32.96 13.28 19.26
N THR A 573 -33.52 14.07 18.34
CA THR A 573 -34.63 13.59 17.51
C THR A 573 -34.39 13.73 16.02
N ASN A 574 -33.23 14.19 15.57
CA ASN A 574 -32.88 14.16 14.16
C ASN A 574 -31.42 13.78 14.02
N ARG A 575 -31.11 12.98 13.01
CA ARG A 575 -29.76 12.47 12.87
C ARG A 575 -28.77 13.57 12.51
N LYS A 576 -29.17 14.51 11.67
CA LYS A 576 -28.37 15.67 11.34
C LYS A 576 -29.21 16.92 11.53
N VAL A 577 -28.57 18.03 11.90
CA VAL A 577 -29.25 19.29 12.15
C VAL A 577 -28.69 20.33 11.20
N THR A 578 -29.57 20.96 10.43
CA THR A 578 -29.18 22.04 9.55
C THR A 578 -29.51 23.38 10.19
N VAL A 579 -28.95 24.44 9.62
CA VAL A 579 -29.20 25.79 10.12
C VAL A 579 -30.67 26.14 9.99
N LYS A 580 -31.29 25.80 8.86
CA LYS A 580 -32.71 26.07 8.68
C LYS A 580 -33.55 25.30 9.69
N GLN A 581 -33.19 24.03 9.93
CA GLN A 581 -33.90 23.25 10.93
C GLN A 581 -33.78 23.89 12.30
N LEU A 582 -32.58 24.38 12.64
CA LEU A 582 -32.40 25.04 13.93
C LEU A 582 -33.23 26.31 14.01
N LYS A 583 -33.25 27.10 12.94
CA LYS A 583 -33.88 28.40 13.01
C LYS A 583 -35.40 28.31 13.04
N GLU A 584 -36.00 27.50 12.16
CA GLU A 584 -37.46 27.34 12.21
C GLU A 584 -37.88 26.48 13.41
N ASP A 585 -37.19 25.36 13.64
CA ASP A 585 -37.68 24.38 14.59
C ASP A 585 -37.49 24.83 16.03
N TYR A 586 -36.41 25.54 16.33
CA TYR A 586 -36.19 26.03 17.70
C TYR A 586 -36.67 27.46 17.86
N PHE A 587 -36.08 28.40 17.13
CA PHE A 587 -36.32 29.81 17.40
C PHE A 587 -37.72 30.26 17.00
N LYS A 588 -38.24 29.76 15.89
CA LYS A 588 -39.53 30.21 15.38
C LYS A 588 -40.71 29.62 16.12
N LYS A 589 -40.49 28.62 16.97
CA LYS A 589 -41.54 28.00 17.76
C LYS A 589 -41.31 28.08 19.25
N ILE A 590 -40.05 28.04 19.69
CA ILE A 590 -39.70 28.14 21.10
C ILE A 590 -38.93 29.43 21.29
N GLU A 591 -39.34 30.22 22.29
CA GLU A 591 -38.84 31.59 22.44
C GLU A 591 -39.02 32.36 21.14
N CYS A 592 -40.29 32.53 20.74
CA CYS A 592 -40.62 32.85 19.37
C CYS A 592 -40.04 34.19 18.93
N PHE A 593 -39.26 34.15 17.86
CA PHE A 593 -38.74 35.34 17.20
C PHE A 593 -39.10 35.29 15.73
N ASP A 594 -39.28 36.47 15.14
CA ASP A 594 -39.69 36.55 13.74
C ASP A 594 -38.61 36.02 12.81
N SER A 595 -37.36 36.40 13.04
CA SER A 595 -36.23 35.90 12.28
C SER A 595 -34.95 36.13 13.08
N VAL A 596 -34.07 35.13 13.04
CA VAL A 596 -32.82 35.16 13.79
C VAL A 596 -31.70 34.72 12.87
N GLU A 597 -30.57 35.40 12.96
CA GLU A 597 -29.39 35.05 12.18
C GLU A 597 -28.46 34.21 13.05
N ILE A 598 -27.95 33.12 12.48
CA ILE A 598 -27.14 32.15 13.20
C ILE A 598 -25.72 32.20 12.67
N SER A 599 -24.77 32.45 13.56
CA SER A 599 -23.38 32.59 13.16
C SER A 599 -22.55 31.57 13.91
N GLY A 600 -21.54 31.03 13.23
CA GLY A 600 -20.73 29.96 13.76
C GLY A 600 -20.89 28.63 13.05
N VAL A 601 -21.98 28.44 12.30
CA VAL A 601 -22.16 27.27 11.45
C VAL A 601 -22.65 27.76 10.09
N GLU A 602 -22.38 26.97 9.06
CA GLU A 602 -22.70 27.44 7.70
C GLU A 602 -24.06 26.97 7.21
N ASP A 603 -24.24 25.67 7.04
CA ASP A 603 -25.52 25.13 6.61
C ASP A 603 -25.98 23.92 7.42
N ARG A 604 -25.06 23.04 7.82
CA ARG A 604 -25.41 21.84 8.55
C ARG A 604 -24.31 21.57 9.57
N PHE A 605 -24.68 20.90 10.65
CA PHE A 605 -23.77 20.78 11.79
C PHE A 605 -22.78 19.64 11.61
N ASN A 606 -21.53 19.90 12.01
CA ASN A 606 -20.49 18.89 11.88
C ASN A 606 -20.64 17.80 12.93
N ALA A 607 -21.38 18.07 14.00
CA ALA A 607 -21.57 17.08 15.04
C ALA A 607 -22.92 16.38 14.89
N SER A 608 -23.04 15.22 15.51
CA SER A 608 -24.28 14.46 15.48
C SER A 608 -24.29 13.48 16.64
N LEU A 609 -25.47 12.94 16.92
CA LEU A 609 -25.66 11.95 17.98
C LEU A 609 -25.96 10.57 17.42
N GLY A 610 -25.20 10.17 16.40
CA GLY A 610 -25.55 9.00 15.62
C GLY A 610 -25.68 7.72 16.44
N THR A 611 -24.80 7.54 17.42
CA THR A 611 -24.94 6.39 18.31
C THR A 611 -26.24 6.45 19.10
N TYR A 612 -26.60 7.63 19.60
CA TYR A 612 -27.84 7.76 20.34
C TYR A 612 -29.04 7.46 19.46
N HIS A 613 -29.01 7.92 18.20
CA HIS A 613 -30.15 7.61 17.33
C HIS A 613 -30.20 6.13 16.98
N ASP A 614 -29.05 5.51 16.76
CA ASP A 614 -29.04 4.07 16.50
C ASP A 614 -29.60 3.30 17.68
N LEU A 615 -29.20 3.69 18.89
CA LEU A 615 -29.68 2.98 20.07
C LEU A 615 -31.12 3.38 20.39
N LEU A 616 -31.61 4.47 19.83
CA LEU A 616 -33.03 4.77 19.96
C LEU A 616 -33.87 3.93 19.02
N LYS A 617 -33.33 3.63 17.83
CA LYS A 617 -34.06 2.80 16.88
C LYS A 617 -34.19 1.36 17.37
N ILE A 618 -33.31 0.93 18.28
CA ILE A 618 -33.37 -0.42 18.82
C ILE A 618 -33.97 -0.41 20.21
N ILE A 619 -33.31 0.29 21.13
CA ILE A 619 -33.81 0.47 22.47
C ILE A 619 -34.98 1.44 22.39
N LYS A 620 -36.20 0.92 22.39
CA LYS A 620 -37.35 1.80 22.24
C LYS A 620 -37.55 2.68 23.46
N ASP A 621 -36.90 2.34 24.58
CA ASP A 621 -37.04 3.08 25.83
C ASP A 621 -36.10 4.27 25.78
N LYS A 622 -36.64 5.43 25.37
CA LYS A 622 -35.83 6.64 25.28
C LYS A 622 -35.40 7.12 26.66
N ASP A 623 -36.25 6.93 27.67
CA ASP A 623 -35.91 7.37 29.01
C ASP A 623 -34.77 6.55 29.60
N PHE A 624 -34.61 5.31 29.14
CA PHE A 624 -33.43 4.54 29.53
C PHE A 624 -32.15 5.18 29.05
N LEU A 625 -32.13 5.66 27.80
CA LEU A 625 -30.97 6.39 27.29
C LEU A 625 -30.80 7.74 27.98
N ASP A 626 -31.90 8.38 28.35
CA ASP A 626 -31.85 9.65 29.06
C ASP A 626 -31.39 9.51 30.50
N ASN A 627 -31.51 8.31 31.09
CA ASN A 627 -31.12 8.11 32.47
C ASN A 627 -29.61 8.29 32.64
N GLU A 628 -29.21 8.68 33.84
CA GLU A 628 -27.80 8.95 34.11
C GLU A 628 -27.08 7.79 34.79
N GLU A 629 -27.78 7.02 35.62
CA GLU A 629 -27.13 5.95 36.37
C GLU A 629 -26.63 4.83 35.46
N ASN A 630 -27.16 4.75 34.24
CA ASN A 630 -26.79 3.70 33.31
C ASN A 630 -25.74 4.12 32.31
N GLU A 631 -25.11 5.28 32.48
CA GLU A 631 -24.13 5.74 31.51
C GLU A 631 -22.94 4.80 31.44
N ASP A 632 -22.52 4.25 32.58
CA ASP A 632 -21.47 3.23 32.56
C ASP A 632 -21.90 2.01 31.78
N ILE A 633 -23.16 1.59 31.94
CA ILE A 633 -23.68 0.44 31.18
C ILE A 633 -23.67 0.71 29.69
N LEU A 634 -24.13 1.89 29.26
CA LEU A 634 -24.17 2.17 27.84
C LEU A 634 -22.76 2.30 27.27
N GLU A 635 -21.84 2.87 28.04
CA GLU A 635 -20.45 2.93 27.59
C GLU A 635 -19.85 1.54 27.48
N ASP A 636 -20.18 0.65 28.41
CA ASP A 636 -19.69 -0.72 28.30
C ASP A 636 -20.25 -1.41 27.06
N ILE A 637 -21.52 -1.14 26.74
CA ILE A 637 -22.13 -1.71 25.54
C ILE A 637 -21.39 -1.24 24.30
N VAL A 638 -21.15 0.07 24.20
CA VAL A 638 -20.47 0.60 23.02
C VAL A 638 -19.04 0.12 22.98
N LEU A 639 -18.39 -0.03 24.13
CA LEU A 639 -17.02 -0.54 24.16
C LEU A 639 -16.97 -1.97 23.66
N THR A 640 -17.93 -2.80 24.05
CA THR A 640 -17.96 -4.17 23.58
C THR A 640 -18.20 -4.22 22.08
N LEU A 641 -19.18 -3.44 21.59
CA LEU A 641 -19.47 -3.45 20.17
C LEU A 641 -18.32 -2.88 19.34
N THR A 642 -17.46 -2.05 19.93
CA THR A 642 -16.32 -1.55 19.18
C THR A 642 -15.13 -2.49 19.23
N LEU A 643 -14.89 -3.11 20.38
CA LEU A 643 -13.78 -4.05 20.50
C LEU A 643 -14.06 -5.33 19.72
N PHE A 644 -15.07 -6.07 20.15
CA PHE A 644 -15.30 -7.42 19.64
C PHE A 644 -16.27 -7.38 18.49
N GLU A 645 -15.97 -8.14 17.45
CA GLU A 645 -16.91 -8.30 16.35
C GLU A 645 -17.34 -9.74 16.12
N ASP A 646 -16.76 -10.71 16.82
CA ASP A 646 -17.23 -12.09 16.77
C ASP A 646 -18.60 -12.16 17.43
N ARG A 647 -19.48 -12.94 16.81
CA ARG A 647 -20.89 -12.96 17.18
C ARG A 647 -21.06 -13.56 18.57
N GLU A 648 -20.46 -14.74 18.78
CA GLU A 648 -20.47 -15.41 20.07
C GLU A 648 -19.80 -14.59 21.15
N MET A 649 -18.71 -13.90 20.81
CA MET A 649 -18.01 -13.07 21.78
C MET A 649 -18.84 -11.88 22.22
N ILE A 650 -19.55 -11.26 21.29
CA ILE A 650 -20.46 -10.17 21.66
C ILE A 650 -21.53 -10.68 22.61
N GLU A 651 -22.09 -11.85 22.33
CA GLU A 651 -23.01 -12.46 23.29
C GLU A 651 -22.36 -12.80 24.62
N GLU A 652 -21.13 -13.29 24.61
CA GLU A 652 -20.49 -13.63 25.88
C GLU A 652 -20.28 -12.39 26.73
N ARG A 653 -19.83 -11.29 26.12
CA ARG A 653 -19.59 -10.06 26.88
C ARG A 653 -20.89 -9.38 27.29
N LEU A 654 -21.86 -9.27 26.37
CA LEU A 654 -23.10 -8.56 26.69
C LEU A 654 -24.09 -9.44 27.42
N LYS A 655 -23.74 -10.71 27.65
CA LYS A 655 -24.66 -11.64 28.29
C LYS A 655 -24.92 -11.23 29.73
N THR A 656 -24.00 -10.45 30.32
CA THR A 656 -24.22 -9.92 31.65
C THR A 656 -25.36 -8.90 31.67
N TYR A 657 -25.79 -8.43 30.51
CA TYR A 657 -26.91 -7.50 30.42
C TYR A 657 -28.20 -8.20 30.03
N ALA A 658 -28.33 -9.49 30.29
CA ALA A 658 -29.53 -10.23 29.92
C ALA A 658 -30.76 -9.72 30.67
N HIS A 659 -30.64 -9.46 31.96
CA HIS A 659 -31.79 -9.03 32.75
C HIS A 659 -32.18 -7.58 32.50
N LEU A 660 -31.36 -6.82 31.81
CA LEU A 660 -31.70 -5.44 31.48
C LEU A 660 -32.70 -5.33 30.35
N PHE A 661 -32.67 -6.26 29.39
CA PHE A 661 -33.33 -6.04 28.12
C PHE A 661 -34.06 -7.26 27.61
N ASP A 662 -34.93 -7.02 26.65
CA ASP A 662 -35.66 -8.09 25.97
C ASP A 662 -34.70 -8.95 25.17
N ASP A 663 -35.09 -10.21 24.96
CA ASP A 663 -34.27 -11.11 24.17
C ASP A 663 -34.14 -10.62 22.74
N LYS A 664 -35.23 -10.14 22.15
CA LYS A 664 -35.18 -9.63 20.78
C LYS A 664 -34.31 -8.37 20.69
N VAL A 665 -34.37 -7.53 21.72
CA VAL A 665 -33.49 -6.38 21.78
C VAL A 665 -32.03 -6.82 21.82
N MET A 666 -31.73 -7.86 22.61
CA MET A 666 -30.37 -8.39 22.63
C MET A 666 -29.96 -8.97 21.28
N LYS A 667 -30.91 -9.62 20.59
CA LYS A 667 -30.68 -10.09 19.24
C LYS A 667 -30.27 -8.96 18.32
N GLN A 668 -30.95 -7.82 18.43
CA GLN A 668 -30.61 -6.71 17.55
C GLN A 668 -29.30 -6.03 17.98
N LEU A 669 -29.03 -5.97 19.28
CA LEU A 669 -27.76 -5.42 19.74
C LEU A 669 -26.57 -6.23 19.26
N LYS A 670 -26.71 -7.55 19.16
CA LYS A 670 -25.51 -8.28 18.72
C LYS A 670 -25.29 -8.19 17.23
N ARG A 671 -26.06 -7.35 16.52
CA ARG A 671 -25.85 -7.17 15.10
C ARG A 671 -25.15 -5.87 14.76
N ARG A 672 -25.07 -4.94 15.71
CA ARG A 672 -24.60 -3.59 15.42
C ARG A 672 -23.09 -3.54 15.65
N ARG A 673 -22.36 -3.50 14.54
CA ARG A 673 -20.92 -3.37 14.58
C ARG A 673 -20.51 -1.90 14.57
N TYR A 674 -19.61 -1.55 15.49
CA TYR A 674 -19.00 -0.23 15.52
C TYR A 674 -17.51 -0.37 15.32
N THR A 675 -16.90 0.68 14.76
CA THR A 675 -15.46 0.67 14.54
C THR A 675 -14.95 2.09 14.57
N GLY A 676 -13.68 2.23 14.87
CA GLY A 676 -13.03 3.52 14.92
C GLY A 676 -12.96 4.07 16.33
N TRP A 677 -11.81 4.64 16.67
CA TRP A 677 -11.57 5.17 18.00
C TRP A 677 -11.33 6.67 17.93
N GLY A 678 -11.72 7.37 18.99
CA GLY A 678 -11.61 8.80 19.03
C GLY A 678 -10.23 9.28 19.43
N ARG A 679 -10.15 10.56 19.77
CA ARG A 679 -8.90 11.20 20.14
C ARG A 679 -8.84 11.62 21.60
N LEU A 680 -9.85 11.31 22.40
CA LEU A 680 -9.93 11.74 23.78
C LEU A 680 -10.27 10.59 24.70
N SER A 681 -10.00 10.77 25.98
CA SER A 681 -10.25 9.72 26.94
C SER A 681 -11.45 10.05 27.82
N ARG A 682 -12.03 8.99 28.40
CA ARG A 682 -13.15 9.16 29.32
C ARG A 682 -12.75 10.03 30.50
N LYS A 683 -11.54 9.80 31.03
CA LYS A 683 -11.07 10.56 32.17
C LYS A 683 -10.96 12.05 31.84
N LEU A 684 -10.51 12.37 30.62
CA LEU A 684 -10.35 13.77 30.27
C LEU A 684 -11.69 14.44 29.99
N ILE A 685 -12.62 13.73 29.37
CA ILE A 685 -13.84 14.44 28.98
C ILE A 685 -14.89 14.40 30.07
N ASN A 686 -14.81 13.45 31.02
CA ASN A 686 -15.82 13.45 32.08
C ASN A 686 -15.28 13.06 33.45
N GLY A 687 -13.98 12.83 33.61
CA GLY A 687 -13.47 12.27 34.84
C GLY A 687 -12.81 13.25 35.80
N ILE A 688 -11.87 14.05 35.31
CA ILE A 688 -11.18 14.98 36.22
C ILE A 688 -12.08 16.18 36.48
N ARG A 689 -11.99 16.70 37.69
CA ARG A 689 -12.88 17.77 38.15
C ARG A 689 -12.04 18.92 38.68
N ASP A 690 -12.46 20.14 38.35
CA ASP A 690 -11.81 21.31 38.90
C ASP A 690 -12.14 21.43 40.39
N LYS A 691 -11.10 21.43 41.22
CA LYS A 691 -11.31 21.38 42.66
C LYS A 691 -12.04 22.60 43.19
N GLN A 692 -11.87 23.75 42.53
CA GLN A 692 -12.62 24.93 42.92
C GLN A 692 -14.10 24.75 42.63
N SER A 693 -14.44 24.16 41.49
CA SER A 693 -15.82 24.08 41.05
C SER A 693 -16.46 22.71 41.25
N GLY A 694 -15.76 21.65 40.87
CA GLY A 694 -16.32 20.31 40.92
C GLY A 694 -16.90 19.81 39.61
N LYS A 695 -16.87 20.62 38.56
CA LYS A 695 -17.41 20.21 37.27
C LYS A 695 -16.34 19.49 36.46
N THR A 696 -16.80 18.74 35.45
CA THR A 696 -15.91 18.16 34.47
C THR A 696 -15.99 18.96 33.17
N ILE A 697 -15.23 18.50 32.18
CA ILE A 697 -15.20 19.18 30.88
C ILE A 697 -16.59 19.22 30.27
N LEU A 698 -17.27 18.07 30.24
CA LEU A 698 -18.60 18.01 29.66
C LEU A 698 -19.58 18.89 30.42
N ASP A 699 -19.44 18.96 31.75
CA ASP A 699 -20.31 19.83 32.53
C ASP A 699 -20.08 21.29 32.20
N PHE A 700 -18.81 21.70 32.05
CA PHE A 700 -18.52 23.07 31.66
C PHE A 700 -19.07 23.37 30.28
N LEU A 701 -18.98 22.42 29.36
CA LEU A 701 -19.59 22.62 28.05
C LEU A 701 -21.10 22.78 28.16
N LYS A 702 -21.73 22.00 29.03
CA LYS A 702 -23.18 22.03 29.12
C LYS A 702 -23.67 23.31 29.78
N SER A 703 -22.89 23.89 30.69
CA SER A 703 -23.27 25.13 31.36
C SER A 703 -22.04 25.79 31.95
N ASP A 704 -21.68 26.96 31.43
CA ASP A 704 -20.64 27.80 32.02
C ASP A 704 -21.07 29.26 32.02
N GLY A 705 -22.32 29.49 32.38
CA GLY A 705 -22.83 30.84 32.56
C GLY A 705 -22.80 31.70 31.32
N PHE A 706 -21.89 32.68 31.30
CA PHE A 706 -21.83 33.66 30.24
C PHE A 706 -20.55 33.59 29.42
N ALA A 707 -19.58 32.75 29.82
CA ALA A 707 -18.32 32.69 29.09
C ALA A 707 -18.35 31.65 27.97
N ASN A 708 -18.83 30.44 28.27
CA ASN A 708 -19.02 29.38 27.28
C ASN A 708 -17.72 29.04 26.56
N ARG A 709 -16.73 28.65 27.33
CA ARG A 709 -15.46 28.19 26.78
C ARG A 709 -15.64 26.82 26.14
N ASN A 710 -14.88 26.56 25.08
CA ASN A 710 -14.89 25.22 24.51
C ASN A 710 -13.77 24.39 25.14
N PHE A 711 -13.48 23.24 24.54
CA PHE A 711 -12.57 22.28 25.17
C PHE A 711 -11.17 22.84 25.33
N MET A 712 -10.60 23.37 24.26
CA MET A 712 -9.27 23.97 24.36
C MET A 712 -9.26 25.15 25.31
N GLN A 713 -10.28 26.00 25.22
CA GLN A 713 -10.30 27.20 26.03
C GLN A 713 -10.50 26.85 27.51
N LEU A 714 -10.97 25.63 27.79
CA LEU A 714 -10.99 25.15 29.18
C LEU A 714 -9.65 24.59 29.60
N ILE A 715 -9.03 23.76 28.77
CA ILE A 715 -7.81 23.09 29.20
C ILE A 715 -6.65 24.07 29.25
N HIS A 716 -6.77 25.20 28.53
CA HIS A 716 -5.74 26.22 28.57
C HIS A 716 -6.09 27.40 29.47
N ASP A 717 -7.25 27.39 30.11
CA ASP A 717 -7.57 28.43 31.06
C ASP A 717 -6.79 28.20 32.35
N ASP A 718 -6.00 29.18 32.75
CA ASP A 718 -5.14 29.01 33.92
C ASP A 718 -5.93 28.89 35.21
N SER A 719 -7.09 29.54 35.30
CA SER A 719 -7.87 29.53 36.54
C SER A 719 -8.46 28.18 36.87
N LEU A 720 -8.42 27.22 35.93
CA LEU A 720 -8.97 25.89 36.13
C LEU A 720 -7.82 24.95 36.43
N THR A 721 -8.09 23.90 37.20
CA THR A 721 -7.03 22.93 37.52
C THR A 721 -6.77 21.96 36.39
N PHE A 722 -7.53 22.03 35.30
CA PHE A 722 -7.33 21.11 34.19
C PHE A 722 -5.96 21.27 33.57
N LYS A 723 -5.50 22.52 33.41
CA LYS A 723 -4.21 22.75 32.76
C LYS A 723 -3.07 22.16 33.57
N GLU A 724 -3.07 22.39 34.87
CA GLU A 724 -1.99 21.86 35.70
C GLU A 724 -2.11 20.35 35.83
N ASP A 725 -3.34 19.81 35.84
CA ASP A 725 -3.50 18.35 35.90
C ASP A 725 -3.08 17.69 34.60
N ILE A 726 -3.19 18.39 33.48
CA ILE A 726 -2.65 17.88 32.22
C ILE A 726 -1.13 17.93 32.24
N GLN A 727 -0.57 19.06 32.70
CA GLN A 727 0.88 19.23 32.70
C GLN A 727 1.57 18.21 33.61
N LYS A 728 1.01 17.99 34.80
CA LYS A 728 1.63 17.07 35.75
C LYS A 728 1.46 15.62 35.33
N ALA A 729 0.54 15.34 34.41
CA ALA A 729 0.35 13.96 33.95
C ALA A 729 1.09 13.67 32.66
N GLN A 730 1.81 14.64 32.10
CA GLN A 730 2.62 14.38 30.91
C GLN A 730 3.81 13.49 31.26
N ASP A 736 18.56 6.59 27.90
CA ASP A 736 17.82 7.13 26.76
C ASP A 736 18.73 7.89 25.81
N SER A 737 18.38 7.91 24.53
CA SER A 737 19.13 8.65 23.54
C SER A 737 18.18 9.06 22.43
N LEU A 738 18.72 9.80 21.46
CA LEU A 738 17.91 10.22 20.32
C LEU A 738 17.44 9.02 19.51
N HIS A 739 18.33 8.05 19.30
CA HIS A 739 17.96 6.82 18.61
C HIS A 739 16.87 6.08 19.37
N GLU A 740 16.91 6.16 20.70
CA GLU A 740 15.89 5.48 21.50
C GLU A 740 14.57 6.23 21.45
N HIS A 741 14.60 7.56 21.33
CA HIS A 741 13.36 8.28 21.06
C HIS A 741 12.79 7.93 19.70
N ILE A 742 13.64 7.82 18.68
CA ILE A 742 13.20 7.38 17.36
C ILE A 742 12.57 6.00 17.44
N ALA A 743 13.20 5.09 18.19
CA ALA A 743 12.63 3.77 18.41
C ALA A 743 11.32 3.83 19.17
N ASN A 744 11.13 4.86 19.99
CA ASN A 744 9.85 5.08 20.63
C ASN A 744 8.81 5.58 19.64
N LEU A 745 9.23 6.35 18.64
CA LEU A 745 8.29 6.90 17.68
C LEU A 745 7.66 5.81 16.82
N ALA A 746 6.33 5.84 16.76
CA ALA A 746 5.60 4.87 15.95
C ALA A 746 5.43 5.40 14.54
N GLY A 747 4.74 4.63 13.72
CA GLY A 747 4.54 4.99 12.33
C GLY A 747 5.45 4.22 11.40
N SER A 748 5.75 4.85 10.27
CA SER A 748 6.58 4.23 9.25
C SER A 748 8.01 4.04 9.77
N PRO A 749 8.67 2.95 9.38
CA PRO A 749 10.10 2.84 9.61
C PRO A 749 10.93 3.54 8.56
N ALA A 750 10.32 4.03 7.49
CA ALA A 750 11.09 4.70 6.44
C ALA A 750 11.47 6.12 6.85
N ILE A 751 10.60 6.80 7.59
CA ILE A 751 10.86 8.18 8.01
C ILE A 751 12.03 8.28 8.99
N LYS A 752 12.36 7.18 9.67
CA LYS A 752 13.43 7.20 10.65
C LYS A 752 14.77 7.54 10.01
N LYS A 753 15.02 7.02 8.81
CA LYS A 753 16.27 7.31 8.13
C LYS A 753 16.41 8.79 7.85
N GLY A 754 15.36 9.41 7.29
CA GLY A 754 15.44 10.83 6.97
C GLY A 754 15.62 11.71 8.19
N ILE A 755 14.81 11.46 9.23
CA ILE A 755 14.89 12.30 10.43
C ILE A 755 16.26 12.15 11.08
N LEU A 756 16.76 10.93 11.18
CA LEU A 756 18.00 10.72 11.91
C LEU A 756 19.19 11.27 11.13
N GLN A 757 19.18 11.12 9.80
CA GLN A 757 20.26 11.69 9.01
C GLN A 757 20.30 13.20 9.10
N THR A 758 19.14 13.87 9.03
CA THR A 758 19.22 15.32 9.04
C THR A 758 19.58 15.86 10.42
N VAL A 759 19.16 15.18 11.49
CA VAL A 759 19.59 15.63 12.81
C VAL A 759 21.09 15.41 12.99
N LYS A 760 21.62 14.31 12.45
CA LYS A 760 23.05 14.09 12.54
C LYS A 760 23.83 15.13 11.74
N VAL A 761 23.30 15.54 10.58
CA VAL A 761 23.97 16.57 9.78
C VAL A 761 23.99 17.91 10.52
N VAL A 762 22.87 18.29 11.12
CA VAL A 762 22.84 19.56 11.85
C VAL A 762 23.78 19.51 13.05
N ASP A 763 23.82 18.37 13.74
CA ASP A 763 24.75 18.25 14.86
C ASP A 763 26.18 18.35 14.40
N GLU A 764 26.50 17.81 13.23
CA GLU A 764 27.85 17.95 12.71
C GLU A 764 28.16 19.40 12.38
N LEU A 765 27.21 20.13 11.80
CA LEU A 765 27.46 21.54 11.52
C LEU A 765 27.66 22.34 12.80
N VAL A 766 26.89 22.06 13.84
CA VAL A 766 27.05 22.83 15.06
C VAL A 766 28.35 22.46 15.75
N LYS A 767 28.84 21.24 15.53
CA LYS A 767 30.17 20.90 16.03
C LYS A 767 31.26 21.64 15.24
N VAL A 768 31.07 21.79 13.93
CA VAL A 768 32.06 22.47 13.10
C VAL A 768 32.16 23.94 13.45
N MET A 769 31.04 24.63 13.53
CA MET A 769 31.08 26.07 13.77
C MET A 769 31.33 26.44 15.22
N GLY A 770 32.40 25.91 15.82
CA GLY A 770 32.82 26.36 17.14
C GLY A 770 31.79 26.15 18.23
N ARG A 771 30.87 25.22 18.04
CA ARG A 771 29.81 24.84 18.98
C ARG A 771 28.82 25.96 19.24
N HIS A 772 28.90 27.08 18.52
CA HIS A 772 27.90 28.12 18.66
C HIS A 772 26.65 27.74 17.88
N LYS A 773 25.50 27.79 18.55
CA LYS A 773 24.25 27.46 17.89
C LYS A 773 23.82 28.58 16.95
N PRO A 774 23.32 28.24 15.77
CA PRO A 774 22.85 29.27 14.84
C PRO A 774 21.57 29.92 15.34
N GLU A 775 21.37 31.17 14.94
CA GLU A 775 20.13 31.84 15.30
C GLU A 775 18.95 31.33 14.49
N ASN A 776 19.15 31.14 13.20
CA ASN A 776 18.06 30.75 12.32
C ASN A 776 18.35 29.41 11.68
N ILE A 777 17.38 28.51 11.74
CA ILE A 777 17.40 27.28 10.97
C ILE A 777 16.19 27.33 10.05
N VAL A 778 16.43 27.21 8.75
CA VAL A 778 15.36 27.29 7.76
C VAL A 778 15.07 25.87 7.28
N ILE A 779 13.82 25.46 7.40
CA ILE A 779 13.39 24.13 7.00
C ILE A 779 12.39 24.28 5.87
N GLU A 780 12.60 23.55 4.79
CA GLU A 780 11.67 23.60 3.66
C GLU A 780 10.54 22.62 3.88
N MET A 781 9.43 23.10 4.45
CA MET A 781 8.20 22.32 4.43
C MET A 781 7.69 22.15 3.01
N ALA A 782 7.09 20.98 2.76
CA ALA A 782 6.41 20.70 1.51
C ALA A 782 4.92 21.03 1.58
N ARG A 783 4.53 21.86 2.55
CA ARG A 783 3.16 22.31 2.67
C ARG A 783 2.83 23.28 1.55
N GLU A 784 1.54 23.46 1.29
CA GLU A 784 1.11 24.36 0.22
C GLU A 784 -0.15 25.05 0.67
N ASN A 785 -0.41 26.22 0.09
CA ASN A 785 -1.65 26.94 0.29
C ASN A 785 -2.43 27.01 -1.02
N GLN A 786 -3.75 26.92 -0.90
CA GLN A 786 -4.64 26.93 -2.03
C GLN A 786 -5.81 27.86 -1.73
N THR A 787 -6.42 28.37 -2.79
CA THR A 787 -7.65 29.12 -2.65
C THR A 787 -8.77 28.21 -2.16
N THR A 788 -9.75 28.82 -1.49
CA THR A 788 -10.77 28.01 -0.83
C THR A 788 -11.69 27.32 -1.84
N GLN A 789 -11.84 27.88 -3.03
CA GLN A 789 -12.60 27.21 -4.07
C GLN A 789 -11.91 25.93 -4.51
N LYS A 790 -10.60 26.00 -4.75
CA LYS A 790 -9.86 24.80 -5.14
C LYS A 790 -9.84 23.79 -3.99
N GLY A 791 -9.75 24.28 -2.75
CA GLY A 791 -9.82 23.38 -1.61
C GLY A 791 -11.13 22.62 -1.52
N GLN A 792 -12.26 23.32 -1.67
CA GLN A 792 -13.54 22.64 -1.54
C GLN A 792 -13.86 21.82 -2.77
N LYS A 793 -13.23 22.12 -3.90
CA LYS A 793 -13.36 21.24 -5.05
C LYS A 793 -12.58 19.95 -4.84
N ASN A 794 -11.37 20.06 -4.34
CA ASN A 794 -10.56 18.88 -4.15
C ASN A 794 -10.96 18.07 -2.94
N SER A 795 -11.75 18.60 -2.01
CA SER A 795 -12.26 17.80 -0.91
C SER A 795 -13.78 17.67 -0.93
N ARG A 796 -14.38 17.66 -2.11
CA ARG A 796 -15.84 17.60 -2.23
C ARG A 796 -16.32 16.22 -1.81
N GLU A 797 -17.61 16.11 -1.52
CA GLU A 797 -18.14 14.85 -0.99
C GLU A 797 -18.11 13.76 -2.06
N ARG A 798 -17.69 12.57 -1.62
CA ARG A 798 -17.56 11.41 -2.49
C ARG A 798 -18.89 10.92 -3.05
N MET A 799 -19.96 11.05 -2.27
CA MET A 799 -21.28 10.67 -2.76
C MET A 799 -21.73 11.63 -3.86
N LYS A 800 -21.41 12.91 -3.73
CA LYS A 800 -21.72 13.86 -4.79
C LYS A 800 -20.89 13.59 -6.04
N ARG A 801 -19.63 13.19 -5.84
N ARG A 801 -19.64 13.17 -5.87
CA ARG A 801 -18.79 12.78 -6.97
CA ARG A 801 -18.82 12.79 -7.02
C ARG A 801 -19.41 11.63 -7.74
C ARG A 801 -19.42 11.61 -7.76
N ILE A 802 -19.95 10.64 -7.03
CA ILE A 802 -20.66 9.53 -7.67
C ILE A 802 -21.92 10.02 -8.36
N GLU A 803 -22.70 10.88 -7.67
CA GLU A 803 -24.00 11.30 -8.18
C GLU A 803 -23.87 12.06 -9.48
N GLU A 804 -22.84 12.91 -9.61
CA GLU A 804 -22.70 13.66 -10.85
C GLU A 804 -22.56 12.73 -12.06
N GLY A 805 -21.67 11.75 -11.97
CA GLY A 805 -21.49 10.83 -13.07
C GLY A 805 -22.69 9.93 -13.31
N ILE A 806 -23.35 9.50 -12.24
CA ILE A 806 -24.53 8.65 -12.40
C ILE A 806 -25.64 9.41 -13.10
N LYS A 807 -25.89 10.67 -12.71
CA LYS A 807 -26.90 11.46 -13.39
C LYS A 807 -26.48 11.78 -14.80
N GLU A 808 -25.18 11.91 -15.05
CA GLU A 808 -24.72 12.18 -16.40
C GLU A 808 -24.98 11.02 -17.35
N LEU A 809 -24.58 9.81 -16.97
CA LEU A 809 -24.79 8.70 -17.89
C LEU A 809 -26.15 8.03 -17.73
N GLY A 810 -26.99 8.51 -16.81
CA GLY A 810 -28.39 8.15 -16.82
C GLY A 810 -28.72 6.73 -16.42
N SER A 811 -27.95 6.12 -15.52
CA SER A 811 -28.34 4.81 -15.02
C SER A 811 -29.19 4.95 -13.77
N GLN A 812 -30.04 3.95 -13.55
CA GLN A 812 -30.96 3.94 -12.43
C GLN A 812 -30.37 3.21 -11.22
N ILE A 813 -29.04 3.16 -11.13
CA ILE A 813 -28.39 2.35 -10.10
C ILE A 813 -28.61 2.94 -8.72
N LEU A 814 -28.63 4.26 -8.60
CA LEU A 814 -28.86 4.86 -7.28
C LEU A 814 -30.31 4.80 -6.86
N LYS A 815 -31.26 4.84 -7.80
CA LYS A 815 -32.65 4.58 -7.45
C LYS A 815 -32.83 3.14 -7.00
N GLU A 816 -32.14 2.20 -7.65
CA GLU A 816 -32.29 0.80 -7.30
C GLU A 816 -31.58 0.47 -5.99
N HIS A 817 -30.48 1.15 -5.69
CA HIS A 817 -29.57 0.78 -4.61
C HIS A 817 -29.17 2.02 -3.83
N PRO A 818 -29.96 2.43 -2.85
CA PRO A 818 -29.61 3.62 -2.07
C PRO A 818 -28.34 3.42 -1.26
N VAL A 819 -27.64 4.52 -0.99
CA VAL A 819 -26.36 4.49 -0.30
C VAL A 819 -26.11 5.87 0.30
N GLU A 820 -25.36 5.90 1.39
CA GLU A 820 -24.97 7.13 2.05
C GLU A 820 -23.45 7.24 2.03
N ASN A 821 -22.95 8.49 2.08
CA ASN A 821 -21.52 8.75 1.88
C ASN A 821 -20.65 8.05 2.93
N THR A 822 -21.21 7.77 4.10
CA THR A 822 -20.46 7.02 5.10
C THR A 822 -20.17 5.59 4.62
N GLN A 823 -21.15 4.97 3.97
CA GLN A 823 -20.95 3.61 3.48
C GLN A 823 -19.93 3.56 2.34
N LEU A 824 -19.75 4.68 1.64
CA LEU A 824 -18.88 4.72 0.48
C LEU A 824 -17.41 4.71 0.86
N GLN A 825 -17.10 4.80 2.14
CA GLN A 825 -15.72 4.56 2.55
C GLN A 825 -15.30 3.11 2.31
N ASN A 826 -16.25 2.21 2.14
CA ASN A 826 -15.94 0.87 1.67
C ASN A 826 -15.36 1.00 0.27
N GLU A 827 -14.11 0.55 0.11
CA GLU A 827 -13.41 0.74 -1.16
C GLU A 827 -14.12 0.01 -2.29
N LYS A 828 -14.60 -1.20 -2.02
CA LYS A 828 -15.23 -1.98 -3.08
C LYS A 828 -16.59 -1.42 -3.46
N LEU A 829 -17.37 -0.92 -2.51
CA LEU A 829 -18.62 -0.29 -2.87
C LEU A 829 -18.37 1.00 -3.66
N TYR A 830 -17.34 1.75 -3.26
CA TYR A 830 -16.89 2.91 -4.04
C TYR A 830 -16.61 2.54 -5.48
N LEU A 831 -15.81 1.49 -5.69
CA LEU A 831 -15.44 1.10 -7.04
C LEU A 831 -16.64 0.57 -7.80
N TYR A 832 -17.57 -0.09 -7.10
CA TYR A 832 -18.78 -0.58 -7.74
C TYR A 832 -19.58 0.57 -8.30
N TYR A 833 -19.70 1.66 -7.54
CA TYR A 833 -20.49 2.77 -8.04
C TYR A 833 -19.76 3.55 -9.13
N LEU A 834 -18.43 3.65 -9.04
CA LEU A 834 -17.67 4.30 -10.11
C LEU A 834 -17.63 3.48 -11.39
N GLN A 835 -17.88 2.19 -11.32
CA GLN A 835 -17.99 1.39 -12.53
C GLN A 835 -19.43 1.24 -12.99
N ASN A 836 -20.34 2.02 -12.40
CA ASN A 836 -21.77 1.99 -12.73
C ASN A 836 -22.33 0.57 -12.63
N GLY A 837 -21.88 -0.17 -11.62
CA GLY A 837 -22.41 -1.48 -11.37
C GLY A 837 -21.90 -2.57 -12.30
N ARG A 838 -21.11 -2.23 -13.30
CA ARG A 838 -20.69 -3.17 -14.31
C ARG A 838 -19.20 -3.44 -14.17
N ASP A 839 -18.79 -4.64 -14.53
CA ASP A 839 -17.37 -4.95 -14.56
C ASP A 839 -16.72 -4.16 -15.68
N MET A 840 -15.41 -3.99 -15.57
CA MET A 840 -14.70 -3.13 -16.51
C MET A 840 -13.93 -3.90 -17.57
N TYR A 841 -13.29 -5.01 -17.23
CA TYR A 841 -12.62 -5.80 -18.23
C TYR A 841 -13.54 -6.75 -18.97
N VAL A 842 -14.62 -7.22 -18.35
CA VAL A 842 -15.52 -8.18 -18.98
C VAL A 842 -16.92 -7.59 -18.97
N ASP A 843 -17.68 -7.87 -20.03
CA ASP A 843 -18.97 -7.24 -20.24
C ASP A 843 -20.04 -7.97 -19.43
N GLN A 844 -19.86 -7.95 -18.12
CA GLN A 844 -20.71 -8.66 -17.18
C GLN A 844 -21.10 -7.72 -16.05
N GLU A 845 -22.36 -7.76 -15.66
CA GLU A 845 -22.82 -6.94 -14.55
C GLU A 845 -22.29 -7.51 -13.24
N LEU A 846 -21.95 -6.62 -12.30
CA LEU A 846 -21.54 -7.06 -10.99
C LEU A 846 -22.76 -7.25 -10.08
N ASP A 847 -22.51 -7.76 -8.88
CA ASP A 847 -23.55 -7.97 -7.88
C ASP A 847 -23.03 -7.43 -6.55
N ILE A 848 -23.79 -6.53 -5.92
CA ILE A 848 -23.35 -5.93 -4.66
C ILE A 848 -23.26 -6.99 -3.57
N ASN A 849 -24.21 -7.91 -3.55
CA ASN A 849 -24.30 -8.88 -2.47
C ASN A 849 -23.07 -9.78 -2.37
N ARG A 850 -22.32 -9.96 -3.46
CA ARG A 850 -21.17 -10.84 -3.44
C ARG A 850 -19.88 -10.14 -3.81
N LEU A 851 -19.60 -8.96 -3.23
CA LEU A 851 -18.37 -8.25 -3.54
C LEU A 851 -17.13 -8.99 -3.09
N SER A 852 -17.27 -9.96 -2.19
CA SER A 852 -16.12 -10.75 -1.77
C SER A 852 -15.60 -11.60 -2.92
N ASP A 853 -16.50 -12.06 -3.78
CA ASP A 853 -16.07 -12.92 -4.90
C ASP A 853 -15.26 -12.15 -5.94
N TYR A 854 -15.35 -10.82 -5.95
CA TYR A 854 -14.56 -10.02 -6.86
C TYR A 854 -13.27 -9.57 -6.20
N ASP A 855 -12.57 -8.64 -6.83
CA ASP A 855 -11.33 -8.12 -6.29
C ASP A 855 -10.98 -6.77 -6.90
N VAL A 856 -10.14 -6.02 -6.21
CA VAL A 856 -9.72 -4.69 -6.65
C VAL A 856 -8.40 -4.83 -7.37
N ASP A 857 -8.40 -4.54 -8.67
CA ASP A 857 -7.25 -4.78 -9.52
C ASP A 857 -6.49 -3.50 -9.78
N HIS A 858 -5.17 -3.55 -9.62
CA HIS A 858 -4.30 -2.46 -10.04
C HIS A 858 -4.14 -2.56 -11.54
N ILE A 859 -4.30 -1.44 -12.24
CA ILE A 859 -4.00 -1.42 -13.67
C ILE A 859 -2.50 -1.60 -13.83
N VAL A 860 -1.72 -0.66 -13.32
CA VAL A 860 -0.27 -0.81 -13.29
C VAL A 860 0.07 -1.63 -12.05
N PRO A 861 0.66 -2.82 -12.20
CA PRO A 861 0.67 -3.77 -11.09
C PRO A 861 1.61 -3.38 -9.96
N GLN A 862 1.38 -4.01 -8.80
CA GLN A 862 2.26 -3.81 -7.64
C GLN A 862 3.69 -4.22 -7.95
N SER A 863 3.86 -5.29 -8.73
CA SER A 863 5.20 -5.75 -9.09
C SER A 863 5.92 -4.75 -9.98
N PHE A 864 5.23 -3.78 -10.55
CA PHE A 864 5.92 -2.78 -11.35
C PHE A 864 6.08 -1.46 -10.61
N LEU A 865 4.98 -0.85 -10.16
CA LEU A 865 5.05 0.51 -9.63
C LEU A 865 4.09 0.67 -8.46
N LYS A 866 4.59 1.26 -7.37
CA LYS A 866 3.77 1.53 -6.20
C LYS A 866 2.80 2.66 -6.52
N ASP A 867 1.53 2.32 -6.67
CA ASP A 867 0.52 3.31 -6.98
C ASP A 867 -0.82 2.75 -6.53
N ASP A 868 -1.40 3.32 -5.48
CA ASP A 868 -2.68 2.89 -4.95
C ASP A 868 -3.76 3.96 -5.09
N SER A 869 -3.54 4.95 -5.95
CA SER A 869 -4.55 5.97 -6.14
C SER A 869 -5.78 5.37 -6.79
N ILE A 870 -6.94 5.99 -6.54
CA ILE A 870 -8.20 5.51 -7.09
C ILE A 870 -8.18 5.60 -8.61
N ASP A 871 -7.28 6.41 -9.18
CA ASP A 871 -7.01 6.36 -10.60
C ASP A 871 -6.44 5.01 -11.03
N ASN A 872 -5.95 4.20 -10.09
CA ASN A 872 -5.29 2.94 -10.42
C ASN A 872 -5.99 1.73 -9.81
N LYS A 873 -7.28 1.82 -9.49
CA LYS A 873 -8.00 0.66 -8.99
C LYS A 873 -9.25 0.39 -9.81
N VAL A 874 -9.44 -0.88 -10.19
CA VAL A 874 -10.59 -1.31 -10.97
C VAL A 874 -11.11 -2.61 -10.40
N LEU A 875 -12.43 -2.71 -10.24
CA LEU A 875 -13.08 -3.86 -9.62
C LEU A 875 -13.58 -4.81 -10.70
N THR A 876 -12.98 -6.00 -10.78
CA THR A 876 -13.30 -6.96 -11.84
C THR A 876 -13.63 -8.31 -11.22
N ARG A 877 -13.96 -9.27 -12.08
CA ARG A 877 -14.08 -10.65 -11.63
C ARG A 877 -12.71 -11.20 -11.26
N SER A 878 -12.71 -12.22 -10.43
CA SER A 878 -11.47 -12.75 -9.87
C SER A 878 -10.59 -13.37 -10.94
N ASP A 879 -11.18 -14.17 -11.82
CA ASP A 879 -10.40 -14.91 -12.80
C ASP A 879 -9.71 -13.98 -13.79
N LYS A 880 -10.40 -12.90 -14.19
CA LYS A 880 -9.81 -12.00 -15.16
C LYS A 880 -8.63 -11.23 -14.57
N ASN A 881 -8.75 -10.81 -13.31
CA ASN A 881 -7.61 -10.16 -12.66
C ASN A 881 -6.44 -11.11 -12.50
N ARG A 882 -6.67 -12.31 -11.99
CA ARG A 882 -5.54 -13.22 -11.79
C ARG A 882 -4.95 -13.72 -13.10
N GLY A 883 -5.74 -13.82 -14.17
CA GLY A 883 -5.17 -14.08 -15.47
C GLY A 883 -4.33 -12.92 -15.97
N LYS A 884 -4.78 -11.69 -15.72
CA LYS A 884 -4.03 -10.51 -16.09
C LYS A 884 -3.02 -10.23 -14.98
N SER A 885 -1.94 -11.00 -14.98
CA SER A 885 -0.93 -10.90 -13.95
C SER A 885 0.24 -10.05 -14.41
N ASP A 886 0.71 -9.18 -13.51
CA ASP A 886 1.83 -8.25 -13.69
C ASP A 886 1.88 -7.63 -15.09
N ASN A 887 0.74 -7.12 -15.56
CA ASN A 887 0.67 -6.56 -16.90
C ASN A 887 -0.43 -5.52 -16.92
N VAL A 888 -0.29 -4.57 -17.83
CA VAL A 888 -1.32 -3.57 -18.11
C VAL A 888 -2.44 -4.31 -18.84
N PRO A 889 -3.65 -3.75 -18.94
CA PRO A 889 -4.75 -4.50 -19.57
C PRO A 889 -4.41 -4.94 -20.98
N SER A 890 -4.83 -6.15 -21.32
CA SER A 890 -4.52 -6.72 -22.62
C SER A 890 -5.21 -5.94 -23.73
N GLU A 891 -4.62 -6.00 -24.92
CA GLU A 891 -5.06 -5.12 -25.99
C GLU A 891 -6.41 -5.56 -26.54
N GLU A 892 -6.71 -6.86 -26.45
CA GLU A 892 -8.04 -7.34 -26.78
C GLU A 892 -9.07 -6.75 -25.83
N VAL A 893 -8.74 -6.69 -24.54
CA VAL A 893 -9.61 -6.04 -23.56
C VAL A 893 -9.76 -4.56 -23.89
N VAL A 894 -8.67 -3.95 -24.36
CA VAL A 894 -8.70 -2.54 -24.74
C VAL A 894 -9.69 -2.31 -25.89
N LYS A 895 -9.63 -3.17 -26.92
CA LYS A 895 -10.63 -3.07 -27.99
C LYS A 895 -12.04 -3.30 -27.46
N LYS A 896 -12.21 -4.25 -26.55
CA LYS A 896 -13.55 -4.59 -26.09
C LYS A 896 -14.18 -3.43 -25.31
N MET A 897 -13.38 -2.72 -24.52
CA MET A 897 -13.95 -1.73 -23.60
C MET A 897 -13.46 -0.31 -23.77
N LYS A 898 -12.82 0.03 -24.90
CA LYS A 898 -12.43 1.43 -25.08
C LYS A 898 -13.66 2.32 -25.18
N ASN A 899 -14.72 1.81 -25.80
CA ASN A 899 -15.98 2.55 -25.88
C ASN A 899 -16.57 2.80 -24.49
N TYR A 900 -16.59 1.78 -23.64
CA TYR A 900 -17.17 1.97 -22.30
C TYR A 900 -16.30 2.89 -21.45
N TRP A 901 -14.98 2.79 -21.58
CA TRP A 901 -14.11 3.67 -20.81
C TRP A 901 -14.27 5.11 -21.28
N ARG A 902 -14.48 5.30 -22.59
CA ARG A 902 -14.79 6.64 -23.09
C ARG A 902 -16.12 7.14 -22.55
N GLN A 903 -17.11 6.25 -22.44
CA GLN A 903 -18.39 6.65 -21.87
C GLN A 903 -18.25 7.09 -20.41
N LEU A 904 -17.46 6.35 -19.63
CA LEU A 904 -17.22 6.78 -18.26
C LEU A 904 -16.45 8.10 -18.19
N LEU A 905 -15.46 8.28 -19.05
CA LEU A 905 -14.70 9.52 -19.05
C LEU A 905 -15.57 10.71 -19.43
N ASN A 906 -16.48 10.52 -20.39
CA ASN A 906 -17.44 11.57 -20.72
C ASN A 906 -18.39 11.81 -19.56
N ALA A 907 -18.69 10.78 -18.78
CA ALA A 907 -19.48 10.98 -17.56
C ALA A 907 -18.61 11.33 -16.36
N LYS A 908 -17.31 11.51 -16.58
CA LYS A 908 -16.29 11.92 -15.60
C LYS A 908 -16.40 11.19 -14.25
N LEU A 909 -16.78 9.92 -14.26
CA LEU A 909 -16.53 9.07 -13.11
C LEU A 909 -15.06 8.72 -13.00
N ILE A 910 -14.45 8.33 -14.10
CA ILE A 910 -13.02 8.06 -14.12
C ILE A 910 -12.28 9.36 -14.38
N THR A 911 -10.98 9.33 -14.13
CA THR A 911 -10.10 10.45 -14.38
C THR A 911 -9.36 10.20 -15.70
N GLN A 912 -8.91 11.28 -16.35
CA GLN A 912 -8.13 11.14 -17.57
C GLN A 912 -6.87 10.31 -17.34
N ARG A 913 -6.27 10.43 -16.15
CA ARG A 913 -5.15 9.57 -15.81
C ARG A 913 -5.57 8.11 -15.72
N LYS A 914 -6.75 7.86 -15.17
CA LYS A 914 -7.28 6.50 -15.11
C LYS A 914 -7.47 5.94 -16.52
N PHE A 915 -7.99 6.77 -17.43
CA PHE A 915 -8.17 6.33 -18.81
C PHE A 915 -6.83 6.05 -19.48
N ASP A 916 -5.84 6.88 -19.21
CA ASP A 916 -4.51 6.65 -19.78
C ASP A 916 -3.89 5.36 -19.25
N ASN A 917 -4.09 5.05 -17.97
CA ASN A 917 -3.64 3.76 -17.47
C ASN A 917 -4.40 2.61 -18.11
N LEU A 918 -5.73 2.74 -18.22
CA LEU A 918 -6.55 1.63 -18.69
C LEU A 918 -6.26 1.32 -20.15
N THR A 919 -5.97 2.33 -20.95
CA THR A 919 -5.63 2.08 -22.35
C THR A 919 -4.13 2.07 -22.60
N LYS A 920 -3.34 1.57 -21.64
CA LYS A 920 -1.89 1.61 -21.76
C LYS A 920 -1.36 0.75 -22.89
N ALA A 921 -2.03 -0.36 -23.20
CA ALA A 921 -1.50 -1.30 -24.18
C ALA A 921 -1.36 -0.69 -25.56
N GLU A 922 -2.16 0.32 -25.88
CA GLU A 922 -2.07 0.96 -27.19
C GLU A 922 -0.86 1.88 -27.31
N ARG A 923 -0.35 2.43 -26.21
CA ARG A 923 0.73 3.40 -26.26
C ARG A 923 2.07 2.78 -25.88
N GLY A 924 2.23 1.49 -26.13
CA GLY A 924 3.50 0.83 -25.91
C GLY A 924 3.58 -0.06 -24.71
N GLY A 925 2.57 -0.06 -23.84
CA GLY A 925 2.62 -0.94 -22.70
C GLY A 925 3.64 -0.49 -21.67
N LEU A 926 4.15 -1.46 -20.92
CA LEU A 926 5.03 -1.18 -19.79
C LEU A 926 6.36 -0.63 -20.28
N SER A 927 6.87 0.40 -19.60
CA SER A 927 8.04 1.09 -20.10
C SER A 927 8.76 1.85 -18.98
N GLU A 928 10.02 2.18 -19.26
CA GLU A 928 10.82 2.95 -18.33
C GLU A 928 10.34 4.40 -18.24
N LEU A 929 9.65 4.89 -19.27
CA LEU A 929 8.95 6.16 -19.18
C LEU A 929 7.85 6.12 -18.12
N ASP A 930 7.13 5.00 -18.03
CA ASP A 930 6.16 4.82 -16.97
C ASP A 930 6.83 4.67 -15.61
N LYS A 931 7.93 3.91 -15.55
CA LYS A 931 8.60 3.69 -14.27
C LYS A 931 9.19 4.98 -13.70
N ALA A 932 9.90 5.76 -14.52
CA ALA A 932 10.66 6.91 -14.05
C ALA A 932 9.71 8.03 -13.64
N GLY A 933 9.96 8.60 -12.46
CA GLY A 933 9.16 9.72 -12.00
C GLY A 933 9.23 9.81 -10.49
N PHE A 934 8.36 10.67 -9.96
CA PHE A 934 8.16 10.81 -8.52
C PHE A 934 6.90 10.05 -8.14
N ILE A 935 7.06 9.03 -7.30
CA ILE A 935 5.88 8.30 -6.86
C ILE A 935 5.13 9.13 -5.82
N LYS A 936 3.84 8.86 -5.68
CA LYS A 936 3.02 9.66 -4.77
C LYS A 936 3.39 9.40 -3.32
N ARG A 937 4.14 8.34 -3.05
CA ARG A 937 4.53 7.99 -1.69
C ARG A 937 5.65 8.89 -1.19
N GLN A 938 6.53 9.34 -2.08
CA GLN A 938 7.68 10.11 -1.62
C GLN A 938 7.28 11.47 -1.09
N LEU A 939 6.20 12.05 -1.60
CA LEU A 939 5.79 13.35 -1.08
C LEU A 939 5.22 13.22 0.33
N VAL A 940 4.47 12.15 0.59
CA VAL A 940 3.99 11.88 1.94
C VAL A 940 5.18 11.59 2.86
N GLU A 941 6.17 10.87 2.34
CA GLU A 941 7.40 10.63 3.09
C GLU A 941 8.08 11.95 3.46
N THR A 942 8.15 12.88 2.50
CA THR A 942 8.76 14.18 2.76
C THR A 942 7.98 14.95 3.81
N ARG A 943 6.65 14.95 3.72
CA ARG A 943 5.85 15.65 4.72
C ARG A 943 6.10 15.10 6.11
N GLN A 944 6.06 13.78 6.25
CA GLN A 944 6.23 13.18 7.56
C GLN A 944 7.61 13.46 8.13
N ILE A 945 8.65 13.28 7.31
CA ILE A 945 10.01 13.50 7.75
C ILE A 945 10.20 14.94 8.19
N THR A 946 9.82 15.88 7.33
CA THR A 946 10.07 17.30 7.62
C THR A 946 9.26 17.78 8.83
N LYS A 947 8.01 17.32 8.96
CA LYS A 947 7.20 17.71 10.12
C LYS A 947 7.82 17.20 11.41
N HIS A 948 8.33 15.96 11.42
CA HIS A 948 8.98 15.49 12.62
C HIS A 948 10.29 16.24 12.88
N VAL A 949 11.02 16.57 11.82
CA VAL A 949 12.32 17.20 11.99
C VAL A 949 12.18 18.59 12.59
N ALA A 950 11.10 19.31 12.24
CA ALA A 950 10.89 20.63 12.83
C ALA A 950 10.85 20.55 14.35
N GLN A 951 9.99 19.68 14.90
CA GLN A 951 9.85 19.61 16.34
C GLN A 951 11.08 19.01 17.00
N ILE A 952 11.72 18.04 16.36
CA ILE A 952 12.89 17.44 17.00
C ILE A 952 14.04 18.44 17.05
N LEU A 953 14.18 19.28 16.01
CA LEU A 953 15.22 20.30 16.01
C LEU A 953 14.92 21.39 17.02
N ASP A 954 13.65 21.78 17.13
CA ASP A 954 13.28 22.78 18.14
C ASP A 954 13.60 22.29 19.54
N SER A 955 13.22 21.05 19.85
CA SER A 955 13.45 20.52 21.19
C SER A 955 14.93 20.27 21.44
N ARG A 956 15.69 19.91 20.41
CA ARG A 956 17.12 19.69 20.60
C ARG A 956 17.86 21.00 20.83
N MET A 957 17.59 22.02 20.02
CA MET A 957 18.32 23.27 20.14
C MET A 957 17.90 24.08 21.36
N ASN A 958 16.59 24.16 21.63
CA ASN A 958 16.09 25.09 22.63
C ASN A 958 15.86 24.36 23.94
N THR A 959 16.87 24.38 24.80
CA THR A 959 16.83 23.61 26.04
C THR A 959 16.75 24.48 27.28
N LYS A 960 16.85 25.80 27.15
CA LYS A 960 16.87 26.68 28.31
C LYS A 960 15.43 27.03 28.68
N TYR A 961 14.81 26.17 29.49
CA TYR A 961 13.49 26.48 30.01
C TYR A 961 13.59 27.64 31.00
N ASP A 962 12.45 28.24 31.30
CA ASP A 962 12.42 29.37 32.21
C ASP A 962 11.09 29.39 32.96
N GLU A 963 11.06 30.11 34.07
CA GLU A 963 9.85 30.26 34.86
C GLU A 963 8.98 31.42 34.39
N ASN A 964 9.58 32.46 33.80
CA ASN A 964 8.80 33.57 33.28
C ASN A 964 7.99 33.15 32.05
N ASP A 965 8.66 32.49 31.11
CA ASP A 965 8.00 31.84 29.98
C ASP A 965 8.61 30.46 29.86
N LYS A 966 7.82 29.52 29.33
CA LYS A 966 8.20 28.11 29.40
C LYS A 966 9.50 27.81 28.66
N LEU A 967 9.65 28.36 27.46
CA LEU A 967 10.78 27.98 26.62
C LEU A 967 11.34 29.23 25.95
N ILE A 968 12.63 29.50 26.20
CA ILE A 968 13.26 30.65 25.57
C ILE A 968 13.69 30.29 24.16
N ARG A 969 13.19 31.03 23.17
CA ARG A 969 13.41 30.71 21.76
C ARG A 969 14.83 31.16 21.38
N GLU A 970 15.80 30.35 21.80
CA GLU A 970 17.19 30.64 21.48
C GLU A 970 17.45 30.49 19.97
N VAL A 971 16.84 29.48 19.36
CA VAL A 971 17.03 29.17 17.95
C VAL A 971 15.66 29.22 17.29
N LYS A 972 15.54 30.00 16.24
CA LYS A 972 14.31 30.07 15.48
C LYS A 972 14.33 29.00 14.40
N VAL A 973 13.32 28.14 14.37
CA VAL A 973 13.21 27.17 13.29
C VAL A 973 12.20 27.70 12.28
N ILE A 974 12.68 28.47 11.30
CA ILE A 974 11.78 29.02 10.30
C ILE A 974 11.33 27.90 9.37
N THR A 975 10.05 27.88 9.05
CA THR A 975 9.45 26.78 8.27
C THR A 975 8.89 27.39 6.98
N LEU A 976 9.70 27.43 5.94
CA LEU A 976 9.26 28.01 4.68
C LEU A 976 8.51 27.00 3.82
N LYS A 977 7.50 27.50 3.13
CA LYS A 977 6.78 26.69 2.17
C LYS A 977 7.53 26.69 0.84
N SER A 978 7.51 25.55 0.15
CA SER A 978 8.33 25.38 -1.05
C SER A 978 7.93 26.33 -2.17
N LYS A 979 6.67 26.79 -2.18
CA LYS A 979 6.23 27.72 -3.20
C LYS A 979 7.03 29.02 -3.16
N LEU A 980 7.34 29.49 -1.96
CA LEU A 980 8.09 30.74 -1.83
C LEU A 980 9.46 30.65 -2.49
N VAL A 981 10.22 29.60 -2.15
CA VAL A 981 11.56 29.48 -2.70
C VAL A 981 11.51 29.19 -4.19
N SER A 982 10.53 28.39 -4.64
CA SER A 982 10.43 28.13 -6.07
C SER A 982 10.10 29.41 -6.84
N ASP A 983 9.25 30.27 -6.29
CA ASP A 983 8.95 31.53 -6.95
C ASP A 983 10.15 32.47 -6.91
N PHE A 984 10.94 32.41 -5.83
CA PHE A 984 12.19 33.15 -5.79
C PHE A 984 13.10 32.74 -6.95
N ARG A 985 13.23 31.43 -7.16
CA ARG A 985 14.06 30.92 -8.26
C ARG A 985 13.51 31.37 -9.61
N LYS A 986 12.20 31.28 -9.79
CA LYS A 986 11.61 31.68 -11.07
C LYS A 986 11.69 33.19 -11.30
N ASP A 987 11.80 33.97 -10.23
CA ASP A 987 11.71 35.42 -10.39
C ASP A 987 13.07 36.08 -10.47
N PHE A 988 14.13 35.41 -9.99
CA PHE A 988 15.46 36.02 -10.09
C PHE A 988 16.44 35.18 -10.89
N GLN A 989 15.94 34.28 -11.75
CA GLN A 989 16.75 33.60 -12.75
C GLN A 989 17.86 32.74 -12.13
N PHE A 990 17.64 32.32 -10.89
CA PHE A 990 18.46 31.28 -10.30
C PHE A 990 17.80 29.93 -10.57
N TYR A 991 17.78 29.51 -11.82
CA TYR A 991 16.96 28.39 -12.24
C TYR A 991 17.55 27.06 -11.74
N LYS A 992 16.65 26.11 -11.50
CA LYS A 992 17.00 24.79 -10.99
C LYS A 992 16.74 23.74 -12.06
N VAL A 993 17.77 22.96 -12.39
CA VAL A 993 17.64 21.86 -13.35
C VAL A 993 18.16 20.61 -12.66
N ARG A 994 17.33 19.57 -12.60
CA ARG A 994 17.64 18.41 -11.78
C ARG A 994 18.69 17.54 -12.42
N GLU A 995 18.65 17.38 -13.74
CA GLU A 995 19.44 16.34 -14.39
C GLU A 995 20.90 16.70 -14.50
N ILE A 996 21.26 17.98 -14.35
CA ILE A 996 22.62 18.40 -14.65
C ILE A 996 23.62 17.86 -13.63
N ASN A 997 23.32 17.99 -12.35
CA ASN A 997 24.22 17.53 -11.29
C ASN A 997 23.44 17.41 -10.01
N ASN A 998 24.12 16.98 -8.96
CA ASN A 998 23.50 16.93 -7.64
C ASN A 998 23.86 18.11 -6.76
N TYR A 999 24.36 19.22 -7.32
CA TYR A 999 24.58 20.41 -6.52
C TYR A 999 23.28 21.09 -6.14
N HIS A 1000 22.18 20.71 -6.79
CA HIS A 1000 20.95 21.48 -6.65
C HIS A 1000 20.34 21.33 -5.27
N HIS A 1001 20.58 20.22 -4.58
CA HIS A 1001 20.13 20.12 -3.20
C HIS A 1001 20.81 21.16 -2.31
N ALA A 1002 22.13 21.25 -2.41
CA ALA A 1002 22.83 22.26 -1.61
C ALA A 1002 22.41 23.66 -2.00
N HIS A 1003 22.20 23.90 -3.30
CA HIS A 1003 21.77 25.22 -3.73
C HIS A 1003 20.39 25.56 -3.19
N ASP A 1004 19.46 24.60 -3.19
CA ASP A 1004 18.13 24.87 -2.65
C ASP A 1004 18.20 25.13 -1.15
N ALA A 1005 19.06 24.42 -0.44
CA ALA A 1005 19.24 24.71 0.98
C ALA A 1005 19.77 26.13 1.18
N TYR A 1006 20.72 26.53 0.34
CA TYR A 1006 21.30 27.86 0.47
C TYR A 1006 20.26 28.94 0.22
N LEU A 1007 19.50 28.81 -0.88
CA LEU A 1007 18.46 29.80 -1.15
C LEU A 1007 17.38 29.82 -0.08
N ASN A 1008 17.04 28.65 0.47
CA ASN A 1008 16.09 28.64 1.59
C ASN A 1008 16.62 29.44 2.75
N ALA A 1009 17.90 29.25 3.10
CA ALA A 1009 18.47 30.01 4.21
C ALA A 1009 18.45 31.50 3.92
N VAL A 1010 18.80 31.89 2.69
CA VAL A 1010 18.81 33.30 2.32
C VAL A 1010 17.44 33.91 2.47
N VAL A 1011 16.42 33.28 1.88
CA VAL A 1011 15.11 33.92 1.85
C VAL A 1011 14.45 33.87 3.22
N GLY A 1012 14.70 32.81 4.00
CA GLY A 1012 14.14 32.76 5.34
C GLY A 1012 14.72 33.81 6.27
N THR A 1013 16.06 33.91 6.30
CA THR A 1013 16.65 34.96 7.12
C THR A 1013 16.26 36.35 6.62
N ALA A 1014 16.16 36.53 5.30
CA ALA A 1014 15.78 37.83 4.76
C ALA A 1014 14.37 38.21 5.20
N LEU A 1015 13.43 37.28 5.13
CA LEU A 1015 12.08 37.57 5.60
C LEU A 1015 12.02 37.87 7.09
N ILE A 1016 12.75 37.12 7.92
CA ILE A 1016 12.72 37.41 9.35
C ILE A 1016 13.32 38.78 9.64
N LYS A 1017 14.43 39.12 8.99
CA LYS A 1017 15.01 40.44 9.22
C LYS A 1017 14.11 41.56 8.69
N LYS A 1018 13.45 41.35 7.55
CA LYS A 1018 12.64 42.41 6.95
C LYS A 1018 11.31 42.60 7.65
N TYR A 1019 10.72 41.53 8.19
CA TYR A 1019 9.42 41.61 8.85
C TYR A 1019 9.50 41.01 10.25
N PRO A 1020 10.10 41.72 11.20
CA PRO A 1020 10.11 41.22 12.58
C PRO A 1020 8.73 41.15 13.20
N LYS A 1021 7.75 41.88 12.66
CA LYS A 1021 6.38 41.73 13.14
C LYS A 1021 5.75 40.45 12.62
N LEU A 1022 6.36 39.83 11.61
CA LEU A 1022 5.86 38.60 11.05
C LEU A 1022 6.78 37.41 11.29
N GLU A 1023 7.45 37.38 12.44
CA GLU A 1023 8.17 36.18 12.84
C GLU A 1023 7.24 35.06 13.30
N SER A 1024 6.04 35.40 13.75
CA SER A 1024 5.24 34.48 14.54
C SER A 1024 4.56 33.39 13.72
N GLU A 1025 4.36 33.60 12.43
CA GLU A 1025 3.78 32.53 11.61
C GLU A 1025 4.82 31.71 10.88
N PHE A 1026 6.10 32.02 11.06
CA PHE A 1026 7.16 31.28 10.39
C PHE A 1026 7.98 30.51 11.41
N VAL A 1027 8.37 31.18 12.50
CA VAL A 1027 9.09 30.51 13.56
C VAL A 1027 8.21 29.42 14.14
N TYR A 1028 8.74 28.22 14.24
CA TYR A 1028 7.94 27.08 14.68
C TYR A 1028 7.79 27.16 16.20
N GLY A 1029 6.54 27.30 16.66
CA GLY A 1029 6.28 27.38 18.08
C GLY A 1029 5.69 28.70 18.52
N ASP A 1030 5.18 29.48 17.57
CA ASP A 1030 4.57 30.77 17.88
C ASP A 1030 3.31 30.92 17.04
N TYR A 1031 2.40 31.77 17.50
CA TYR A 1031 1.10 31.93 16.84
C TYR A 1031 0.69 33.39 16.74
N ALA A 1050 -9.85 31.64 3.64
CA ALA A 1050 -8.47 31.23 3.44
C ALA A 1050 -7.89 31.81 2.16
N THR A 1051 -8.76 32.35 1.32
CA THR A 1051 -8.29 33.08 0.14
C THR A 1051 -7.43 34.26 0.55
N ALA A 1052 -7.74 34.86 1.69
CA ALA A 1052 -6.91 35.94 2.23
C ALA A 1052 -5.52 35.43 2.55
N LYS A 1053 -5.43 34.23 3.11
CA LYS A 1053 -4.13 33.66 3.46
C LYS A 1053 -3.27 33.43 2.23
N TYR A 1054 -3.88 32.95 1.13
CA TYR A 1054 -3.10 32.73 -0.08
C TYR A 1054 -2.64 34.05 -0.69
N PHE A 1055 -3.50 35.07 -0.66
CA PHE A 1055 -3.10 36.38 -1.15
C PHE A 1055 -2.06 37.01 -0.22
N PHE A 1056 -2.11 36.66 1.06
CA PHE A 1056 -1.21 37.24 2.04
C PHE A 1056 0.24 36.83 1.77
N TYR A 1057 0.45 35.59 1.35
CA TYR A 1057 1.79 35.10 1.06
C TYR A 1057 2.23 35.40 -0.36
N SER A 1058 1.33 35.91 -1.20
CA SER A 1058 1.76 36.35 -2.52
C SER A 1058 2.47 37.70 -2.43
N ASN A 1059 2.03 38.56 -1.52
CA ASN A 1059 2.56 39.92 -1.47
C ASN A 1059 3.77 40.03 -0.55
N ILE A 1060 4.03 38.99 0.25
CA ILE A 1060 5.13 39.06 1.21
C ILE A 1060 6.48 39.13 0.51
N MET A 1061 6.57 38.58 -0.70
CA MET A 1061 7.84 38.59 -1.43
C MET A 1061 7.99 39.78 -2.35
N ASN A 1062 7.14 40.80 -2.22
CA ASN A 1062 7.21 41.93 -3.13
C ASN A 1062 8.45 42.79 -2.88
N PHE A 1063 8.98 42.81 -1.65
CA PHE A 1063 10.07 43.73 -1.40
C PHE A 1063 11.35 43.31 -2.07
N PHE A 1064 11.50 42.02 -2.38
CA PHE A 1064 12.61 41.59 -3.21
C PHE A 1064 12.52 42.20 -4.60
N LYS A 1065 11.31 42.31 -5.14
CA LYS A 1065 11.12 42.79 -6.49
C LYS A 1065 11.50 44.26 -6.60
N THR A 1066 12.07 44.61 -7.75
CA THR A 1066 12.31 46.02 -8.04
C THR A 1066 11.03 46.75 -8.43
N GLU A 1067 10.16 46.10 -9.21
CA GLU A 1067 8.91 46.69 -9.66
C GLU A 1067 7.78 45.69 -9.45
N ILE A 1068 6.56 46.21 -9.30
CA ILE A 1068 5.37 45.39 -9.11
C ILE A 1068 4.42 45.65 -10.26
N THR A 1069 4.05 44.61 -11.00
CA THR A 1069 3.13 44.73 -12.12
C THR A 1069 1.78 44.13 -11.71
N LEU A 1070 0.73 44.92 -11.83
CA LEU A 1070 -0.61 44.44 -11.53
C LEU A 1070 -1.35 44.12 -12.83
N ALA A 1071 -2.59 43.66 -12.69
CA ALA A 1071 -3.41 43.35 -13.86
C ALA A 1071 -3.83 44.60 -14.61
N ASN A 1072 -3.89 45.75 -13.94
CA ASN A 1072 -4.29 47.00 -14.57
C ASN A 1072 -3.16 47.70 -15.29
N GLY A 1073 -1.95 47.12 -15.28
CA GLY A 1073 -0.82 47.70 -15.95
C GLY A 1073 0.00 48.67 -15.12
N GLU A 1074 -0.47 49.02 -13.92
CA GLU A 1074 0.29 49.93 -13.09
C GLU A 1074 1.55 49.28 -12.55
N ILE A 1075 2.59 50.08 -12.39
CA ILE A 1075 3.86 49.64 -11.82
C ILE A 1075 4.16 50.48 -10.59
N ARG A 1076 4.91 49.87 -9.67
CA ARG A 1076 5.34 50.52 -8.44
C ARG A 1076 6.85 50.37 -8.32
N LYS A 1077 7.54 51.48 -8.11
CA LYS A 1077 9.00 51.46 -8.05
C LYS A 1077 9.44 51.27 -6.62
N ARG A 1078 10.24 50.26 -6.38
CA ARG A 1078 10.71 50.08 -5.02
C ARG A 1078 12.11 50.66 -4.85
N PRO A 1079 12.47 51.09 -3.64
CA PRO A 1079 13.83 51.58 -3.41
C PRO A 1079 14.84 50.47 -3.58
N LEU A 1080 16.05 50.85 -4.00
CA LEU A 1080 17.11 49.88 -4.21
C LEU A 1080 17.49 49.18 -2.91
N ILE A 1081 17.51 49.91 -1.80
CA ILE A 1081 17.84 49.36 -0.49
C ILE A 1081 16.55 49.24 0.31
N GLU A 1082 16.29 48.05 0.85
CA GLU A 1082 15.17 47.80 1.73
C GLU A 1082 15.60 47.98 3.17
N THR A 1083 14.67 48.41 4.01
CA THR A 1083 14.96 48.67 5.41
C THR A 1083 14.01 47.86 6.29
N ASN A 1084 14.41 47.68 7.55
CA ASN A 1084 13.58 46.92 8.49
C ASN A 1084 12.28 47.62 8.83
N GLY A 1085 12.24 48.95 8.71
CA GLY A 1085 11.03 49.68 9.02
C GLY A 1085 11.02 50.26 10.42
N GLU A 1086 10.36 49.58 11.35
CA GLU A 1086 10.25 50.09 12.72
C GLU A 1086 11.59 50.18 13.43
N THR A 1087 12.57 49.39 13.01
CA THR A 1087 13.92 49.45 13.55
C THR A 1087 14.89 50.19 12.65
N GLY A 1088 14.64 50.20 11.34
CA GLY A 1088 15.48 50.93 10.41
C GLY A 1088 16.72 50.20 9.93
N GLU A 1089 16.86 48.92 10.24
CA GLU A 1089 18.06 48.19 9.83
C GLU A 1089 17.97 47.76 8.37
N ILE A 1090 19.13 47.71 7.72
CA ILE A 1090 19.21 47.30 6.32
C ILE A 1090 19.20 45.79 6.24
N VAL A 1091 18.34 45.25 5.39
CA VAL A 1091 18.14 43.81 5.25
C VAL A 1091 18.60 43.30 3.88
N TRP A 1092 17.92 43.73 2.83
CA TRP A 1092 18.13 43.19 1.50
C TRP A 1092 18.48 44.31 0.54
N ASP A 1093 19.72 44.31 0.07
CA ASP A 1093 20.22 45.32 -0.85
C ASP A 1093 20.29 44.68 -2.23
N LYS A 1094 19.42 45.13 -3.13
CA LYS A 1094 19.32 44.51 -4.44
C LYS A 1094 20.55 44.73 -5.31
N GLY A 1095 21.45 45.62 -4.91
CA GLY A 1095 22.69 45.80 -5.65
C GLY A 1095 23.70 44.70 -5.38
N ARG A 1096 24.02 44.49 -4.11
CA ARG A 1096 25.14 43.63 -3.76
C ARG A 1096 24.71 42.24 -3.31
N ASP A 1097 23.54 42.11 -2.68
CA ASP A 1097 23.12 40.80 -2.18
C ASP A 1097 22.87 39.83 -3.32
N PHE A 1098 22.25 40.28 -4.41
CA PHE A 1098 22.07 39.43 -5.57
C PHE A 1098 23.40 39.06 -6.19
N ALA A 1099 24.37 39.97 -6.15
CA ALA A 1099 25.71 39.64 -6.62
C ALA A 1099 26.32 38.53 -5.75
N THR A 1100 26.14 38.63 -4.44
CA THR A 1100 26.67 37.59 -3.55
C THR A 1100 26.01 36.24 -3.81
N VAL A 1101 24.69 36.24 -4.00
CA VAL A 1101 23.99 34.99 -4.25
C VAL A 1101 24.43 34.37 -5.57
N ARG A 1102 24.55 35.20 -6.61
CA ARG A 1102 24.99 34.71 -7.91
C ARG A 1102 26.43 34.25 -7.86
N LYS A 1103 27.21 34.80 -6.93
CA LYS A 1103 28.59 34.34 -6.73
C LYS A 1103 28.61 32.98 -6.04
N VAL A 1104 27.72 32.76 -5.08
CA VAL A 1104 27.67 31.47 -4.41
C VAL A 1104 27.19 30.38 -5.36
N LEU A 1105 26.17 30.67 -6.17
CA LEU A 1105 25.65 29.62 -7.03
C LEU A 1105 26.61 29.23 -8.15
N SER A 1106 27.63 30.03 -8.43
CA SER A 1106 28.64 29.66 -9.39
C SER A 1106 29.85 28.99 -8.74
N MET A 1107 29.74 28.65 -7.47
CA MET A 1107 30.87 28.03 -6.76
C MET A 1107 31.12 26.64 -7.32
N PRO A 1108 32.36 26.27 -7.58
CA PRO A 1108 32.62 24.97 -8.20
C PRO A 1108 32.68 23.82 -7.20
N GLN A 1109 33.09 24.08 -5.97
CA GLN A 1109 33.34 23.03 -5.00
C GLN A 1109 32.24 22.99 -3.96
N VAL A 1110 31.48 21.90 -3.94
CA VAL A 1110 30.40 21.69 -3.00
C VAL A 1110 30.53 20.27 -2.45
N ASN A 1111 30.42 20.12 -1.13
CA ASN A 1111 30.63 18.82 -0.49
C ASN A 1111 29.46 17.90 -0.80
N ILE A 1112 29.67 16.99 -1.74
CA ILE A 1112 28.68 15.96 -2.04
C ILE A 1112 29.15 14.64 -1.45
N VAL A 1113 28.34 14.08 -0.56
CA VAL A 1113 28.70 12.83 0.11
C VAL A 1113 27.54 11.85 0.00
N LYS A 1114 27.86 10.62 -0.40
CA LYS A 1114 26.90 9.53 -0.49
C LYS A 1114 27.10 8.59 0.68
N LYS A 1115 26.01 8.24 1.34
CA LYS A 1115 26.07 7.44 2.56
C LYS A 1115 26.62 6.04 2.28
N THR A 1116 27.60 5.61 3.07
CA THR A 1116 28.21 4.29 2.91
C THR A 1116 27.36 3.26 3.65
N GLU A 1117 26.45 2.64 2.90
CA GLU A 1117 25.46 1.75 3.51
C GLU A 1117 25.95 0.31 3.44
N VAL A 1118 25.94 -0.38 4.57
CA VAL A 1118 26.18 -1.82 4.57
C VAL A 1118 24.88 -2.50 4.15
N GLN A 1119 24.92 -3.20 3.02
CA GLN A 1119 23.72 -3.76 2.45
C GLN A 1119 23.15 -4.89 3.30
N THR A 1120 21.83 -4.90 3.41
CA THR A 1120 21.13 -5.98 4.09
C THR A 1120 19.84 -6.25 3.34
N GLY A 1121 19.33 -7.46 3.49
CA GLY A 1121 18.12 -7.85 2.80
C GLY A 1121 18.12 -9.34 2.53
N GLY A 1122 17.40 -9.71 1.48
CA GLY A 1122 17.33 -11.11 1.09
C GLY A 1122 18.69 -11.62 0.66
N PHE A 1123 18.91 -12.92 0.85
CA PHE A 1123 20.20 -13.49 0.54
C PHE A 1123 20.52 -13.43 -0.94
N SER A 1124 19.51 -13.56 -1.79
CA SER A 1124 19.70 -13.60 -3.24
C SER A 1124 18.36 -13.45 -3.93
N LYS A 1125 18.40 -13.11 -5.21
CA LYS A 1125 17.19 -13.04 -6.00
C LYS A 1125 16.54 -14.42 -6.08
N GLU A 1126 15.22 -14.44 -5.89
CA GLU A 1126 14.53 -15.64 -5.43
C GLU A 1126 14.26 -16.66 -6.52
N SER A 1127 14.58 -16.37 -7.78
CA SER A 1127 14.32 -17.33 -8.83
C SER A 1127 15.22 -18.55 -8.65
N ILE A 1128 14.64 -19.73 -8.75
CA ILE A 1128 15.37 -20.99 -8.57
C ILE A 1128 15.76 -21.48 -9.96
N LEU A 1129 17.02 -21.32 -10.31
CA LEU A 1129 17.49 -21.68 -11.64
C LEU A 1129 17.76 -23.18 -11.70
N PRO A 1130 17.58 -23.81 -12.86
CA PRO A 1130 17.75 -25.26 -12.96
C PRO A 1130 19.21 -25.67 -12.84
N LYS A 1131 19.41 -26.97 -12.74
CA LYS A 1131 20.73 -27.52 -12.45
C LYS A 1131 21.69 -27.30 -13.61
N ARG A 1132 22.95 -27.04 -13.28
CA ARG A 1132 24.02 -26.89 -14.24
C ARG A 1132 25.31 -27.33 -13.58
N ASN A 1133 26.37 -27.44 -14.36
CA ASN A 1133 27.68 -27.81 -13.84
C ASN A 1133 28.51 -26.54 -13.64
N SER A 1134 28.19 -25.82 -12.56
CA SER A 1134 28.91 -24.61 -12.21
C SER A 1134 28.73 -24.33 -10.73
N ASP A 1135 29.71 -23.65 -10.13
CA ASP A 1135 29.68 -23.35 -8.71
C ASP A 1135 29.13 -21.98 -8.40
N LYS A 1136 28.68 -21.22 -9.40
CA LYS A 1136 28.06 -19.93 -9.10
C LYS A 1136 26.67 -20.11 -8.50
N LEU A 1137 26.11 -21.32 -8.60
CA LEU A 1137 24.83 -21.61 -7.97
C LEU A 1137 24.97 -21.59 -6.46
N ILE A 1138 23.90 -21.23 -5.78
CA ILE A 1138 23.82 -21.25 -4.33
C ILE A 1138 22.91 -22.39 -3.92
N ALA A 1139 23.41 -23.27 -3.06
CA ALA A 1139 22.62 -24.41 -2.62
C ALA A 1139 21.44 -23.95 -1.78
N ARG A 1140 20.24 -24.39 -2.15
CA ARG A 1140 19.03 -23.94 -1.49
C ARG A 1140 18.69 -24.75 -0.24
N LYS A 1141 19.37 -25.87 -0.02
CA LYS A 1141 19.43 -26.52 1.28
C LYS A 1141 20.86 -27.00 1.46
N LYS A 1142 21.23 -27.32 2.70
CA LYS A 1142 22.60 -27.74 2.94
C LYS A 1142 22.86 -29.12 2.33
N ASP A 1143 21.81 -29.90 2.12
CA ASP A 1143 21.94 -31.28 1.66
C ASP A 1143 21.76 -31.44 0.16
N TRP A 1144 21.50 -30.36 -0.57
CA TRP A 1144 21.18 -30.45 -1.99
C TRP A 1144 22.31 -29.78 -2.76
N ASP A 1145 23.16 -30.61 -3.34
CA ASP A 1145 24.26 -30.12 -4.16
C ASP A 1145 23.68 -29.40 -5.37
N PRO A 1146 23.99 -28.12 -5.58
CA PRO A 1146 23.41 -27.40 -6.71
C PRO A 1146 23.77 -27.94 -8.07
N LYS A 1147 24.89 -28.65 -8.21
CA LYS A 1147 25.20 -29.29 -9.48
C LYS A 1147 24.23 -30.42 -9.82
N LYS A 1148 23.42 -30.85 -8.85
CA LYS A 1148 22.40 -31.86 -9.07
C LYS A 1148 20.99 -31.30 -8.92
N TYR A 1149 20.81 -30.22 -8.17
CA TYR A 1149 19.48 -29.78 -7.78
C TYR A 1149 19.16 -28.34 -8.14
N GLY A 1150 20.13 -27.54 -8.55
CA GLY A 1150 19.87 -26.14 -8.90
C GLY A 1150 19.53 -25.29 -7.69
N GLY A 1151 19.67 -23.99 -7.88
CA GLY A 1151 19.46 -23.07 -6.77
C GLY A 1151 19.51 -21.63 -7.22
N PHE A 1152 19.59 -20.74 -6.22
CA PHE A 1152 19.57 -19.31 -6.42
C PHE A 1152 20.86 -18.84 -7.07
N LEU A 1153 20.82 -17.71 -7.79
CA LEU A 1153 22.02 -17.36 -8.59
C LEU A 1153 22.52 -15.93 -8.43
N TRP A 1154 21.72 -14.97 -7.95
CA TRP A 1154 22.21 -13.56 -7.92
C TRP A 1154 22.47 -13.12 -6.48
N PRO A 1155 23.65 -13.34 -5.91
CA PRO A 1155 23.85 -13.03 -4.51
C PRO A 1155 24.06 -11.54 -4.23
N THR A 1156 23.57 -11.00 -3.10
CA THR A 1156 23.91 -9.63 -2.75
C THR A 1156 25.18 -9.66 -1.91
N VAL A 1157 26.08 -8.73 -2.16
CA VAL A 1157 27.31 -8.63 -1.40
C VAL A 1157 27.13 -7.57 -0.31
N ALA A 1158 27.20 -7.99 0.95
CA ALA A 1158 26.92 -7.08 2.05
C ALA A 1158 27.97 -5.98 2.13
N TYR A 1159 29.21 -6.35 2.36
CA TYR A 1159 30.30 -5.37 2.28
C TYR A 1159 31.54 -6.08 1.79
N SER A 1160 32.30 -5.39 0.96
CA SER A 1160 33.54 -5.94 0.44
C SER A 1160 34.64 -5.76 1.48
N VAL A 1161 35.57 -6.71 1.52
CA VAL A 1161 36.70 -6.63 2.43
C VAL A 1161 37.99 -6.67 1.63
N LEU A 1162 38.88 -5.73 1.92
CA LEU A 1162 40.19 -5.71 1.29
C LEU A 1162 41.11 -6.67 2.02
N VAL A 1163 41.73 -7.59 1.28
CA VAL A 1163 42.62 -8.58 1.86
C VAL A 1163 43.96 -8.53 1.16
N VAL A 1164 45.02 -8.70 1.95
CA VAL A 1164 46.36 -8.92 1.43
C VAL A 1164 46.82 -10.28 1.96
N ALA A 1165 47.13 -11.19 1.05
CA ALA A 1165 47.38 -12.58 1.44
C ALA A 1165 48.10 -13.29 0.31
N LYS A 1166 48.24 -14.60 0.46
CA LYS A 1166 48.92 -15.46 -0.51
C LYS A 1166 47.94 -16.48 -1.05
N VAL A 1167 48.01 -16.71 -2.35
CA VAL A 1167 47.15 -17.66 -3.03
C VAL A 1167 48.01 -18.69 -3.75
N GLU A 1168 47.50 -19.91 -3.87
CA GLU A 1168 48.25 -20.98 -4.50
C GLU A 1168 47.76 -21.20 -5.93
N LYS A 1169 48.39 -20.52 -6.89
CA LYS A 1169 47.95 -20.59 -8.28
C LYS A 1169 49.16 -20.78 -9.19
N GLY A 1170 48.88 -21.23 -10.40
CA GLY A 1170 49.89 -21.40 -11.43
C GLY A 1170 49.80 -22.76 -12.09
N LYS A 1171 50.55 -22.89 -13.19
CA LYS A 1171 50.69 -24.19 -13.84
C LYS A 1171 51.36 -25.19 -12.91
N SER A 1172 52.39 -24.76 -12.19
CA SER A 1172 52.86 -25.43 -10.99
C SER A 1172 52.55 -24.51 -9.83
N LYS A 1173 51.72 -24.98 -8.90
CA LYS A 1173 51.15 -24.11 -7.89
C LYS A 1173 52.23 -23.54 -6.97
N LYS A 1174 52.15 -22.23 -6.73
CA LYS A 1174 53.10 -21.51 -5.91
C LYS A 1174 52.36 -20.41 -5.16
N LEU A 1175 52.94 -19.97 -4.05
CA LEU A 1175 52.36 -18.90 -3.25
C LEU A 1175 52.68 -17.56 -3.92
N LYS A 1176 51.63 -16.80 -4.22
CA LYS A 1176 51.79 -15.50 -4.86
C LYS A 1176 51.13 -14.42 -4.01
N SER A 1177 51.84 -13.32 -3.80
CA SER A 1177 51.26 -12.19 -3.12
C SER A 1177 50.16 -11.57 -3.97
N VAL A 1178 49.04 -11.24 -3.34
CA VAL A 1178 47.88 -10.74 -4.07
C VAL A 1178 47.06 -9.85 -3.13
N LYS A 1179 46.43 -8.82 -3.71
CA LYS A 1179 45.63 -7.86 -2.97
C LYS A 1179 44.39 -7.56 -3.79
N GLU A 1180 43.23 -7.95 -3.29
CA GLU A 1180 42.00 -7.76 -4.06
C GLU A 1180 40.81 -7.70 -3.12
N LEU A 1181 39.68 -7.29 -3.68
CA LEU A 1181 38.45 -7.22 -2.92
C LEU A 1181 37.75 -8.56 -2.93
N LEU A 1182 37.28 -8.98 -1.76
CA LEU A 1182 36.51 -10.21 -1.60
C LEU A 1182 35.09 -9.86 -1.17
N GLY A 1183 34.12 -10.45 -1.84
CA GLY A 1183 32.74 -10.16 -1.52
C GLY A 1183 32.19 -10.99 -0.38
N ILE A 1184 31.62 -10.33 0.63
CA ILE A 1184 30.93 -11.03 1.72
C ILE A 1184 29.44 -10.97 1.46
N THR A 1185 28.87 -12.11 1.09
CA THR A 1185 27.44 -12.13 0.80
C THR A 1185 26.62 -12.28 2.08
N ILE A 1186 25.37 -11.81 2.02
CA ILE A 1186 24.57 -11.63 3.22
C ILE A 1186 24.25 -12.96 3.90
N MET A 1187 24.12 -14.03 3.11
CA MET A 1187 23.90 -15.35 3.69
C MET A 1187 25.09 -15.78 4.55
N GLU A 1188 26.23 -15.16 4.36
CA GLU A 1188 27.50 -15.62 4.86
C GLU A 1188 28.23 -14.53 5.65
N ARG A 1189 27.60 -13.37 5.82
CA ARG A 1189 28.16 -12.29 6.61
C ARG A 1189 28.38 -12.69 8.06
N SER A 1190 27.39 -13.37 8.65
CA SER A 1190 27.52 -13.76 10.06
C SER A 1190 28.65 -14.77 10.24
N SER A 1191 28.75 -15.73 9.31
CA SER A 1191 29.83 -16.71 9.40
C SER A 1191 31.18 -16.06 9.22
N PHE A 1192 31.29 -15.02 8.38
CA PHE A 1192 32.54 -14.30 8.30
C PHE A 1192 32.85 -13.55 9.58
N GLU A 1193 31.89 -12.79 10.09
CA GLU A 1193 32.14 -11.94 11.26
C GLU A 1193 32.39 -12.75 12.51
N LYS A 1194 31.95 -14.01 12.54
CA LYS A 1194 32.26 -14.86 13.69
C LYS A 1194 33.75 -15.18 13.76
N ASN A 1195 34.38 -15.43 12.62
CA ASN A 1195 35.81 -15.75 12.59
C ASN A 1195 36.46 -15.38 11.26
N PRO A 1196 36.94 -14.15 11.14
CA PRO A 1196 37.45 -13.67 9.83
C PRO A 1196 38.64 -14.45 9.29
N ILE A 1197 39.65 -14.68 10.12
CA ILE A 1197 40.87 -15.31 9.64
C ILE A 1197 40.61 -16.74 9.19
N ASP A 1198 39.83 -17.49 9.99
CA ASP A 1198 39.50 -18.86 9.62
C ASP A 1198 38.65 -18.89 8.36
N PHE A 1199 37.71 -17.96 8.23
CA PHE A 1199 36.89 -17.88 7.02
C PHE A 1199 37.75 -17.64 5.79
N LEU A 1200 38.67 -16.68 5.88
CA LEU A 1200 39.50 -16.35 4.73
C LEU A 1200 40.45 -17.49 4.38
N GLU A 1201 40.93 -18.22 5.38
CA GLU A 1201 41.74 -19.41 5.09
C GLU A 1201 40.89 -20.47 4.42
N ALA A 1202 39.61 -20.57 4.79
CA ALA A 1202 38.72 -21.50 4.12
C ALA A 1202 38.46 -21.10 2.68
N LYS A 1203 38.54 -19.81 2.37
CA LYS A 1203 38.41 -19.38 0.98
C LYS A 1203 39.62 -19.75 0.12
N GLY A 1204 40.71 -20.19 0.72
CA GLY A 1204 41.90 -20.50 -0.04
C GLY A 1204 43.02 -19.49 0.08
N TYR A 1205 42.86 -18.47 0.91
CA TYR A 1205 43.92 -17.50 1.14
C TYR A 1205 44.92 -18.03 2.16
N LYS A 1206 46.17 -17.61 1.99
CA LYS A 1206 47.23 -18.00 2.89
C LYS A 1206 47.96 -16.76 3.39
N GLU A 1207 48.44 -16.85 4.64
CA GLU A 1207 49.23 -15.80 5.28
C GLU A 1207 48.46 -14.48 5.32
N VAL A 1208 47.20 -14.53 5.77
CA VAL A 1208 46.40 -13.33 5.85
C VAL A 1208 46.88 -12.49 7.02
N LYS A 1209 47.17 -11.21 6.75
CA LYS A 1209 47.56 -10.28 7.81
C LYS A 1209 46.29 -9.67 8.39
N LYS A 1210 45.98 -10.04 9.63
CA LYS A 1210 44.66 -9.74 10.19
C LYS A 1210 44.43 -8.24 10.35
N ASP A 1211 45.49 -7.50 10.64
CA ASP A 1211 45.35 -6.06 10.88
C ASP A 1211 44.96 -5.30 9.63
N LEU A 1212 45.29 -5.80 8.44
CA LEU A 1212 45.03 -5.07 7.21
C LEU A 1212 43.66 -5.36 6.61
N ILE A 1213 42.82 -6.13 7.29
CA ILE A 1213 41.47 -6.37 6.81
C ILE A 1213 40.66 -5.07 6.97
N ILE A 1214 40.33 -4.45 5.85
CA ILE A 1214 39.57 -3.20 5.83
C ILE A 1214 38.17 -3.51 5.33
N LYS A 1215 37.18 -3.31 6.18
CA LYS A 1215 35.80 -3.47 5.73
C LYS A 1215 35.43 -2.29 4.84
N LEU A 1216 35.10 -2.58 3.59
CA LEU A 1216 34.71 -1.57 2.62
C LEU A 1216 33.24 -1.77 2.29
N PRO A 1217 32.30 -0.99 2.90
CA PRO A 1217 30.92 -1.14 2.57
C PRO A 1217 30.60 -0.58 1.20
N LYS A 1218 29.33 -0.67 0.79
CA LYS A 1218 28.92 -0.16 -0.54
C LYS A 1218 29.05 1.35 -0.55
N TYR A 1219 29.31 1.95 -1.71
CA TYR A 1219 29.42 3.41 -1.85
C TYR A 1219 30.69 3.97 -1.21
N SER A 1220 31.70 3.16 -0.86
CA SER A 1220 32.95 3.72 -0.36
C SER A 1220 33.66 4.47 -1.48
N LEU A 1221 34.29 5.59 -1.14
CA LEU A 1221 34.82 6.51 -2.13
C LEU A 1221 36.33 6.39 -2.23
N PHE A 1222 36.83 6.16 -3.43
CA PHE A 1222 38.26 6.20 -3.72
C PHE A 1222 38.55 7.41 -4.61
N GLU A 1223 39.80 7.86 -4.60
CA GLU A 1223 40.24 8.99 -5.40
C GLU A 1223 41.47 8.61 -6.20
N LEU A 1224 41.47 8.94 -7.49
CA LEU A 1224 42.51 8.50 -8.40
C LEU A 1224 43.12 9.72 -9.12
N GLU A 1225 43.89 9.42 -10.17
CA GLU A 1225 44.63 10.44 -10.90
C GLU A 1225 43.71 11.51 -11.47
N ASN A 1226 44.22 12.74 -11.50
CA ASN A 1226 43.51 13.93 -11.97
C ASN A 1226 42.23 14.19 -11.19
N GLY A 1227 42.14 13.68 -9.97
CA GLY A 1227 40.94 13.86 -9.19
C GLY A 1227 39.79 12.97 -9.58
N ARG A 1228 40.03 11.91 -10.34
CA ARG A 1228 38.96 10.99 -10.69
C ARG A 1228 38.53 10.23 -9.45
N LYS A 1229 37.22 10.21 -9.18
CA LYS A 1229 36.68 9.58 -8.00
C LYS A 1229 35.75 8.44 -8.38
N ARG A 1230 36.01 7.27 -7.82
CA ARG A 1230 35.23 6.09 -8.10
C ARG A 1230 34.58 5.60 -6.81
N MET A 1231 33.28 5.35 -6.88
CA MET A 1231 32.51 4.88 -5.74
C MET A 1231 32.36 3.37 -5.85
N LEU A 1232 32.73 2.60 -4.80
CA LEU A 1232 32.67 1.10 -4.83
C LEU A 1232 31.22 0.66 -4.78
N ALA A 1233 30.80 -0.28 -5.62
CA ALA A 1233 29.37 -0.63 -5.69
C ALA A 1233 29.16 -2.04 -5.23
N SER A 1234 30.13 -2.91 -5.46
CA SER A 1234 30.01 -4.27 -4.91
C SER A 1234 31.41 -4.75 -4.65
N ALA A 1235 31.81 -5.79 -5.32
CA ALA A 1235 33.22 -6.15 -5.16
C ALA A 1235 33.77 -6.27 -6.57
N LYS A 1236 32.95 -5.89 -7.55
CA LYS A 1236 33.35 -6.10 -8.96
C LYS A 1236 33.00 -4.86 -9.78
N GLN A 1237 31.95 -4.16 -9.44
CA GLN A 1237 31.56 -3.03 -10.29
C GLN A 1237 31.87 -1.75 -9.53
N LEU A 1238 32.33 -0.71 -10.21
CA LEU A 1238 32.60 0.59 -9.57
C LEU A 1238 31.63 1.60 -10.17
N GLN A 1239 31.22 2.61 -9.41
CA GLN A 1239 30.22 3.59 -9.87
C GLN A 1239 30.92 4.92 -10.09
N LYS A 1240 30.30 5.83 -10.85
CA LYS A 1240 30.96 7.11 -11.18
C LYS A 1240 30.87 7.97 -9.94
N GLY A 1241 31.85 8.83 -9.68
CA GLY A 1241 31.70 9.58 -8.45
C GLY A 1241 31.97 11.07 -8.52
N ASN A 1242 32.41 11.57 -9.67
CA ASN A 1242 32.64 13.00 -9.78
C ASN A 1242 31.39 13.72 -10.24
N GLU A 1243 31.37 15.03 -9.99
CA GLU A 1243 30.20 15.85 -10.24
C GLU A 1243 30.59 17.00 -11.15
N LEU A 1244 29.73 17.34 -12.10
CA LEU A 1244 30.04 18.34 -13.11
C LEU A 1244 29.63 19.72 -12.60
N ALA A 1245 30.58 20.63 -12.49
CA ALA A 1245 30.32 21.99 -12.03
C ALA A 1245 30.04 22.90 -13.22
N LEU A 1246 28.83 22.76 -13.75
CA LEU A 1246 28.45 23.50 -14.93
C LEU A 1246 28.15 24.95 -14.55
N PRO A 1247 28.65 25.93 -15.30
CA PRO A 1247 28.41 27.33 -14.95
C PRO A 1247 26.94 27.75 -15.08
N SER A 1248 26.60 28.76 -14.27
CA SER A 1248 25.20 29.14 -14.10
C SER A 1248 24.60 29.73 -15.37
N LYS A 1249 25.41 30.40 -16.19
CA LYS A 1249 24.86 30.90 -17.45
C LYS A 1249 24.42 29.75 -18.34
N TYR A 1250 25.20 28.68 -18.39
CA TYR A 1250 24.79 27.52 -19.18
C TYR A 1250 23.57 26.85 -18.60
N VAL A 1251 23.51 26.70 -17.27
CA VAL A 1251 22.35 26.06 -16.67
C VAL A 1251 21.08 26.87 -16.92
N ASN A 1252 21.16 28.18 -16.72
CA ASN A 1252 20.01 29.05 -16.95
C ASN A 1252 19.60 29.03 -18.41
N PHE A 1253 20.57 29.02 -19.33
CA PHE A 1253 20.24 28.95 -20.74
C PHE A 1253 19.55 27.64 -21.07
N LEU A 1254 20.02 26.54 -20.48
CA LEU A 1254 19.39 25.25 -20.78
C LEU A 1254 17.94 25.23 -20.31
N TYR A 1255 17.68 25.74 -19.10
CA TYR A 1255 16.30 25.75 -18.64
C TYR A 1255 15.45 26.68 -19.49
N LEU A 1256 15.99 27.84 -19.88
CA LEU A 1256 15.18 28.76 -20.67
C LEU A 1256 14.96 28.25 -22.10
N ALA A 1257 15.94 27.55 -22.66
CA ALA A 1257 15.78 26.99 -23.99
C ALA A 1257 14.76 25.85 -23.97
N SER A 1258 14.82 25.00 -22.96
CA SER A 1258 13.72 24.08 -22.72
C SER A 1258 12.50 24.87 -22.24
N HIS A 1259 11.35 24.19 -22.20
CA HIS A 1259 10.07 24.80 -21.83
C HIS A 1259 9.75 26.01 -22.68
N TYR A 1260 10.16 25.97 -23.96
CA TYR A 1260 10.31 27.18 -24.77
C TYR A 1260 8.99 27.92 -24.96
N GLU A 1261 7.90 27.17 -25.13
CA GLU A 1261 6.61 27.81 -25.35
C GLU A 1261 5.71 27.82 -24.12
N LYS A 1262 5.97 26.96 -23.14
CA LYS A 1262 5.17 26.88 -21.92
C LYS A 1262 5.82 27.68 -20.79
N LEU A 1263 6.46 28.80 -21.14
CA LEU A 1263 7.14 29.62 -20.14
C LEU A 1263 6.18 30.29 -19.16
N LYS A 1264 4.88 30.27 -19.45
CA LYS A 1264 3.80 30.75 -18.58
C LYS A 1264 3.89 32.24 -18.29
N GLY A 1265 4.73 32.99 -19.02
CA GLY A 1265 4.85 34.40 -18.82
C GLY A 1265 4.04 35.20 -19.81
N SER A 1266 4.22 36.51 -19.76
CA SER A 1266 3.59 37.40 -20.72
C SER A 1266 4.25 37.20 -22.08
N PRO A 1267 3.57 37.59 -23.17
CA PRO A 1267 4.19 37.48 -24.50
C PRO A 1267 5.51 38.22 -24.62
N GLU A 1268 5.64 39.38 -23.96
CA GLU A 1268 6.88 40.13 -24.03
C GLU A 1268 8.01 39.40 -23.32
N ASP A 1269 7.74 38.86 -22.13
CA ASP A 1269 8.77 38.10 -21.40
C ASP A 1269 9.16 36.86 -22.18
N ASN A 1270 8.17 36.19 -22.77
CA ASN A 1270 8.47 35.03 -23.61
C ASN A 1270 9.33 35.42 -24.79
N GLU A 1271 9.02 36.54 -25.44
CA GLU A 1271 9.78 36.96 -26.61
C GLU A 1271 11.21 37.34 -26.24
N GLN A 1272 11.39 38.00 -25.10
CA GLN A 1272 12.74 38.39 -24.70
C GLN A 1272 13.57 37.17 -24.30
N LYS A 1273 12.95 36.19 -23.64
CA LYS A 1273 13.66 34.95 -23.35
C LYS A 1273 14.00 34.19 -24.62
N GLN A 1274 13.09 34.19 -25.58
CA GLN A 1274 13.34 33.53 -26.87
C GLN A 1274 14.49 34.21 -27.61
N LEU A 1275 14.53 35.55 -27.57
CA LEU A 1275 15.61 36.28 -28.24
C LEU A 1275 16.94 36.03 -27.55
N PHE A 1276 16.94 35.93 -26.22
CA PHE A 1276 18.15 35.58 -25.49
C PHE A 1276 18.64 34.19 -25.88
N VAL A 1277 17.70 33.25 -26.04
CA VAL A 1277 18.04 31.91 -26.51
C VAL A 1277 18.64 31.97 -27.91
N GLU A 1278 18.05 32.78 -28.80
CA GLU A 1278 18.57 32.93 -30.15
C GLU A 1278 19.99 33.48 -30.14
N GLN A 1279 20.26 34.46 -29.29
CA GLN A 1279 21.58 35.08 -29.35
C GLN A 1279 22.60 34.40 -28.43
N HIS A 1280 22.24 33.29 -27.78
CA HIS A 1280 23.26 32.36 -27.28
C HIS A 1280 23.12 30.96 -27.86
N LYS A 1281 22.98 30.82 -29.18
CA LYS A 1281 22.96 29.49 -29.77
C LYS A 1281 24.31 28.78 -29.64
N HIS A 1282 25.39 29.53 -29.43
CA HIS A 1282 26.71 28.93 -29.30
C HIS A 1282 26.89 28.21 -27.97
N TYR A 1283 25.98 28.45 -27.01
CA TYR A 1283 26.08 27.77 -25.72
C TYR A 1283 25.97 26.26 -25.87
N LEU A 1284 25.29 25.79 -26.90
CA LEU A 1284 25.22 24.34 -27.12
C LEU A 1284 26.60 23.76 -27.35
N ASP A 1285 27.38 24.38 -28.24
CA ASP A 1285 28.73 23.89 -28.50
C ASP A 1285 29.62 24.11 -27.29
N GLU A 1286 29.38 25.19 -26.56
CA GLU A 1286 30.12 25.41 -25.32
C GLU A 1286 29.91 24.27 -24.33
N ILE A 1287 28.64 23.88 -24.13
CA ILE A 1287 28.31 22.84 -23.17
C ILE A 1287 28.82 21.48 -23.65
N ILE A 1288 28.77 21.25 -24.95
CA ILE A 1288 29.35 20.03 -25.51
C ILE A 1288 30.84 19.97 -25.23
N GLU A 1289 31.55 21.10 -25.37
CA GLU A 1289 32.96 21.13 -25.02
C GLU A 1289 33.16 20.83 -23.54
N GLN A 1290 32.27 21.35 -22.69
CA GLN A 1290 32.33 21.06 -21.26
C GLN A 1290 32.22 19.56 -20.99
N ILE A 1291 31.21 18.93 -21.59
CA ILE A 1291 31.00 17.50 -21.40
C ILE A 1291 32.18 16.71 -21.91
N SER A 1292 32.71 17.09 -23.07
CA SER A 1292 33.86 16.39 -23.65
C SER A 1292 35.07 16.47 -22.73
N GLU A 1293 35.39 17.66 -22.25
CA GLU A 1293 36.56 17.82 -21.39
C GLU A 1293 36.38 17.04 -20.10
N PHE A 1294 35.21 17.15 -19.47
CA PHE A 1294 34.98 16.48 -18.20
C PHE A 1294 35.01 14.96 -18.36
N SER A 1295 34.44 14.45 -19.44
CA SER A 1295 34.42 13.00 -19.65
C SER A 1295 35.81 12.48 -19.96
N LYS A 1296 36.57 13.20 -20.79
CA LYS A 1296 37.94 12.79 -21.04
C LYS A 1296 38.79 12.86 -19.77
N ARG A 1297 38.40 13.71 -18.82
CA ARG A 1297 39.15 13.74 -17.57
C ARG A 1297 38.81 12.56 -16.68
N VAL A 1298 37.52 12.34 -16.41
CA VAL A 1298 37.15 11.41 -15.35
C VAL A 1298 36.18 10.31 -15.77
N ILE A 1299 35.40 10.42 -16.83
CA ILE A 1299 34.44 9.37 -17.14
C ILE A 1299 35.08 8.24 -17.92
N LEU A 1300 35.99 8.56 -18.83
CA LEU A 1300 36.84 7.61 -19.55
C LEU A 1300 36.06 6.63 -20.40
N ALA A 1301 34.89 7.02 -20.91
CA ALA A 1301 34.14 6.20 -21.86
C ALA A 1301 34.28 6.80 -23.26
N ASP A 1302 35.42 6.50 -23.89
CA ASP A 1302 35.77 7.15 -25.15
C ASP A 1302 34.83 6.73 -26.28
N ALA A 1303 34.43 5.45 -26.30
CA ALA A 1303 33.55 4.98 -27.36
C ALA A 1303 32.19 5.66 -27.28
N ASN A 1304 31.60 5.71 -26.10
CA ASN A 1304 30.31 6.36 -25.96
C ASN A 1304 30.42 7.86 -26.18
N LEU A 1305 31.55 8.45 -25.79
CA LEU A 1305 31.76 9.86 -26.06
C LEU A 1305 31.80 10.13 -27.55
N ASP A 1306 32.50 9.27 -28.31
CA ASP A 1306 32.55 9.44 -29.75
C ASP A 1306 31.19 9.27 -30.38
N LYS A 1307 30.41 8.30 -29.90
CA LYS A 1307 29.06 8.11 -30.41
C LYS A 1307 28.19 9.34 -30.13
N VAL A 1308 28.32 9.91 -28.94
CA VAL A 1308 27.49 11.06 -28.57
C VAL A 1308 27.88 12.29 -29.39
N LEU A 1309 29.18 12.52 -29.57
CA LEU A 1309 29.61 13.62 -30.43
C LEU A 1309 29.17 13.43 -31.87
N SER A 1310 29.23 12.20 -32.38
CA SER A 1310 28.74 11.93 -33.73
C SER A 1310 27.26 12.24 -33.82
N ALA A 1311 26.49 11.83 -32.82
CA ALA A 1311 25.06 12.14 -32.81
C ALA A 1311 24.83 13.64 -32.80
N TYR A 1312 25.59 14.37 -31.99
CA TYR A 1312 25.43 15.82 -31.90
C TYR A 1312 25.74 16.49 -33.23
N ASN A 1313 26.80 16.06 -33.91
CA ASN A 1313 27.12 16.63 -35.20
C ASN A 1313 26.10 16.28 -36.27
N LYS A 1314 25.47 15.11 -36.17
CA LYS A 1314 24.45 14.77 -37.16
C LYS A 1314 23.07 15.27 -36.77
N HIS A 1315 22.93 15.91 -35.60
CA HIS A 1315 21.67 16.52 -35.21
C HIS A 1315 21.79 18.02 -34.94
N ARG A 1316 22.84 18.68 -35.44
CA ARG A 1316 23.07 20.05 -35.01
C ARG A 1316 22.25 21.08 -35.77
N ASP A 1317 21.52 20.68 -36.80
CA ASP A 1317 20.62 21.61 -37.48
C ASP A 1317 19.18 21.49 -36.99
N LYS A 1318 18.96 20.73 -35.94
CA LYS A 1318 17.62 20.54 -35.39
C LYS A 1318 17.17 21.83 -34.70
N PRO A 1319 15.87 21.95 -34.40
CA PRO A 1319 15.41 23.12 -33.64
C PRO A 1319 16.09 23.24 -32.29
N ILE A 1320 16.20 24.49 -31.82
CA ILE A 1320 16.97 24.76 -30.61
C ILE A 1320 16.29 24.15 -29.39
N ARG A 1321 14.96 24.18 -29.36
CA ARG A 1321 14.24 23.58 -28.23
C ARG A 1321 14.49 22.08 -28.15
N GLU A 1322 14.40 21.38 -29.29
CA GLU A 1322 14.68 19.95 -29.30
C GLU A 1322 16.15 19.68 -28.96
N GLN A 1323 17.06 20.51 -29.47
CA GLN A 1323 18.47 20.32 -29.19
C GLN A 1323 18.77 20.46 -27.70
N ALA A 1324 18.15 21.45 -27.05
CA ALA A 1324 18.35 21.63 -25.61
C ALA A 1324 17.72 20.50 -24.82
N GLU A 1325 16.48 20.13 -25.14
CA GLU A 1325 15.80 19.11 -24.35
C GLU A 1325 16.37 17.72 -24.62
N ASN A 1326 17.20 17.58 -25.65
CA ASN A 1326 17.89 16.31 -25.83
C ASN A 1326 19.34 16.37 -25.38
N ILE A 1327 19.92 17.56 -25.25
CA ILE A 1327 21.26 17.66 -24.70
C ILE A 1327 21.20 17.59 -23.18
N ILE A 1328 20.02 17.85 -22.62
CA ILE A 1328 19.85 17.67 -21.18
C ILE A 1328 19.92 16.20 -20.79
N HIS A 1329 19.73 15.28 -21.74
CA HIS A 1329 19.90 13.86 -21.47
C HIS A 1329 21.36 13.45 -21.40
N LEU A 1330 22.25 14.13 -22.12
CA LEU A 1330 23.66 13.79 -22.08
C LEU A 1330 24.26 13.91 -20.70
N PHE A 1331 23.66 14.70 -19.81
CA PHE A 1331 24.25 14.82 -18.49
C PHE A 1331 24.07 13.54 -17.67
N THR A 1332 23.27 12.60 -18.16
CA THR A 1332 23.27 11.26 -17.58
C THR A 1332 24.61 10.58 -17.81
N LEU A 1333 25.37 11.03 -18.81
CA LEU A 1333 26.68 10.44 -19.05
C LEU A 1333 27.65 10.78 -17.93
N THR A 1334 27.54 11.97 -17.35
CA THR A 1334 28.44 12.39 -16.28
C THR A 1334 27.78 12.47 -14.92
N ASN A 1335 26.52 12.07 -14.81
CA ASN A 1335 25.80 12.15 -13.54
C ASN A 1335 26.43 11.23 -12.51
N LEU A 1336 26.42 11.66 -11.26
CA LEU A 1336 26.94 10.84 -10.18
C LEU A 1336 26.04 9.62 -9.97
N GLY A 1337 26.67 8.51 -9.61
CA GLY A 1337 25.87 7.32 -9.30
C GLY A 1337 26.27 6.15 -10.16
N ALA A 1338 25.32 5.26 -10.44
CA ALA A 1338 25.63 4.04 -11.21
C ALA A 1338 25.80 4.36 -12.69
N PRO A 1339 26.65 3.63 -13.44
CA PRO A 1339 26.73 3.85 -14.86
C PRO A 1339 25.33 3.64 -15.44
N ALA A 1340 24.94 4.44 -16.44
CA ALA A 1340 23.56 4.38 -16.95
C ALA A 1340 23.49 4.43 -18.48
N ALA A 1341 22.29 4.20 -19.04
CA ALA A 1341 22.14 4.18 -20.51
C ALA A 1341 21.19 5.29 -20.95
N PHE A 1342 21.55 6.05 -21.98
CA PHE A 1342 20.74 7.23 -22.34
C PHE A 1342 20.71 7.39 -23.85
N LYS A 1343 19.60 7.92 -24.37
CA LYS A 1343 19.47 8.10 -25.81
C LYS A 1343 19.40 9.58 -26.15
N TYR A 1344 20.13 9.96 -27.18
CA TYR A 1344 19.98 11.23 -27.86
C TYR A 1344 19.07 10.92 -29.03
N PHE A 1345 18.65 11.94 -29.81
CA PHE A 1345 17.40 11.95 -30.57
C PHE A 1345 16.93 10.59 -31.06
N ASP A 1346 17.79 9.87 -31.77
CA ASP A 1346 17.48 8.51 -32.16
C ASP A 1346 18.57 7.54 -31.72
N THR A 1347 19.81 8.01 -31.70
CA THR A 1347 20.95 7.18 -31.34
C THR A 1347 20.88 6.86 -29.87
N THR A 1348 20.72 5.57 -29.54
CA THR A 1348 20.70 5.15 -28.12
C THR A 1348 22.11 4.70 -27.72
N ILE A 1349 22.79 5.46 -26.87
CA ILE A 1349 24.11 5.02 -26.35
C ILE A 1349 23.77 4.19 -25.13
N ASP A 1350 24.53 3.15 -24.82
CA ASP A 1350 24.08 2.27 -23.72
C ASP A 1350 24.88 2.44 -22.43
N ARG A 1351 24.85 1.42 -21.58
CA ARG A 1351 25.51 1.51 -20.26
C ARG A 1351 26.97 1.07 -20.39
N LYS A 1352 27.88 1.80 -19.77
CA LYS A 1352 29.30 1.39 -19.75
C LYS A 1352 29.64 1.05 -18.31
N GLN A 1353 29.24 -0.13 -17.84
CA GLN A 1353 29.46 -0.50 -16.43
C GLN A 1353 30.97 -0.64 -16.23
N TYR A 1354 31.52 0.04 -15.24
CA TYR A 1354 32.96 -0.11 -14.96
C TYR A 1354 33.13 -1.40 -14.17
N ARG A 1355 33.59 -2.48 -14.80
CA ARG A 1355 33.66 -3.78 -14.09
C ARG A 1355 35.11 -4.17 -13.92
N SER A 1356 35.80 -3.54 -12.99
CA SER A 1356 37.23 -3.83 -12.80
C SER A 1356 37.72 -3.19 -11.50
N THR A 1357 37.52 -3.88 -10.38
CA THR A 1357 38.01 -3.34 -9.11
C THR A 1357 39.46 -3.69 -8.88
N LYS A 1358 40.32 -3.35 -9.85
CA LYS A 1358 41.76 -3.43 -9.66
C LYS A 1358 42.42 -2.06 -9.59
N GLU A 1359 41.85 -1.07 -10.26
CA GLU A 1359 42.45 0.27 -10.25
C GLU A 1359 42.24 0.96 -8.91
N VAL A 1360 41.21 0.55 -8.17
CA VAL A 1360 40.97 1.18 -6.88
C VAL A 1360 41.75 0.50 -5.77
N LEU A 1361 42.60 -0.45 -6.11
CA LEU A 1361 43.45 -1.08 -5.10
C LEU A 1361 44.75 -0.33 -4.90
N ASP A 1362 44.97 0.75 -5.65
CA ASP A 1362 46.13 1.62 -5.49
C ASP A 1362 45.74 3.07 -5.27
N ALA A 1363 44.45 3.36 -5.13
CA ALA A 1363 43.98 4.72 -5.00
C ALA A 1363 44.04 5.18 -3.55
N THR A 1364 43.52 6.38 -3.32
CA THR A 1364 43.46 6.96 -1.98
C THR A 1364 42.04 6.84 -1.47
N LEU A 1365 41.89 6.25 -0.29
CA LEU A 1365 40.56 5.98 0.24
C LEU A 1365 40.09 7.17 1.06
N ILE A 1366 38.85 7.60 0.83
CA ILE A 1366 38.29 8.76 1.49
C ILE A 1366 37.20 8.29 2.45
N HIS A 1367 37.52 8.21 3.73
CA HIS A 1367 36.51 8.06 4.77
C HIS A 1367 35.94 9.44 5.06
N GLN A 1368 34.73 9.69 4.60
CA GLN A 1368 34.08 10.98 4.75
C GLN A 1368 33.16 10.97 5.96
N SER A 1369 33.17 12.06 6.72
CA SER A 1369 32.23 12.19 7.81
C SER A 1369 30.82 12.43 7.27
N ILE A 1370 29.85 12.52 8.19
CA ILE A 1370 28.45 12.54 7.82
C ILE A 1370 28.11 13.74 6.95
N THR A 1371 28.85 14.83 7.10
CA THR A 1371 28.55 16.02 6.30
C THR A 1371 29.48 16.17 5.12
N GLY A 1372 30.56 15.41 5.07
CA GLY A 1372 31.54 15.54 4.02
C GLY A 1372 32.71 16.44 4.32
N LEU A 1373 32.75 17.05 5.50
CA LEU A 1373 33.85 17.94 5.82
C LEU A 1373 35.08 17.20 6.31
N TYR A 1374 34.96 16.50 7.44
CA TYR A 1374 36.10 15.80 8.01
C TYR A 1374 36.39 14.55 7.21
N GLU A 1375 37.61 14.45 6.69
CA GLU A 1375 37.99 13.32 5.87
C GLU A 1375 39.13 12.57 6.55
N THR A 1376 39.29 11.32 6.15
CA THR A 1376 40.47 10.52 6.50
C THR A 1376 40.95 9.84 5.24
N ARG A 1377 42.22 10.02 4.91
CA ARG A 1377 42.75 9.54 3.64
C ARG A 1377 43.81 8.49 3.91
N ILE A 1378 43.49 7.23 3.59
CA ILE A 1378 44.44 6.13 3.68
C ILE A 1378 45.01 5.90 2.30
N ASP A 1379 46.33 5.84 2.21
CA ASP A 1379 47.00 5.60 0.94
C ASP A 1379 47.11 4.09 0.75
N LEU A 1380 46.29 3.53 -0.12
CA LEU A 1380 46.31 2.08 -0.32
C LEU A 1380 47.50 1.60 -1.13
N SER A 1381 48.26 2.52 -1.76
CA SER A 1381 49.42 2.09 -2.53
C SER A 1381 50.52 1.54 -1.62
N GLN A 1382 50.65 2.09 -0.41
CA GLN A 1382 51.73 1.75 0.50
C GLN A 1382 51.42 0.52 1.34
N LEU A 1383 50.31 -0.16 1.08
CA LEU A 1383 49.92 -1.35 1.82
C LEU A 1383 50.16 -2.59 0.97
N GLY A 1384 50.77 -3.61 1.57
CA GLY A 1384 51.08 -4.83 0.86
C GLY A 1384 52.48 -5.31 1.15
MG MG F . 13.81 18.77 -3.58
MG MG G . 15.07 19.02 -2.96
MG MG H . 17.67 -0.03 5.20
MG MG I . -4.67 22.03 10.80
MG MG J . -3.29 -7.47 -10.71
#